data_2B4Z
# 
_entry.id   2B4Z 
# 
_audit_conform.dict_name       mmcif_pdbx.dic 
_audit_conform.dict_version    5.376 
_audit_conform.dict_location   http://mmcif.pdb.org/dictionaries/ascii/mmcif_pdbx.dic 
# 
loop_
_database_2.database_id 
_database_2.database_code 
_database_2.pdbx_database_accession 
_database_2.pdbx_DOI 
PDB   2B4Z         pdb_00002b4z 10.2210/pdb2b4z/pdb 
RCSB  RCSB034681   ?            ?                   
WWPDB D_1000034681 ?            ?                   
# 
_pdbx_database_status.status_code                     REL 
_pdbx_database_status.entry_id                        2B4Z 
_pdbx_database_status.recvd_initial_deposition_date   2005-09-27 
_pdbx_database_status.deposit_site                    RCSB 
_pdbx_database_status.process_site                    RCSB 
_pdbx_database_status.status_code_sf                  REL 
_pdbx_database_status.status_code_mr                  ? 
_pdbx_database_status.SG_entry                        ? 
_pdbx_database_status.pdb_format_compatible           Y 
_pdbx_database_status.status_code_cs                  ? 
_pdbx_database_status.status_code_nmr_data            ? 
_pdbx_database_status.methods_development_category    ? 
# 
loop_
_audit_author.name 
_audit_author.pdbx_ordinal 
'Mirkin, N.'    1 
'Jakoncic, J.'  2 
'Stojanoff, V.' 3 
'Moreno, A.'    4 
# 
_citation.id                        primary 
_citation.title                     
;High resolution X-ray crystallographic structure of bovine heart cytochrome c and its application to the design of an electron transfer biosensor.
;
_citation.journal_abbrev            Proteins 
_citation.journal_volume            70 
_citation.page_first                83 
_citation.page_last                 92 
_citation.year                      2008 
_citation.journal_id_ASTM           PSFGEY 
_citation.country                   US 
_citation.journal_id_ISSN           0887-3585 
_citation.journal_id_CSD            0867 
_citation.book_publisher            ? 
_citation.pdbx_database_id_PubMed   17634981 
_citation.pdbx_database_id_DOI      10.1002/prot.21452 
# 
loop_
_citation_author.citation_id 
_citation_author.name 
_citation_author.ordinal 
_citation_author.identifier_ORCID 
primary 'Mirkin, N.'    1 ? 
primary 'Jaconcic, J.'  2 ? 
primary 'Stojanoff, V.' 3 ? 
primary 'Moreno, A.'    4 ? 
# 
_cell.entry_id           2B4Z 
_cell.length_a           36.840 
_cell.length_b           54.480 
_cell.length_c           55.330 
_cell.angle_alpha        90.00 
_cell.angle_beta         90.00 
_cell.angle_gamma        90.00 
_cell.Z_PDB              4 
_cell.pdbx_unique_axis   ? 
_cell.length_a_esd       ? 
_cell.length_b_esd       ? 
_cell.length_c_esd       ? 
_cell.angle_alpha_esd    ? 
_cell.angle_beta_esd     ? 
_cell.angle_gamma_esd    ? 
# 
_symmetry.entry_id                         2B4Z 
_symmetry.space_group_name_H-M             'P 21 21 21' 
_symmetry.pdbx_full_space_group_name_H-M   ? 
_symmetry.cell_setting                     ? 
_symmetry.Int_Tables_number                19 
_symmetry.space_group_name_Hall            ? 
# 
loop_
_entity.id 
_entity.type 
_entity.src_method 
_entity.pdbx_description 
_entity.formula_weight 
_entity.pdbx_number_of_molecules 
_entity.pdbx_ec 
_entity.pdbx_mutation 
_entity.pdbx_fragment 
_entity.details 
1 polymer     nat 'Cytochrome c'                    11595.392 1   ? ? ? ? 
2 non-polymer syn 'PROTOPORPHYRIN IX CONTAINING FE' 616.487   1   ? ? ? ? 
3 water       nat water                             18.015    161 ? ? ? ? 
# 
_entity_poly.entity_id                      1 
_entity_poly.type                           'polypeptide(L)' 
_entity_poly.nstd_linkage                   no 
_entity_poly.nstd_monomer                   no 
_entity_poly.pdbx_seq_one_letter_code       
;GDVEKGKKIFVQKCAQCHTVEKGGKHKTGPNLHGLFGRKTGQAPGFSYTDANKNKGITWGEETLMEYLENPKKYIPGTKM
IFAGIKKKGEREDLIAYLKKATNE
;
_entity_poly.pdbx_seq_one_letter_code_can   
;GDVEKGKKIFVQKCAQCHTVEKGGKHKTGPNLHGLFGRKTGQAPGFSYTDANKNKGITWGEETLMEYLENPKKYIPGTKM
IFAGIKKKGEREDLIAYLKKATNE
;
_entity_poly.pdbx_strand_id                 A 
_entity_poly.pdbx_target_identifier         ? 
# 
loop_
_entity_poly_seq.entity_id 
_entity_poly_seq.num 
_entity_poly_seq.mon_id 
_entity_poly_seq.hetero 
1 1   GLY n 
1 2   ASP n 
1 3   VAL n 
1 4   GLU n 
1 5   LYS n 
1 6   GLY n 
1 7   LYS n 
1 8   LYS n 
1 9   ILE n 
1 10  PHE n 
1 11  VAL n 
1 12  GLN n 
1 13  LYS n 
1 14  CYS n 
1 15  ALA n 
1 16  GLN n 
1 17  CYS n 
1 18  HIS n 
1 19  THR n 
1 20  VAL n 
1 21  GLU n 
1 22  LYS n 
1 23  GLY n 
1 24  GLY n 
1 25  LYS n 
1 26  HIS n 
1 27  LYS n 
1 28  THR n 
1 29  GLY n 
1 30  PRO n 
1 31  ASN n 
1 32  LEU n 
1 33  HIS n 
1 34  GLY n 
1 35  LEU n 
1 36  PHE n 
1 37  GLY n 
1 38  ARG n 
1 39  LYS n 
1 40  THR n 
1 41  GLY n 
1 42  GLN n 
1 43  ALA n 
1 44  PRO n 
1 45  GLY n 
1 46  PHE n 
1 47  SER n 
1 48  TYR n 
1 49  THR n 
1 50  ASP n 
1 51  ALA n 
1 52  ASN n 
1 53  LYS n 
1 54  ASN n 
1 55  LYS n 
1 56  GLY n 
1 57  ILE n 
1 58  THR n 
1 59  TRP n 
1 60  GLY n 
1 61  GLU n 
1 62  GLU n 
1 63  THR n 
1 64  LEU n 
1 65  MET n 
1 66  GLU n 
1 67  TYR n 
1 68  LEU n 
1 69  GLU n 
1 70  ASN n 
1 71  PRO n 
1 72  LYS n 
1 73  LYS n 
1 74  TYR n 
1 75  ILE n 
1 76  PRO n 
1 77  GLY n 
1 78  THR n 
1 79  LYS n 
1 80  MET n 
1 81  ILE n 
1 82  PHE n 
1 83  ALA n 
1 84  GLY n 
1 85  ILE n 
1 86  LYS n 
1 87  LYS n 
1 88  LYS n 
1 89  GLY n 
1 90  GLU n 
1 91  ARG n 
1 92  GLU n 
1 93  ASP n 
1 94  LEU n 
1 95  ILE n 
1 96  ALA n 
1 97  TYR n 
1 98  LEU n 
1 99  LYS n 
1 100 LYS n 
1 101 ALA n 
1 102 THR n 
1 103 ASN n 
1 104 GLU n 
# 
_entity_src_nat.entity_id                  1 
_entity_src_nat.pdbx_src_id                1 
_entity_src_nat.pdbx_alt_source_flag       sample 
_entity_src_nat.pdbx_beg_seq_num           ? 
_entity_src_nat.pdbx_end_seq_num           ? 
_entity_src_nat.common_name                cattle 
_entity_src_nat.pdbx_organism_scientific   'Bos taurus' 
_entity_src_nat.pdbx_ncbi_taxonomy_id      9913 
_entity_src_nat.genus                      Bos 
_entity_src_nat.species                    ? 
_entity_src_nat.strain                     ? 
_entity_src_nat.tissue                     ? 
_entity_src_nat.tissue_fraction            ? 
_entity_src_nat.pdbx_secretion             ? 
_entity_src_nat.pdbx_fragment              ? 
_entity_src_nat.pdbx_variant               ? 
_entity_src_nat.pdbx_cell_line             ? 
_entity_src_nat.pdbx_atcc                  ? 
_entity_src_nat.pdbx_cellular_location     ? 
_entity_src_nat.pdbx_organ                 HEART 
_entity_src_nat.pdbx_organelle             ? 
_entity_src_nat.pdbx_cell                  ? 
_entity_src_nat.pdbx_plasmid_name          ? 
_entity_src_nat.pdbx_plasmid_details       ? 
_entity_src_nat.details                    'mitochondrion, heart.' 
# 
_struct_ref.id                         1 
_struct_ref.db_name                    UNP 
_struct_ref.db_code                    CYC_BOVIN 
_struct_ref.pdbx_db_accession          P62894 
_struct_ref.entity_id                  1 
_struct_ref.pdbx_seq_one_letter_code   
;GDVEKGKKIFVQKCAQCHTVEKGGKHKTGPNLHGLFGRKTGQAPGFSYTDANKNKGITWGEETLMEYLENPKKYIPGTKM
IFAGIKKKGEREDLIAYLKKATNE
;
_struct_ref.pdbx_align_begin           1 
_struct_ref.pdbx_db_isoform            ? 
# 
_struct_ref_seq.align_id                      1 
_struct_ref_seq.ref_id                        1 
_struct_ref_seq.pdbx_PDB_id_code              2B4Z 
_struct_ref_seq.pdbx_strand_id                A 
_struct_ref_seq.seq_align_beg                 1 
_struct_ref_seq.pdbx_seq_align_beg_ins_code   ? 
_struct_ref_seq.seq_align_end                 104 
_struct_ref_seq.pdbx_seq_align_end_ins_code   ? 
_struct_ref_seq.pdbx_db_accession             P62894 
_struct_ref_seq.db_align_beg                  1 
_struct_ref_seq.pdbx_db_align_beg_ins_code    ? 
_struct_ref_seq.db_align_end                  104 
_struct_ref_seq.pdbx_db_align_end_ins_code    ? 
_struct_ref_seq.pdbx_auth_seq_align_beg       1 
_struct_ref_seq.pdbx_auth_seq_align_end       104 
# 
loop_
_chem_comp.id 
_chem_comp.type 
_chem_comp.mon_nstd_flag 
_chem_comp.name 
_chem_comp.pdbx_synonyms 
_chem_comp.formula 
_chem_comp.formula_weight 
ALA 'L-peptide linking' y ALANINE                           ?    'C3 H7 N O2'       89.093  
ARG 'L-peptide linking' y ARGININE                          ?    'C6 H15 N4 O2 1'   175.209 
ASN 'L-peptide linking' y ASPARAGINE                        ?    'C4 H8 N2 O3'      132.118 
ASP 'L-peptide linking' y 'ASPARTIC ACID'                   ?    'C4 H7 N O4'       133.103 
CYS 'L-peptide linking' y CYSTEINE                          ?    'C3 H7 N O2 S'     121.158 
GLN 'L-peptide linking' y GLUTAMINE                         ?    'C5 H10 N2 O3'     146.144 
GLU 'L-peptide linking' y 'GLUTAMIC ACID'                   ?    'C5 H9 N O4'       147.129 
GLY 'peptide linking'   y GLYCINE                           ?    'C2 H5 N O2'       75.067  
HEM non-polymer         . 'PROTOPORPHYRIN IX CONTAINING FE' HEME 'C34 H32 Fe N4 O4' 616.487 
HIS 'L-peptide linking' y HISTIDINE                         ?    'C6 H10 N3 O2 1'   156.162 
HOH non-polymer         . WATER                             ?    'H2 O'             18.015  
ILE 'L-peptide linking' y ISOLEUCINE                        ?    'C6 H13 N O2'      131.173 
LEU 'L-peptide linking' y LEUCINE                           ?    'C6 H13 N O2'      131.173 
LYS 'L-peptide linking' y LYSINE                            ?    'C6 H15 N2 O2 1'   147.195 
MET 'L-peptide linking' y METHIONINE                        ?    'C5 H11 N O2 S'    149.211 
PHE 'L-peptide linking' y PHENYLALANINE                     ?    'C9 H11 N O2'      165.189 
PRO 'L-peptide linking' y PROLINE                           ?    'C5 H9 N O2'       115.130 
SER 'L-peptide linking' y SERINE                            ?    'C3 H7 N O3'       105.093 
THR 'L-peptide linking' y THREONINE                         ?    'C4 H9 N O3'       119.119 
TRP 'L-peptide linking' y TRYPTOPHAN                        ?    'C11 H12 N2 O2'    204.225 
TYR 'L-peptide linking' y TYROSINE                          ?    'C9 H11 N O3'      181.189 
VAL 'L-peptide linking' y VALINE                            ?    'C5 H11 N O2'      117.146 
# 
_exptl.entry_id          2B4Z 
_exptl.method            'X-RAY DIFFRACTION' 
_exptl.crystals_number   1 
# 
_exptl_crystal.id                    1 
_exptl_crystal.density_meas          ? 
_exptl_crystal.density_Matthews      2.314 
_exptl_crystal.density_percent_sol   44.79 
_exptl_crystal.description           ? 
_exptl_crystal.F_000                 ? 
_exptl_crystal.preparation           ? 
# 
_exptl_crystal_grow.crystal_id      1 
_exptl_crystal_grow.method          MICROSEEDING 
_exptl_crystal_grow.temp            277 
_exptl_crystal_grow.temp_details    ? 
_exptl_crystal_grow.pH              7.0 
_exptl_crystal_grow.pdbx_details    'PEG 1000, SODIUM PHOSPHATE, pH 7.0, MICROSEEDING, temperature 277K' 
_exptl_crystal_grow.pdbx_pH_range   . 
# 
_diffrn.id                     1 
_diffrn.ambient_temp           ? 
_diffrn.ambient_temp_details   ? 
_diffrn.crystal_id             1 
# 
_diffrn_detector.diffrn_id              1 
_diffrn_detector.detector               CCD 
_diffrn_detector.type                   'ADSC QUANTUM 210' 
_diffrn_detector.pdbx_collection_date   2005-07-18 
_diffrn_detector.details                ? 
# 
_diffrn_radiation.diffrn_id                        1 
_diffrn_radiation.wavelength_id                    1 
_diffrn_radiation.pdbx_monochromatic_or_laue_m_l   M 
_diffrn_radiation.monochromator                    ? 
_diffrn_radiation.pdbx_diffrn_protocol             'SINGLE WAVELENGTH' 
_diffrn_radiation.pdbx_scattering_type             x-ray 
# 
_diffrn_radiation_wavelength.id           1 
_diffrn_radiation_wavelength.wavelength   1.03320 
_diffrn_radiation_wavelength.wt           1.0 
# 
_diffrn_source.diffrn_id                   1 
_diffrn_source.source                      SYNCHROTRON 
_diffrn_source.type                        'NSLS BEAMLINE X6A' 
_diffrn_source.pdbx_synchrotron_site       NSLS 
_diffrn_source.pdbx_synchrotron_beamline   X6A 
_diffrn_source.pdbx_wavelength             ? 
_diffrn_source.pdbx_wavelength_list        1.03320 
# 
_reflns.entry_id                     2B4Z 
_reflns.observed_criterion_sigma_I   ? 
_reflns.observed_criterion_sigma_F   ? 
_reflns.d_resolution_low             38.0 
_reflns.d_resolution_high            1.5 
_reflns.number_obs                   17207 
_reflns.number_all                   18439 
_reflns.percent_possible_obs         ? 
_reflns.pdbx_Rmerge_I_obs            ? 
_reflns.pdbx_Rsym_value              ? 
_reflns.pdbx_netI_over_sigmaI        ? 
_reflns.B_iso_Wilson_estimate        14.5 
_reflns.pdbx_redundancy              ? 
_reflns.R_free_details               ? 
_reflns.limit_h_max                  ? 
_reflns.limit_h_min                  ? 
_reflns.limit_k_max                  ? 
_reflns.limit_k_min                  ? 
_reflns.limit_l_max                  ? 
_reflns.limit_l_min                  ? 
_reflns.observed_criterion_F_max     ? 
_reflns.observed_criterion_F_min     ? 
_reflns.pdbx_chi_squared             ? 
_reflns.pdbx_scaling_rejects         ? 
_reflns.pdbx_diffrn_id               1 
_reflns.pdbx_ordinal                 1 
# 
_refine.entry_id                                 2B4Z 
_refine.ls_number_reflns_obs                     17207 
_refine.ls_number_reflns_all                     18439 
_refine.pdbx_ls_sigma_I                          ? 
_refine.pdbx_ls_sigma_F                          0.0 
_refine.pdbx_data_cutoff_high_absF               419151.69 
_refine.pdbx_data_cutoff_low_absF                0.000000 
_refine.pdbx_data_cutoff_high_rms_absF           ? 
_refine.ls_d_res_low                             30.52 
_refine.ls_d_res_high                            1.50 
_refine.ls_percent_reflns_obs                    93.3 
_refine.ls_R_factor_obs                          0.196 
_refine.ls_R_factor_all                          ? 
_refine.ls_R_factor_R_work                       0.196 
_refine.ls_R_factor_R_free                       0.218 
_refine.ls_R_factor_R_free_error                 0.005 
_refine.ls_R_factor_R_free_error_details         ? 
_refine.ls_percent_reflns_R_free                 9.9 
_refine.ls_number_reflns_R_free                  1697 
_refine.ls_number_parameters                     ? 
_refine.ls_number_restraints                     ? 
_refine.occupancy_min                            ? 
_refine.occupancy_max                            ? 
_refine.correlation_coeff_Fo_to_Fc               ? 
_refine.correlation_coeff_Fo_to_Fc_free          ? 
_refine.B_iso_mean                               13.8 
_refine.aniso_B[1][1]                            -3.31 
_refine.aniso_B[2][2]                            -2.46 
_refine.aniso_B[3][3]                            5.76 
_refine.aniso_B[1][2]                            0.00 
_refine.aniso_B[1][3]                            0.00 
_refine.aniso_B[2][3]                            0.00 
_refine.solvent_model_details                    'FLAT MODEL' 
_refine.solvent_model_param_ksol                 0.37269 
_refine.solvent_model_param_bsol                 41.873 
_refine.pdbx_solvent_vdw_probe_radii             ? 
_refine.pdbx_solvent_ion_probe_radii             ? 
_refine.pdbx_solvent_shrinkage_radii             ? 
_refine.pdbx_ls_cross_valid_method               THROUGHOUT 
_refine.details                                  ? 
_refine.pdbx_starting_model                      'PDB ENTRY 1CRC' 
_refine.pdbx_method_to_determine_struct          'MOLECULAR REPLACEMENT' 
_refine.pdbx_isotropic_thermal_model             RESTRAINED 
_refine.pdbx_stereochemistry_target_values       'Engh & Huber' 
_refine.pdbx_stereochem_target_val_spec_case     ? 
_refine.pdbx_R_Free_selection_details            RANDOM 
_refine.pdbx_overall_ESU_R                       ? 
_refine.pdbx_overall_ESU_R_Free                  ? 
_refine.overall_SU_ML                            ? 
_refine.overall_SU_B                             ? 
_refine.ls_redundancy_reflns_obs                 ? 
_refine.B_iso_min                                ? 
_refine.B_iso_max                                ? 
_refine.overall_SU_R_Cruickshank_DPI             ? 
_refine.overall_SU_R_free                        ? 
_refine.ls_wR_factor_R_free                      ? 
_refine.ls_wR_factor_R_work                      ? 
_refine.overall_FOM_free_R_set                   ? 
_refine.overall_FOM_work_R_set                   ? 
_refine.pdbx_overall_phase_error                 ? 
_refine.pdbx_refine_id                           'X-RAY DIFFRACTION' 
_refine.pdbx_diffrn_id                           1 
_refine.pdbx_TLS_residual_ADP_flag               ? 
_refine.pdbx_overall_SU_R_free_Cruickshank_DPI   ? 
_refine.pdbx_overall_SU_R_Blow_DPI               ? 
_refine.pdbx_overall_SU_R_free_Blow_DPI          ? 
# 
_refine_analyze.entry_id                        2B4Z 
_refine_analyze.Luzzati_coordinate_error_obs    0.17 
_refine_analyze.Luzzati_sigma_a_obs             0.08 
_refine_analyze.Luzzati_d_res_low_obs           5.00 
_refine_analyze.Luzzati_coordinate_error_free   0.19 
_refine_analyze.Luzzati_sigma_a_free            0.10 
_refine_analyze.Luzzati_d_res_low_free          ? 
_refine_analyze.number_disordered_residues      ? 
_refine_analyze.occupancy_sum_hydrogen          ? 
_refine_analyze.occupancy_sum_non_hydrogen      ? 
_refine_analyze.pdbx_Luzzati_d_res_high_obs     ? 
_refine_analyze.pdbx_refine_id                  'X-RAY DIFFRACTION' 
# 
_refine_hist.pdbx_refine_id                   'X-RAY DIFFRACTION' 
_refine_hist.cycle_id                         LAST 
_refine_hist.pdbx_number_atoms_protein        875 
_refine_hist.pdbx_number_atoms_nucleic_acid   0 
_refine_hist.pdbx_number_atoms_ligand         43 
_refine_hist.number_atoms_solvent             161 
_refine_hist.number_atoms_total               1079 
_refine_hist.d_res_high                       1.50 
_refine_hist.d_res_low                        30.52 
# 
loop_
_refine_ls_restr.type 
_refine_ls_restr.dev_ideal 
_refine_ls_restr.dev_ideal_target 
_refine_ls_restr.weight 
_refine_ls_restr.number 
_refine_ls_restr.pdbx_refine_id 
_refine_ls_restr.pdbx_restraint_function 
c_bond_d           0.005 ?    ? ? 'X-RAY DIFFRACTION' ? 
c_angle_deg        1.3   ?    ? ? 'X-RAY DIFFRACTION' ? 
c_dihedral_angle_d 19.2  ?    ? ? 'X-RAY DIFFRACTION' ? 
c_improper_angle_d 0.77  ?    ? ? 'X-RAY DIFFRACTION' ? 
c_mcbond_it        0.87  1.50 ? ? 'X-RAY DIFFRACTION' ? 
c_mcangle_it       1.33  2.00 ? ? 'X-RAY DIFFRACTION' ? 
c_scbond_it        1.69  2.00 ? ? 'X-RAY DIFFRACTION' ? 
c_scangle_it       2.54  2.50 ? ? 'X-RAY DIFFRACTION' ? 
# 
_refine_ls_shell.pdbx_total_number_of_bins_used   6 
_refine_ls_shell.d_res_high                       1.50 
_refine_ls_shell.d_res_low                        1.59 
_refine_ls_shell.number_reflns_R_work             1952 
_refine_ls_shell.R_factor_R_work                  0.218 
_refine_ls_shell.percent_reflns_obs               72.2 
_refine_ls_shell.R_factor_R_free                  0.257 
_refine_ls_shell.R_factor_R_free_error            0.017 
_refine_ls_shell.percent_reflns_R_free            10.3 
_refine_ls_shell.number_reflns_R_free             224 
_refine_ls_shell.number_reflns_obs                ? 
_refine_ls_shell.redundancy_reflns_obs            ? 
_refine_ls_shell.number_reflns_all                ? 
_refine_ls_shell.R_factor_all                     ? 
_refine_ls_shell.pdbx_refine_id                   'X-RAY DIFFRACTION' 
# 
loop_
_pdbx_xplor_file.serial_no 
_pdbx_xplor_file.param_file 
_pdbx_xplor_file.topol_file 
_pdbx_xplor_file.pdbx_refine_id 
1 protein_rep.param protein.top   'X-RAY DIFFRACTION' 
2 water_rep.param   water.top     'X-RAY DIFFRACTION' 
3 hem_xplor.param   hem_xplor.top 'X-RAY DIFFRACTION' 
# 
_struct.entry_id                  2B4Z 
_struct.title                     'Crystal structure of cytochrome C from bovine heart at 1.5 A resolution.' 
_struct.pdbx_model_details        ? 
_struct.pdbx_CASP_flag            ? 
_struct.pdbx_model_type_details   ? 
# 
_struct_keywords.entry_id        2B4Z 
_struct_keywords.pdbx_keywords   'ELECTRON TRANSPORT' 
_struct_keywords.text            'FERRIC FORM, LOW IONIC STRENGTH, ELECTRON TRANSPORT' 
# 
loop_
_struct_asym.id 
_struct_asym.pdbx_blank_PDB_chainid_flag 
_struct_asym.pdbx_modified 
_struct_asym.entity_id 
_struct_asym.details 
A N N 1 ? 
B N N 2 ? 
C N N 3 ? 
# 
_struct_biol.id        1 
_struct_biol.details   ? 
# 
loop_
_struct_conf.conf_type_id 
_struct_conf.id 
_struct_conf.pdbx_PDB_helix_id 
_struct_conf.beg_label_comp_id 
_struct_conf.beg_label_asym_id 
_struct_conf.beg_label_seq_id 
_struct_conf.pdbx_beg_PDB_ins_code 
_struct_conf.end_label_comp_id 
_struct_conf.end_label_asym_id 
_struct_conf.end_label_seq_id 
_struct_conf.pdbx_end_PDB_ins_code 
_struct_conf.beg_auth_comp_id 
_struct_conf.beg_auth_asym_id 
_struct_conf.beg_auth_seq_id 
_struct_conf.end_auth_comp_id 
_struct_conf.end_auth_asym_id 
_struct_conf.end_auth_seq_id 
_struct_conf.pdbx_PDB_helix_class 
_struct_conf.details 
_struct_conf.pdbx_PDB_helix_length 
HELX_P HELX_P1 1 ASP A 2  ? CYS A 14  ? ASP A 2  CYS A 14  1 ? 13 
HELX_P HELX_P2 2 THR A 49 ? LYS A 55  ? THR A 49 LYS A 55  1 ? 7  
HELX_P HELX_P3 3 GLY A 60 ? LEU A 68  ? GLY A 60 LEU A 68  1 ? 9  
HELX_P HELX_P4 4 ASN A 70 ? ILE A 75  ? ASN A 70 ILE A 75  1 ? 6  
HELX_P HELX_P5 5 LYS A 87 ? THR A 102 ? LYS A 87 THR A 102 1 ? 16 
# 
_struct_conf_type.id          HELX_P 
_struct_conf_type.criteria    ? 
_struct_conf_type.reference   ? 
# 
loop_
_struct_conn.id 
_struct_conn.conn_type_id 
_struct_conn.pdbx_leaving_atom_flag 
_struct_conn.pdbx_PDB_id 
_struct_conn.ptnr1_label_asym_id 
_struct_conn.ptnr1_label_comp_id 
_struct_conn.ptnr1_label_seq_id 
_struct_conn.ptnr1_label_atom_id 
_struct_conn.pdbx_ptnr1_label_alt_id 
_struct_conn.pdbx_ptnr1_PDB_ins_code 
_struct_conn.pdbx_ptnr1_standard_comp_id 
_struct_conn.ptnr1_symmetry 
_struct_conn.ptnr2_label_asym_id 
_struct_conn.ptnr2_label_comp_id 
_struct_conn.ptnr2_label_seq_id 
_struct_conn.ptnr2_label_atom_id 
_struct_conn.pdbx_ptnr2_label_alt_id 
_struct_conn.pdbx_ptnr2_PDB_ins_code 
_struct_conn.ptnr1_auth_asym_id 
_struct_conn.ptnr1_auth_comp_id 
_struct_conn.ptnr1_auth_seq_id 
_struct_conn.ptnr2_auth_asym_id 
_struct_conn.ptnr2_auth_comp_id 
_struct_conn.ptnr2_auth_seq_id 
_struct_conn.ptnr2_symmetry 
_struct_conn.pdbx_ptnr3_label_atom_id 
_struct_conn.pdbx_ptnr3_label_seq_id 
_struct_conn.pdbx_ptnr3_label_comp_id 
_struct_conn.pdbx_ptnr3_label_asym_id 
_struct_conn.pdbx_ptnr3_label_alt_id 
_struct_conn.pdbx_ptnr3_PDB_ins_code 
_struct_conn.details 
_struct_conn.pdbx_dist_value 
_struct_conn.pdbx_value_order 
_struct_conn.pdbx_role 
metalc1 metalc ? ? A HIS 18 NE2 ? ? ? 1_555 B HEM . FE ? ? A HIS 18 A HEM 500 1_555 ? ? ? ? ? ? ? 2.103 ? ? 
metalc2 metalc ? ? A MET 80 SD  ? ? ? 1_555 B HEM . FE ? ? A MET 80 A HEM 500 1_555 ? ? ? ? ? ? ? 2.297 ? ? 
# 
_struct_conn_type.id          metalc 
_struct_conn_type.criteria    ? 
_struct_conn_type.reference   ? 
# 
_struct_site.id                   AC1 
_struct_site.pdbx_evidence_code   Software 
_struct_site.pdbx_auth_asym_id    A 
_struct_site.pdbx_auth_comp_id    HEM 
_struct_site.pdbx_auth_seq_id     500 
_struct_site.pdbx_auth_ins_code   ? 
_struct_site.pdbx_num_residues    23 
_struct_site.details              'BINDING SITE FOR RESIDUE HEM A 500' 
# 
loop_
_struct_site_gen.id 
_struct_site_gen.site_id 
_struct_site_gen.pdbx_num_res 
_struct_site_gen.label_comp_id 
_struct_site_gen.label_asym_id 
_struct_site_gen.label_seq_id 
_struct_site_gen.pdbx_auth_ins_code 
_struct_site_gen.auth_comp_id 
_struct_site_gen.auth_asym_id 
_struct_site_gen.auth_seq_id 
_struct_site_gen.label_atom_id 
_struct_site_gen.label_alt_id 
_struct_site_gen.symmetry 
_struct_site_gen.details 
1  AC1 23 LYS A 13 ? LYS A 13  . ? 1_555 ? 
2  AC1 23 CYS A 14 ? CYS A 14  . ? 1_555 ? 
3  AC1 23 GLN A 16 ? GLN A 16  . ? 1_555 ? 
4  AC1 23 CYS A 17 ? CYS A 17  . ? 1_555 ? 
5  AC1 23 HIS A 18 ? HIS A 18  . ? 1_555 ? 
6  AC1 23 THR A 28 ? THR A 28  . ? 1_555 ? 
7  AC1 23 PRO A 30 ? PRO A 30  . ? 1_555 ? 
8  AC1 23 THR A 40 ? THR A 40  . ? 1_555 ? 
9  AC1 23 GLY A 41 ? GLY A 41  . ? 1_555 ? 
10 AC1 23 TYR A 48 ? TYR A 48  . ? 1_555 ? 
11 AC1 23 THR A 49 ? THR A 49  . ? 1_555 ? 
12 AC1 23 ASN A 52 ? ASN A 52  . ? 1_555 ? 
13 AC1 23 TRP A 59 ? TRP A 59  . ? 1_555 ? 
14 AC1 23 TYR A 67 ? TYR A 67  . ? 1_555 ? 
15 AC1 23 LEU A 68 ? LEU A 68  . ? 1_555 ? 
16 AC1 23 THR A 78 ? THR A 78  . ? 1_555 ? 
17 AC1 23 LYS A 79 ? LYS A 79  . ? 1_555 ? 
18 AC1 23 MET A 80 ? MET A 80  . ? 1_555 ? 
19 AC1 23 ILE A 81 ? ILE A 81  . ? 1_555 ? 
20 AC1 23 PHE A 82 ? PHE A 82  . ? 1_555 ? 
21 AC1 23 HOH C .  ? HOH A 205 . ? 1_555 ? 
22 AC1 23 HOH C .  ? HOH A 217 . ? 1_555 ? 
23 AC1 23 HOH C .  ? HOH A 225 . ? 1_555 ? 
# 
_atom_sites.entry_id                    2B4Z 
_atom_sites.fract_transf_matrix[1][1]   0.00596369 
_atom_sites.fract_transf_matrix[1][2]   0.02483619 
_atom_sites.fract_transf_matrix[1][3]   0.00918666 
_atom_sites.fract_transf_matrix[2][1]   0.00695527 
_atom_sites.fract_transf_matrix[2][2]   -0.00733681 
_atom_sites.fract_transf_matrix[2][3]   0.01531997 
_atom_sites.fract_transf_matrix[3][1]   0.01624702 
_atom_sites.fract_transf_matrix[3][2]   -0.00099638 
_atom_sites.fract_transf_matrix[3][3]   -0.00785333 
_atom_sites.fract_transf_vector[1]      0.013346 
_atom_sites.fract_transf_vector[2]      0.119267 
_atom_sites.fract_transf_vector[3]      -0.209986 
# 
loop_
_atom_type.symbol 
C  
FE 
N  
O  
S  
# 
loop_
_atom_site.group_PDB 
_atom_site.id 
_atom_site.type_symbol 
_atom_site.label_atom_id 
_atom_site.label_alt_id 
_atom_site.label_comp_id 
_atom_site.label_asym_id 
_atom_site.label_entity_id 
_atom_site.label_seq_id 
_atom_site.pdbx_PDB_ins_code 
_atom_site.Cartn_x 
_atom_site.Cartn_y 
_atom_site.Cartn_z 
_atom_site.occupancy 
_atom_site.B_iso_or_equiv 
_atom_site.pdbx_formal_charge 
_atom_site.auth_seq_id 
_atom_site.auth_comp_id 
_atom_site.auth_asym_id 
_atom_site.auth_atom_id 
_atom_site.pdbx_PDB_model_num 
ATOM   1    N  N   . GLY A 1 1   ? -3.590  15.229  1.805   1.00 15.50 ? 1   GLY A N   1 
ATOM   2    C  CA  . GLY A 1 1   ? -3.394  14.571  3.124   1.00 12.93 ? 1   GLY A CA  1 
ATOM   3    C  C   . GLY A 1 1   ? -2.184  15.074  3.894   1.00 12.38 ? 1   GLY A C   1 
ATOM   4    O  O   . GLY A 1 1   ? -1.246  15.620  3.315   1.00 13.78 ? 1   GLY A O   1 
ATOM   5    N  N   . ASP A 1 2   ? -2.215  14.870  5.208   1.00 10.58 ? 2   ASP A N   1 
ATOM   6    C  CA  . ASP A 1 2   ? -1.152  15.286  6.115   1.00 10.68 ? 2   ASP A CA  1 
ATOM   7    C  C   . ASP A 1 2   ? -0.090  14.182  6.199   1.00 10.43 ? 2   ASP A C   1 
ATOM   8    O  O   . ASP A 1 2   ? -0.332  13.122  6.783   1.00 9.44  ? 2   ASP A O   1 
ATOM   9    C  CB  . ASP A 1 2   ? -1.758  15.548  7.499   1.00 11.67 ? 2   ASP A CB  1 
ATOM   10   C  CG  . ASP A 1 2   ? -0.749  16.075  8.501   1.00 13.10 ? 2   ASP A CG  1 
ATOM   11   O  OD1 . ASP A 1 2   ? 0.405   15.607  8.495   1.00 12.41 ? 2   ASP A OD1 1 
ATOM   12   O  OD2 . ASP A 1 2   ? -1.118  16.951  9.313   1.00 15.77 ? 2   ASP A OD2 1 
ATOM   13   N  N   . VAL A 1 3   ? 1.084   14.438  5.623   1.00 9.05  ? 3   VAL A N   1 
ATOM   14   C  CA  . VAL A 1 3   ? 2.177   13.466  5.611   1.00 9.41  ? 3   VAL A CA  1 
ATOM   15   C  C   . VAL A 1 3   ? 2.600   12.959  6.991   1.00 10.00 ? 3   VAL A C   1 
ATOM   16   O  O   . VAL A 1 3   ? 2.874   11.766  7.154   1.00 9.47  ? 3   VAL A O   1 
ATOM   17   C  CB  . VAL A 1 3   ? 3.424   14.041  4.886   1.00 9.18  ? 3   VAL A CB  1 
ATOM   18   C  CG1 . VAL A 1 3   ? 4.622   13.104  5.052   1.00 10.17 ? 3   VAL A CG1 1 
ATOM   19   C  CG2 . VAL A 1 3   ? 3.121   14.226  3.408   1.00 10.18 ? 3   VAL A CG2 1 
ATOM   20   N  N   . GLU A 1 4   ? 2.662   13.849  7.977   1.00 9.50  ? 4   GLU A N   1 
ATOM   21   C  CA  . GLU A 1 4   ? 3.067   13.439  9.316   1.00 10.34 ? 4   GLU A CA  1 
ATOM   22   C  C   . GLU A 1 4   ? 2.037   12.528  9.974   1.00 10.39 ? 4   GLU A C   1 
ATOM   23   O  O   . GLU A 1 4   ? 2.399   11.583  10.680  1.00 11.23 ? 4   GLU A O   1 
ATOM   24   C  CB  . GLU A 1 4   ? 3.334   14.664  10.192  1.00 12.65 ? 4   GLU A CB  1 
ATOM   25   C  CG  . GLU A 1 4   ? 4.512   15.505  9.716   1.00 15.83 ? 4   GLU A CG  1 
ATOM   26   C  CD  . GLU A 1 4   ? 5.755   14.667  9.484   1.00 18.21 ? 4   GLU A CD  1 
ATOM   27   O  OE1 . GLU A 1 4   ? 6.109   13.872  10.377  1.00 20.00 ? 4   GLU A OE1 1 
ATOM   28   O  OE2 . GLU A 1 4   ? 6.380   14.801  8.409   1.00 20.05 ? 4   GLU A OE2 1 
ATOM   29   N  N   . LYS A 1 5   ? 0.756   12.804  9.756   1.00 10.16 ? 5   LYS A N   1 
ATOM   30   C  CA  . LYS A 1 5   ? -0.279  11.957  10.328  1.00 10.22 ? 5   LYS A CA  1 
ATOM   31   C  C   . LYS A 1 5   ? -0.233  10.602  9.636   1.00 9.57  ? 5   LYS A C   1 
ATOM   32   O  O   . LYS A 1 5   ? -0.460  9.570   10.262  1.00 10.19 ? 5   LYS A O   1 
ATOM   33   C  CB  . LYS A 1 5   ? -1.664  12.582  10.160  1.00 11.51 ? 5   LYS A CB  1 
ATOM   34   C  CG  . LYS A 1 5   ? -1.905  13.795  11.044  1.00 13.30 ? 5   LYS A CG  1 
ATOM   35   C  CD  . LYS A 1 5   ? -3.316  14.326  10.867  1.00 16.49 ? 5   LYS A CD  1 
ATOM   36   C  CE  . LYS A 1 5   ? -3.549  15.568  11.717  1.00 18.54 ? 5   LYS A CE  1 
ATOM   37   N  NZ  . LYS A 1 5   ? -4.939  16.087  11.568  1.00 22.88 ? 5   LYS A NZ  1 
ATOM   38   N  N   . GLY A 1 6   ? 0.073   10.613  8.342   1.00 8.94  ? 6   GLY A N   1 
ATOM   39   C  CA  . GLY A 1 6   ? 0.152   9.374   7.592   1.00 9.02  ? 6   GLY A CA  1 
ATOM   40   C  C   . GLY A 1 6   ? 1.322   8.506   8.022   1.00 9.60  ? 6   GLY A C   1 
ATOM   41   O  O   . GLY A 1 6   ? 1.255   7.274   7.962   1.00 8.78  ? 6   GLY A O   1 
ATOM   42   N  N   . LYS A 1 7   ? 2.407   9.145   8.443   1.00 9.05  ? 7   LYS A N   1 
ATOM   43   C  CA  . LYS A 1 7   ? 3.581   8.407   8.887   1.00 10.07 ? 7   LYS A CA  1 
ATOM   44   C  C   . LYS A 1 7   ? 3.208   7.608   10.137  1.00 9.65  ? 7   LYS A C   1 
ATOM   45   O  O   . LYS A 1 7   ? 3.573   6.441   10.273  1.00 8.79  ? 7   LYS A O   1 
ATOM   46   C  CB  . LYS A 1 7   ? 4.721   9.380   9.206   1.00 9.42  ? 7   LYS A CB  1 
ATOM   47   C  CG  . LYS A 1 7   ? 6.016   8.704   9.624   1.00 12.19 ? 7   LYS A CG  1 
ATOM   48   C  CD  . LYS A 1 7   ? 7.129   9.722   9.790   1.00 15.85 ? 7   LYS A CD  1 
ATOM   49   C  CE  . LYS A 1 7   ? 8.476   9.041   9.980   1.00 19.78 ? 7   LYS A CE  1 
ATOM   50   N  NZ  . LYS A 1 7   ? 9.604   10.016  10.045  1.00 20.52 ? 7   LYS A NZ  1 
ATOM   51   N  N   . LYS A 1 8   ? 2.461   8.237   11.037  1.00 10.62 ? 8   LYS A N   1 
ATOM   52   C  CA  . LYS A 1 8   ? 2.037   7.581   12.269  1.00 11.01 ? 8   LYS A CA  1 
ATOM   53   C  C   . LYS A 1 8   ? 1.152   6.378   11.950  1.00 10.99 ? 8   LYS A C   1 
ATOM   54   O  O   . LYS A 1 8   ? 1.294   5.312   12.543  1.00 11.36 ? 8   LYS A O   1 
ATOM   55   C  CB  . LYS A 1 8   ? 1.278   8.574   13.154  1.00 13.51 ? 8   LYS A CB  1 
ATOM   56   C  CG  . LYS A 1 8   ? 0.768   7.994   14.459  1.00 19.54 ? 8   LYS A CG  1 
ATOM   57   C  CD  . LYS A 1 8   ? 0.025   9.051   15.262  1.00 22.56 ? 8   LYS A CD  1 
ATOM   58   C  CE  . LYS A 1 8   ? -0.549  8.479   16.548  1.00 24.98 ? 8   LYS A CE  1 
ATOM   59   N  NZ  . LYS A 1 8   ? -1.294  9.514   17.324  1.00 27.00 ? 8   LYS A NZ  1 
ATOM   60   N  N   . ILE A 1 9   ? 0.243   6.553   11.001  1.00 10.44 ? 9   ILE A N   1 
ATOM   61   C  CA  . ILE A 1 9   ? -0.649  5.473   10.609  1.00 9.90  ? 9   ILE A CA  1 
ATOM   62   C  C   . ILE A 1 9   ? 0.149   4.327   10.001  1.00 9.47  ? 9   ILE A C   1 
ATOM   63   O  O   . ILE A 1 9   ? -0.118  3.161   10.286  1.00 8.61  ? 9   ILE A O   1 
ATOM   64   C  CB  . ILE A 1 9   ? -1.706  5.965   9.592   1.00 10.34 ? 9   ILE A CB  1 
ATOM   65   C  CG1 . ILE A 1 9   ? -2.629  6.983   10.269  1.00 10.38 ? 9   ILE A CG1 1 
ATOM   66   C  CG2 . ILE A 1 9   ? -2.510  4.783   9.058   1.00 9.96  ? 9   ILE A CG2 1 
ATOM   67   C  CD1 . ILE A 1 9   ? -3.521  7.753   9.308   1.00 12.86 ? 9   ILE A CD1 1 
ATOM   68   N  N   . PHE A 1 10  ? 1.128   4.654   9.164   1.00 9.31  ? 10  PHE A N   1 
ATOM   69   C  CA  . PHE A 1 10  ? 1.931   3.613   8.530   1.00 9.40  ? 10  PHE A CA  1 
ATOM   70   C  C   . PHE A 1 10  ? 2.706   2.797   9.555   1.00 10.47 ? 10  PHE A C   1 
ATOM   71   O  O   . PHE A 1 10  ? 2.688   1.569   9.530   1.00 9.90  ? 10  PHE A O   1 
ATOM   72   C  CB  . PHE A 1 10  ? 2.929   4.208   7.538   1.00 8.81  ? 10  PHE A CB  1 
ATOM   73   C  CG  . PHE A 1 10  ? 3.714   3.167   6.795   1.00 8.69  ? 10  PHE A CG  1 
ATOM   74   C  CD1 . PHE A 1 10  ? 3.209   2.600   5.632   1.00 9.07  ? 10  PHE A CD1 1 
ATOM   75   C  CD2 . PHE A 1 10  ? 4.921   2.687   7.306   1.00 8.61  ? 10  PHE A CD2 1 
ATOM   76   C  CE1 . PHE A 1 10  ? 3.887   1.565   4.989   1.00 10.15 ? 10  PHE A CE1 1 
ATOM   77   C  CE2 . PHE A 1 10  ? 5.607   1.652   6.670   1.00 8.87  ? 10  PHE A CE2 1 
ATOM   78   C  CZ  . PHE A 1 10  ? 5.086   1.089   5.511   1.00 9.85  ? 10  PHE A CZ  1 
ATOM   79   N  N   A VAL A 1 11  ? 3.371   3.502   10.463  0.50 10.34 ? 11  VAL A N   1 
ATOM   80   N  N   B VAL A 1 11  ? 3.415   3.475   10.450  0.50 10.35 ? 11  VAL A N   1 
ATOM   81   C  CA  A VAL A 1 11  ? 4.161   2.873   11.511  0.50 11.01 ? 11  VAL A CA  1 
ATOM   82   C  CA  B VAL A 1 11  ? 4.207   2.766   11.449  0.50 11.05 ? 11  VAL A CA  1 
ATOM   83   C  C   A VAL A 1 11  ? 3.324   1.943   12.384  0.50 11.10 ? 11  VAL A C   1 
ATOM   84   C  C   B VAL A 1 11  ? 3.359   1.974   12.438  0.50 11.35 ? 11  VAL A C   1 
ATOM   85   O  O   A VAL A 1 11  ? 3.776   0.864   12.765  0.50 11.19 ? 11  VAL A O   1 
ATOM   86   O  O   B VAL A 1 11  ? 3.840   1.025   13.056  0.50 11.81 ? 11  VAL A O   1 
ATOM   87   C  CB  A VAL A 1 11  ? 4.814   3.940   12.418  0.50 11.89 ? 11  VAL A CB  1 
ATOM   88   C  CB  B VAL A 1 11  ? 5.124   3.741   12.225  0.50 11.41 ? 11  VAL A CB  1 
ATOM   89   C  CG1 A VAL A 1 11  ? 5.500   3.275   13.596  0.50 12.27 ? 11  VAL A CG1 1 
ATOM   90   C  CG1 B VAL A 1 11  ? 6.114   4.389   11.270  0.50 11.82 ? 11  VAL A CG1 1 
ATOM   91   C  CG2 A VAL A 1 11  ? 5.813   4.757   11.619  0.50 12.36 ? 11  VAL A CG2 1 
ATOM   92   C  CG2 B VAL A 1 11  ? 4.293   4.798   12.924  0.50 11.64 ? 11  VAL A CG2 1 
ATOM   93   N  N   A GLN A 1 12  ? 2.101   2.360   12.691  0.60 11.16 ? 12  GLN A N   1 
ATOM   94   N  N   B GLN A 1 12  ? 2.091   2.349   12.573  0.40 11.51 ? 12  GLN A N   1 
ATOM   95   C  CA  A GLN A 1 12  ? 1.224   1.567   13.542  0.60 11.95 ? 12  GLN A CA  1 
ATOM   96   C  CA  B GLN A 1 12  ? 1.191   1.671   13.499  0.40 12.03 ? 12  GLN A CA  1 
ATOM   97   C  C   A GLN A 1 12  ? 0.494   0.435   12.835  0.60 12.06 ? 12  GLN A C   1 
ATOM   98   C  C   B GLN A 1 12  ? 0.441   0.506   12.861  0.40 12.00 ? 12  GLN A C   1 
ATOM   99   O  O   A GLN A 1 12  ? 0.294   -0.630  13.418  0.60 13.39 ? 12  GLN A O   1 
ATOM   100  O  O   B GLN A 1 12  ? 0.174   -0.502  13.513  0.40 12.99 ? 12  GLN A O   1 
ATOM   101  C  CB  A GLN A 1 12  ? 0.182   2.462   14.222  0.60 12.52 ? 12  GLN A CB  1 
ATOM   102  C  CB  B GLN A 1 12  ? 0.175   2.665   14.066  0.40 12.68 ? 12  GLN A CB  1 
ATOM   103  C  CG  A GLN A 1 12  ? 0.762   3.537   15.118  0.60 15.17 ? 12  GLN A CG  1 
ATOM   104  C  CG  B GLN A 1 12  ? -0.793  2.062   15.072  0.40 14.18 ? 12  GLN A CG  1 
ATOM   105  C  CD  A GLN A 1 12  ? -0.291  4.214   15.978  0.60 16.74 ? 12  GLN A CD  1 
ATOM   106  C  CD  B GLN A 1 12  ? -1.876  3.036   15.497  0.40 15.53 ? 12  GLN A CD  1 
ATOM   107  O  OE1 A GLN A 1 12  ? -1.321  4.669   15.479  0.60 19.36 ? 12  GLN A OE1 1 
ATOM   108  O  OE1 B GLN A 1 12  ? -2.724  3.428   14.695  0.40 16.54 ? 12  GLN A OE1 1 
ATOM   109  N  NE2 A GLN A 1 12  ? -0.034  4.291   17.279  0.60 19.84 ? 12  GLN A NE2 1 
ATOM   110  N  NE2 B GLN A 1 12  ? -1.849  3.436   16.764  0.40 17.20 ? 12  GLN A NE2 1 
ATOM   111  N  N   . LYS A 1 13  ? 0.103   0.647   11.584  1.00 10.81 ? 13  LYS A N   1 
ATOM   112  C  CA  . LYS A 1 13  ? -0.653  -0.381  10.876  1.00 10.99 ? 13  LYS A CA  1 
ATOM   113  C  C   . LYS A 1 13  ? -0.054  -1.090  9.669   1.00 9.86  ? 13  LYS A C   1 
ATOM   114  O  O   . LYS A 1 13  ? -0.635  -2.074  9.199   1.00 10.30 ? 13  LYS A O   1 
ATOM   115  C  CB  . LYS A 1 13  ? -2.001  0.204   10.449  1.00 12.36 ? 13  LYS A CB  1 
ATOM   116  C  CG  . LYS A 1 13  ? -2.807  0.835   11.571  1.00 14.09 ? 13  LYS A CG  1 
ATOM   117  C  CD  . LYS A 1 13  ? -4.159  1.292   11.047  1.00 16.66 ? 13  LYS A CD  1 
ATOM   118  C  CE  . LYS A 1 13  ? -5.036  1.859   12.155  1.00 17.42 ? 13  LYS A CE  1 
ATOM   119  N  NZ  . LYS A 1 13  ? -6.399  2.201   11.649  1.00 19.14 ? 13  LYS A NZ  1 
ATOM   120  N  N   . CYS A 1 14  ? 1.088   -0.621  9.177   1.00 8.48  ? 14  CYS A N   1 
ATOM   121  C  CA  . CYS A 1 14  ? 1.687   -1.211  7.977   1.00 8.34  ? 14  CYS A CA  1 
ATOM   122  C  C   . CYS A 1 14  ? 3.108   -1.706  8.094   1.00 8.14  ? 14  CYS A C   1 
ATOM   123  O  O   . CYS A 1 14  ? 3.461   -2.728  7.507   1.00 8.40  ? 14  CYS A O   1 
ATOM   124  C  CB  . CYS A 1 14  ? 1.699   -0.194  6.835   1.00 8.57  ? 14  CYS A CB  1 
ATOM   125  S  SG  . CYS A 1 14  ? 0.295   0.925   6.751   1.00 10.54 ? 14  CYS A SG  1 
ATOM   126  N  N   . ALA A 1 15  ? 3.925   -0.956  8.825   1.00 8.53  ? 15  ALA A N   1 
ATOM   127  C  CA  . ALA A 1 15  ? 5.339   -1.265  8.970   1.00 8.73  ? 15  ALA A CA  1 
ATOM   128  C  C   . ALA A 1 15  ? 5.707   -2.701  9.302   1.00 9.04  ? 15  ALA A C   1 
ATOM   129  O  O   . ALA A 1 15  ? 6.736   -3.189  8.838   1.00 9.92  ? 15  ALA A O   1 
ATOM   130  C  CB  . ALA A 1 15  ? 5.960   -0.328  9.986   1.00 8.13  ? 15  ALA A CB  1 
ATOM   131  N  N   . GLN A 1 16  ? 4.877   -3.386  10.084  1.00 9.04  ? 16  GLN A N   1 
ATOM   132  C  CA  . GLN A 1 16  ? 5.196   -4.758  10.463  1.00 9.48  ? 16  GLN A CA  1 
ATOM   133  C  C   . GLN A 1 16  ? 5.228   -5.721  9.278   1.00 9.38  ? 16  GLN A C   1 
ATOM   134  O  O   . GLN A 1 16  ? 5.783   -6.810  9.380   1.00 9.51  ? 16  GLN A O   1 
ATOM   135  C  CB  . GLN A 1 16  ? 4.219   -5.275  11.534  1.00 9.22  ? 16  GLN A CB  1 
ATOM   136  C  CG  . GLN A 1 16  ? 2.820   -5.591  11.030  1.00 10.43 ? 16  GLN A CG  1 
ATOM   137  C  CD  . GLN A 1 16  ? 1.862   -4.424  11.149  1.00 11.05 ? 16  GLN A CD  1 
ATOM   138  O  OE1 . GLN A 1 16  ? 2.271   -3.263  11.139  1.00 11.97 ? 16  GLN A OE1 1 
ATOM   139  N  NE2 . GLN A 1 16  ? 0.571   -4.730  11.249  1.00 12.50 ? 16  GLN A NE2 1 
ATOM   140  N  N   . CYS A 1 17  ? 4.651   -5.315  8.151   1.00 7.55  ? 17  CYS A N   1 
ATOM   141  C  CA  . CYS A 1 17  ? 4.642   -6.170  6.964   1.00 8.20  ? 17  CYS A CA  1 
ATOM   142  C  C   . CYS A 1 17  ? 5.269   -5.524  5.743   1.00 7.75  ? 17  CYS A C   1 
ATOM   143  O  O   . CYS A 1 17  ? 5.521   -6.204  4.747   1.00 8.21  ? 17  CYS A O   1 
ATOM   144  C  CB  . CYS A 1 17  ? 3.214   -6.564  6.607   1.00 8.02  ? 17  CYS A CB  1 
ATOM   145  S  SG  . CYS A 1 17  ? 2.403   -7.503  7.890   1.00 8.84  ? 17  CYS A SG  1 
ATOM   146  N  N   . HIS A 1 18  ? 5.522   -4.219  5.821   1.00 7.23  ? 18  HIS A N   1 
ATOM   147  C  CA  . HIS A 1 18  ? 6.078   -3.492  4.679   1.00 6.66  ? 18  HIS A CA  1 
ATOM   148  C  C   . HIS A 1 18  ? 7.186   -2.499  4.967   1.00 6.78  ? 18  HIS A C   1 
ATOM   149  O  O   . HIS A 1 18  ? 7.116   -1.738  5.933   1.00 7.93  ? 18  HIS A O   1 
ATOM   150  C  CB  . HIS A 1 18  ? 4.993   -2.665  3.988   1.00 6.91  ? 18  HIS A CB  1 
ATOM   151  C  CG  . HIS A 1 18  ? 3.913   -3.461  3.338   1.00 7.85  ? 18  HIS A CG  1 
ATOM   152  N  ND1 . HIS A 1 18  ? 4.088   -4.120  2.140   1.00 6.83  ? 18  HIS A ND1 1 
ATOM   153  C  CD2 . HIS A 1 18  ? 2.616   -3.631  3.678   1.00 7.70  ? 18  HIS A CD2 1 
ATOM   154  C  CE1 . HIS A 1 18  ? 2.941   -4.655  1.766   1.00 6.60  ? 18  HIS A CE1 1 
ATOM   155  N  NE2 . HIS A 1 18  ? 2.034   -4.373  2.682   1.00 8.47  ? 18  HIS A NE2 1 
ATOM   156  N  N   . THR A 1 19  ? 8.185   -2.480  4.091   1.00 6.99  ? 19  THR A N   1 
ATOM   157  C  CA  . THR A 1 19  ? 9.246   -1.485  4.173   1.00 7.35  ? 19  THR A CA  1 
ATOM   158  C  C   . THR A 1 19  ? 8.939   -0.568  2.990   1.00 8.49  ? 19  THR A C   1 
ATOM   159  O  O   . THR A 1 19  ? 8.329   -1.001  2.011   1.00 8.77  ? 19  THR A O   1 
ATOM   160  C  CB  . THR A 1 19  ? 10.673  -2.077  4.001   1.00 7.81  ? 19  THR A CB  1 
ATOM   161  O  OG1 . THR A 1 19  ? 10.751  -2.844  2.793   1.00 8.02  ? 19  THR A OG1 1 
ATOM   162  C  CG2 . THR A 1 19  ? 11.030  -2.951  5.186   1.00 8.25  ? 19  THR A CG2 1 
ATOM   163  N  N   . VAL A 1 20  ? 9.340   0.694   3.077   1.00 8.30  ? 20  VAL A N   1 
ATOM   164  C  CA  . VAL A 1 20  ? 9.065   1.637   1.997   1.00 8.93  ? 20  VAL A CA  1 
ATOM   165  C  C   . VAL A 1 20  ? 10.298  2.159   1.269   1.00 9.03  ? 20  VAL A C   1 
ATOM   166  O  O   . VAL A 1 20  ? 10.187  2.661   0.154   1.00 9.31  ? 20  VAL A O   1 
ATOM   167  C  CB  . VAL A 1 20  ? 8.294   2.868   2.514   1.00 9.29  ? 20  VAL A CB  1 
ATOM   168  C  CG1 . VAL A 1 20  ? 6.939   2.450   3.056   1.00 11.06 ? 20  VAL A CG1 1 
ATOM   169  C  CG2 . VAL A 1 20  ? 9.110   3.571   3.596   1.00 10.82 ? 20  VAL A CG2 1 
ATOM   170  N  N   . GLU A 1 21  ? 11.463  2.039   1.896   1.00 9.43  ? 21  GLU A N   1 
ATOM   171  C  CA  . GLU A 1 21  ? 12.700  2.559   1.317   1.00 10.19 ? 21  GLU A CA  1 
ATOM   172  C  C   . GLU A 1 21  ? 13.306  1.724   0.197   1.00 9.22  ? 21  GLU A C   1 
ATOM   173  O  O   . GLU A 1 21  ? 13.027  0.530   0.071   1.00 9.94  ? 21  GLU A O   1 
ATOM   174  C  CB  . GLU A 1 21  ? 13.754  2.750   2.415   1.00 10.13 ? 21  GLU A CB  1 
ATOM   175  C  CG  . GLU A 1 21  ? 14.269  1.447   3.026   1.00 13.46 ? 21  GLU A CG  1 
ATOM   176  C  CD  . GLU A 1 21  ? 13.488  1.009   4.252   1.00 15.31 ? 21  GLU A CD  1 
ATOM   177  O  OE1 . GLU A 1 21  ? 12.240  1.069   4.230   1.00 16.26 ? 21  GLU A OE1 1 
ATOM   178  O  OE2 . GLU A 1 21  ? 14.127  0.588   5.241   1.00 18.22 ? 21  GLU A OE2 1 
ATOM   179  N  N   . LYS A 1 22  ? 14.132  2.369   -0.623  1.00 9.68  ? 22  LYS A N   1 
ATOM   180  C  CA  . LYS A 1 22  ? 14.800  1.679   -1.721  1.00 11.70 ? 22  LYS A CA  1 
ATOM   181  C  C   . LYS A 1 22  ? 15.704  0.608   -1.136  1.00 11.40 ? 22  LYS A C   1 
ATOM   182  O  O   . LYS A 1 22  ? 16.488  0.882   -0.227  1.00 12.16 ? 22  LYS A O   1 
ATOM   183  C  CB  . LYS A 1 22  ? 15.637  2.659   -2.550  1.00 14.24 ? 22  LYS A CB  1 
ATOM   184  C  CG  . LYS A 1 22  ? 16.339  2.005   -3.734  1.00 17.42 ? 22  LYS A CG  1 
ATOM   185  C  CD  . LYS A 1 22  ? 17.052  3.028   -4.601  1.00 22.08 ? 22  LYS A CD  1 
ATOM   186  C  CE  . LYS A 1 22  ? 17.683  2.369   -5.822  1.00 24.17 ? 22  LYS A CE  1 
ATOM   187  N  NZ  . LYS A 1 22  ? 18.407  3.351   -6.680  1.00 25.84 ? 22  LYS A NZ  1 
ATOM   188  N  N   . GLY A 1 23  ? 15.587  -0.611  -1.656  1.00 10.80 ? 23  GLY A N   1 
ATOM   189  C  CA  . GLY A 1 23  ? 16.402  -1.705  -1.160  1.00 11.53 ? 23  GLY A CA  1 
ATOM   190  C  C   . GLY A 1 23  ? 15.823  -2.371  0.074   1.00 11.53 ? 23  GLY A C   1 
ATOM   191  O  O   . GLY A 1 23  ? 16.357  -3.377  0.545   1.00 12.82 ? 23  GLY A O   1 
ATOM   192  N  N   . GLY A 1 24  ? 14.738  -1.806  0.601   1.00 10.85 ? 24  GLY A N   1 
ATOM   193  C  CA  . GLY A 1 24  ? 14.099  -2.357  1.782   1.00 10.11 ? 24  GLY A CA  1 
ATOM   194  C  C   . GLY A 1 24  ? 13.703  -3.800  1.549   1.00 10.01 ? 24  GLY A C   1 
ATOM   195  O  O   . GLY A 1 24  ? 13.208  -4.153  0.482   1.00 10.27 ? 24  GLY A O   1 
ATOM   196  N  N   . LYS A 1 25  ? 13.914  -4.637  2.553   1.00 10.84 ? 25  LYS A N   1 
ATOM   197  C  CA  . LYS A 1 25  ? 13.601  -6.049  2.422   1.00 10.86 ? 25  LYS A CA  1 
ATOM   198  C  C   . LYS A 1 25  ? 12.113  -6.335  2.339   1.00 10.12 ? 25  LYS A C   1 
ATOM   199  O  O   . LYS A 1 25  ? 11.280  -5.551  2.794   1.00 9.10  ? 25  LYS A O   1 
ATOM   200  C  CB  . LYS A 1 25  ? 14.184  -6.828  3.601   1.00 11.85 ? 25  LYS A CB  1 
ATOM   201  C  CG  . LYS A 1 25  ? 13.524  -6.529  4.935   1.00 13.10 ? 25  LYS A CG  1 
ATOM   202  C  CD  . LYS A 1 25  ? 14.179  -7.328  6.057   1.00 15.11 ? 25  LYS A CD  1 
ATOM   203  C  CE  . LYS A 1 25  ? 13.496  -7.087  7.391   1.00 17.05 ? 25  LYS A CE  1 
ATOM   204  N  NZ  . LYS A 1 25  ? 14.215  -7.772  8.507   1.00 19.27 ? 25  LYS A NZ  1 
ATOM   205  N  N   . HIS A 1 26  ? 11.788  -7.462  1.722   1.00 9.86  ? 26  HIS A N   1 
ATOM   206  C  CA  . HIS A 1 26  ? 10.404  -7.898  1.657   1.00 9.44  ? 26  HIS A CA  1 
ATOM   207  C  C   . HIS A 1 26  ? 10.204  -8.550  3.014   1.00 9.45  ? 26  HIS A C   1 
ATOM   208  O  O   . HIS A 1 26  ? 11.154  -9.051  3.610   1.00 10.80 ? 26  HIS A O   1 
ATOM   209  C  CB  . HIS A 1 26  ? 10.196  -8.970  0.586   1.00 8.91  ? 26  HIS A CB  1 
ATOM   210  C  CG  . HIS A 1 26  ? 10.411  -8.492  -0.813  1.00 8.79  ? 26  HIS A CG  1 
ATOM   211  N  ND1 . HIS A 1 26  ? 9.768   -7.390  -1.333  1.00 9.00  ? 26  HIS A ND1 1 
ATOM   212  C  CD2 . HIS A 1 26  ? 11.162  -9.001  -1.818  1.00 9.49  ? 26  HIS A CD2 1 
ATOM   213  C  CE1 . HIS A 1 26  ? 10.113  -7.241  -2.600  1.00 10.54 ? 26  HIS A CE1 1 
ATOM   214  N  NE2 . HIS A 1 26  ? 10.959  -8.206  -2.918  1.00 10.94 ? 26  HIS A NE2 1 
ATOM   215  N  N   . LYS A 1 27  ? 8.978   -8.529  3.509   1.00 10.21 ? 27  LYS A N   1 
ATOM   216  C  CA  . LYS A 1 27  ? 8.663   -9.149  4.783   1.00 9.77  ? 27  LYS A CA  1 
ATOM   217  C  C   . LYS A 1 27  ? 7.416   -9.976  4.509   1.00 9.74  ? 27  LYS A C   1 
ATOM   218  O  O   . LYS A 1 27  ? 7.383   -10.703 3.520   1.00 10.72 ? 27  LYS A O   1 
ATOM   219  C  CB  . LYS A 1 27  ? 8.427   -8.072  5.845   1.00 11.62 ? 27  LYS A CB  1 
ATOM   220  C  CG  . LYS A 1 27  ? 9.636   -7.151  5.999   1.00 11.30 ? 27  LYS A CG  1 
ATOM   221  C  CD  . LYS A 1 27  ? 9.744   -6.541  7.388   1.00 16.43 ? 27  LYS A CD  1 
ATOM   222  C  CE  . LYS A 1 27  ? 8.609   -5.589  7.685   1.00 16.38 ? 27  LYS A CE  1 
ATOM   223  N  NZ  . LYS A 1 27  ? 8.808   -4.940  9.012   1.00 16.49 ? 27  LYS A NZ  1 
ATOM   224  N  N   . THR A 1 28  ? 6.404   -9.904  5.364   1.00 9.86  ? 28  THR A N   1 
ATOM   225  C  CA  . THR A 1 28  ? 5.185   -10.656 5.078   1.00 9.53  ? 28  THR A CA  1 
ATOM   226  C  C   . THR A 1 28  ? 4.644   -10.083 3.766   1.00 9.52  ? 28  THR A C   1 
ATOM   227  O  O   . THR A 1 28  ? 4.143   -10.806 2.904   1.00 9.44  ? 28  THR A O   1 
ATOM   228  C  CB  . THR A 1 28  ? 4.140   -10.484 6.201   1.00 10.70 ? 28  THR A CB  1 
ATOM   229  O  OG1 . THR A 1 28  ? 4.628   -11.114 7.392   1.00 13.55 ? 28  THR A OG1 1 
ATOM   230  C  CG2 . THR A 1 28  ? 2.815   -11.126 5.808   1.00 11.18 ? 28  THR A CG2 1 
ATOM   231  N  N   . GLY A 1 29  ? 4.776   -8.769  3.626   1.00 8.84  ? 29  GLY A N   1 
ATOM   232  C  CA  . GLY A 1 29  ? 4.334   -8.084  2.426   1.00 8.05  ? 29  GLY A CA  1 
ATOM   233  C  C   . GLY A 1 29  ? 5.529   -7.562  1.649   1.00 9.17  ? 29  GLY A C   1 
ATOM   234  O  O   . GLY A 1 29  ? 6.637   -7.493  2.182   1.00 9.41  ? 29  GLY A O   1 
ATOM   235  N  N   . PRO A 1 30  ? 5.336   -7.177  0.384   1.00 8.44  ? 30  PRO A N   1 
ATOM   236  C  CA  . PRO A 1 30  ? 6.411   -6.663  -0.466  1.00 7.85  ? 30  PRO A CA  1 
ATOM   237  C  C   . PRO A 1 30  ? 6.910   -5.270  -0.112  1.00 7.38  ? 30  PRO A C   1 
ATOM   238  O  O   . PRO A 1 30  ? 6.173   -4.447  0.440   1.00 8.32  ? 30  PRO A O   1 
ATOM   239  C  CB  . PRO A 1 30  ? 5.774   -6.671  -1.850  1.00 8.15  ? 30  PRO A CB  1 
ATOM   240  C  CG  . PRO A 1 30  ? 4.351   -6.308  -1.538  1.00 8.39  ? 30  PRO A CG  1 
ATOM   241  C  CD  . PRO A 1 30  ? 4.057   -7.198  -0.350  1.00 8.20  ? 30  PRO A CD  1 
ATOM   242  N  N   . ASN A 1 31  ? 8.169   -5.017  -0.447  1.00 7.76  ? 31  ASN A N   1 
ATOM   243  C  CA  . ASN A 1 31  ? 8.751   -3.705  -0.246  1.00 7.34  ? 31  ASN A CA  1 
ATOM   244  C  C   . ASN A 1 31  ? 7.917   -2.807  -1.164  1.00 7.82  ? 31  ASN A C   1 
ATOM   245  O  O   . ASN A 1 31  ? 7.535   -3.224  -2.263  1.00 8.02  ? 31  ASN A O   1 
ATOM   246  C  CB  . ASN A 1 31  ? 10.218  -3.718  -0.675  1.00 7.39  ? 31  ASN A CB  1 
ATOM   247  C  CG  . ASN A 1 31  ? 10.778  -2.329  -0.853  1.00 7.41  ? 31  ASN A CG  1 
ATOM   248  O  OD1 . ASN A 1 31  ? 10.856  -1.823  -1.971  1.00 8.70  ? 31  ASN A OD1 1 
ATOM   249  N  ND2 . ASN A 1 31  ? 11.149  -1.694  0.254   1.00 7.78  ? 31  ASN A ND2 1 
ATOM   250  N  N   . LEU A 1 32  ? 7.645   -1.580  -0.722  1.00 7.15  ? 32  LEU A N   1 
ATOM   251  C  CA  . LEU A 1 32  ? 6.806   -0.652  -1.476  1.00 7.59  ? 32  LEU A CA  1 
ATOM   252  C  C   . LEU A 1 32  ? 7.521   0.480   -2.208  1.00 8.16  ? 32  LEU A C   1 
ATOM   253  O  O   . LEU A 1 32  ? 6.872   1.383   -2.748  1.00 8.48  ? 32  LEU A O   1 
ATOM   254  C  CB  . LEU A 1 32  ? 5.749   -0.056  -0.537  1.00 8.00  ? 32  LEU A CB  1 
ATOM   255  C  CG  . LEU A 1 32  ? 4.823   -1.056  0.168   1.00 8.27  ? 32  LEU A CG  1 
ATOM   256  C  CD1 . LEU A 1 32  ? 3.965   -0.329  1.191   1.00 8.73  ? 32  LEU A CD1 1 
ATOM   257  C  CD2 . LEU A 1 32  ? 3.950   -1.775  -0.856  1.00 9.11  ? 32  LEU A CD2 1 
ATOM   258  N  N   . HIS A 1 33  ? 8.848   0.449   -2.234  1.00 7.54  ? 33  HIS A N   1 
ATOM   259  C  CA  . HIS A 1 33  ? 9.572   1.504   -2.930  1.00 9.11  ? 33  HIS A CA  1 
ATOM   260  C  C   . HIS A 1 33  ? 9.199   1.505   -4.408  1.00 9.44  ? 33  HIS A C   1 
ATOM   261  O  O   . HIS A 1 33  ? 9.170   0.453   -5.051  1.00 10.10 ? 33  HIS A O   1 
ATOM   262  C  CB  . HIS A 1 33  ? 11.084  1.323   -2.793  1.00 9.72  ? 33  HIS A CB  1 
ATOM   263  C  CG  . HIS A 1 33  ? 11.870  2.369   -3.515  1.00 11.84 ? 33  HIS A CG  1 
ATOM   264  N  ND1 . HIS A 1 33  ? 11.971  3.667   -3.061  1.00 13.63 ? 33  HIS A ND1 1 
ATOM   265  C  CD2 . HIS A 1 33  ? 12.528  2.331   -4.698  1.00 12.86 ? 33  HIS A CD2 1 
ATOM   266  C  CE1 . HIS A 1 33  ? 12.654  4.384   -3.936  1.00 13.17 ? 33  HIS A CE1 1 
ATOM   267  N  NE2 . HIS A 1 33  ? 13.002  3.598   -4.938  1.00 15.18 ? 33  HIS A NE2 1 
ATOM   268  N  N   . GLY A 1 34  ? 8.896   2.688   -4.932  1.00 8.81  ? 34  GLY A N   1 
ATOM   269  C  CA  . GLY A 1 34  ? 8.532   2.815   -6.335  1.00 9.81  ? 34  GLY A CA  1 
ATOM   270  C  C   . GLY A 1 34  ? 7.086   2.465   -6.642  1.00 10.67 ? 34  GLY A C   1 
ATOM   271  O  O   . GLY A 1 34  ? 6.705   2.331   -7.806  1.00 10.87 ? 34  GLY A O   1 
ATOM   272  N  N   . LEU A 1 35  ? 6.279   2.345   -5.593  1.00 9.88  ? 35  LEU A N   1 
ATOM   273  C  CA  . LEU A 1 35  ? 4.869   1.984   -5.704  1.00 10.76 ? 35  LEU A CA  1 
ATOM   274  C  C   . LEU A 1 35  ? 4.043   2.809   -6.689  1.00 10.43 ? 35  LEU A C   1 
ATOM   275  O  O   . LEU A 1 35  ? 3.363   2.258   -7.557  1.00 10.69 ? 35  LEU A O   1 
ATOM   276  C  CB  . LEU A 1 35  ? 4.215   2.059   -4.318  1.00 10.88 ? 35  LEU A CB  1 
ATOM   277  C  CG  . LEU A 1 35  ? 2.760   1.588   -4.253  1.00 12.55 ? 35  LEU A CG  1 
ATOM   278  C  CD1 . LEU A 1 35  ? 2.706   0.100   -4.533  1.00 12.32 ? 35  LEU A CD1 1 
ATOM   279  C  CD2 . LEU A 1 35  ? 2.165   1.899   -2.886  1.00 14.59 ? 35  LEU A CD2 1 
ATOM   280  N  N   . PHE A 1 36  ? 4.096   4.129   -6.558  1.00 10.24 ? 36  PHE A N   1 
ATOM   281  C  CA  . PHE A 1 36  ? 3.312   4.986   -7.442  1.00 10.52 ? 36  PHE A CA  1 
ATOM   282  C  C   . PHE A 1 36  ? 3.753   4.906   -8.896  1.00 10.90 ? 36  PHE A C   1 
ATOM   283  O  O   . PHE A 1 36  ? 4.914   5.151   -9.219  1.00 11.89 ? 36  PHE A O   1 
ATOM   284  C  CB  . PHE A 1 36  ? 3.362   6.436   -6.959  1.00 9.37  ? 36  PHE A CB  1 
ATOM   285  C  CG  . PHE A 1 36  ? 2.575   6.681   -5.704  1.00 8.86  ? 36  PHE A CG  1 
ATOM   286  C  CD1 . PHE A 1 36  ? 2.938   6.071   -4.509  1.00 9.92  ? 36  PHE A CD1 1 
ATOM   287  C  CD2 . PHE A 1 36  ? 1.463   7.519   -5.717  1.00 9.29  ? 36  PHE A CD2 1 
ATOM   288  C  CE1 . PHE A 1 36  ? 2.207   6.289   -3.343  1.00 10.01 ? 36  PHE A CE1 1 
ATOM   289  C  CE2 . PHE A 1 36  ? 0.724   7.744   -4.555  1.00 9.05  ? 36  PHE A CE2 1 
ATOM   290  C  CZ  . PHE A 1 36  ? 1.096   7.129   -3.369  1.00 11.35 ? 36  PHE A CZ  1 
ATOM   291  N  N   . GLY A 1 37  ? 2.808   4.558   -9.767  1.00 11.07 ? 37  GLY A N   1 
ATOM   292  C  CA  . GLY A 1 37  ? 3.109   4.442   -11.181 1.00 12.48 ? 37  GLY A CA  1 
ATOM   293  C  C   . GLY A 1 37  ? 3.409   3.020   -11.614 1.00 14.33 ? 37  GLY A C   1 
ATOM   294  O  O   . GLY A 1 37  ? 3.616   2.759   -12.797 1.00 15.74 ? 37  GLY A O   1 
ATOM   295  N  N   . ARG A 1 38  ? 3.440   2.095   -10.661 1.00 13.76 ? 38  ARG A N   1 
ATOM   296  C  CA  . ARG A 1 38  ? 3.717   0.697   -10.976 1.00 13.56 ? 38  ARG A CA  1 
ATOM   297  C  C   . ARG A 1 38  ? 2.449   -0.146  -10.895 1.00 12.80 ? 38  ARG A C   1 
ATOM   298  O  O   . ARG A 1 38  ? 1.559   0.124   -10.093 1.00 11.95 ? 38  ARG A O   1 
ATOM   299  C  CB  . ARG A 1 38  ? 4.777   0.141   -10.018 1.00 13.59 ? 38  ARG A CB  1 
ATOM   300  C  CG  . ARG A 1 38  ? 5.196   -1.293  -10.298 1.00 15.17 ? 38  ARG A CG  1 
ATOM   301  C  CD  . ARG A 1 38  ? 6.442   -1.645  -9.510  1.00 16.72 ? 38  ARG A CD  1 
ATOM   302  N  NE  . ARG A 1 38  ? 6.206   -1.700  -8.071  1.00 18.20 ? 38  ARG A NE  1 
ATOM   303  C  CZ  . ARG A 1 38  ? 7.136   -1.452  -7.156  1.00 19.32 ? 38  ARG A CZ  1 
ATOM   304  N  NH1 . ARG A 1 38  ? 8.366   -1.124  -7.533  1.00 21.43 ? 38  ARG A NH1 1 
ATOM   305  N  NH2 . ARG A 1 38  ? 6.841   -1.543  -5.865  1.00 18.00 ? 38  ARG A NH2 1 
ATOM   306  N  N   . LYS A 1 39  ? 2.365   -1.162  -11.745 1.00 12.70 ? 39  LYS A N   1 
ATOM   307  C  CA  . LYS A 1 39  ? 1.205   -2.043  -11.756 1.00 12.49 ? 39  LYS A CA  1 
ATOM   308  C  C   . LYS A 1 39  ? 1.246   -2.962  -10.544 1.00 10.49 ? 39  LYS A C   1 
ATOM   309  O  O   . LYS A 1 39  ? 2.291   -3.131  -9.910  1.00 11.08 ? 39  LYS A O   1 
ATOM   310  C  CB  . LYS A 1 39  ? 1.188   -2.896  -13.026 1.00 15.12 ? 39  LYS A CB  1 
ATOM   311  C  CG  . LYS A 1 39  ? 0.979   -2.120  -14.314 1.00 18.99 ? 39  LYS A CG  1 
ATOM   312  C  CD  . LYS A 1 39  ? -0.420  -1.543  -14.390 1.00 22.67 ? 39  LYS A CD  1 
ATOM   313  C  CE  . LYS A 1 39  ? -1.034  -1.802  -15.759 1.00 25.09 ? 39  LYS A CE  1 
ATOM   314  N  NZ  . LYS A 1 39  ? -0.168  -1.321  -16.873 1.00 26.66 ? 39  LYS A NZ  1 
ATOM   315  N  N   . THR A 1 40  ? 0.105   -3.561  -10.234 1.00 9.76  ? 40  THR A N   1 
ATOM   316  C  CA  . THR A 1 40  ? 0.008   -4.468  -9.097  1.00 10.18 ? 40  THR A CA  1 
ATOM   317  C  C   . THR A 1 40  ? 0.906   -5.688  -9.267  1.00 10.70 ? 40  THR A C   1 
ATOM   318  O  O   . THR A 1 40  ? 1.105   -6.178  -10.380 1.00 10.96 ? 40  THR A O   1 
ATOM   319  C  CB  . THR A 1 40  ? -1.433  -4.982  -8.907  1.00 10.98 ? 40  THR A CB  1 
ATOM   320  O  OG1 . THR A 1 40  ? -1.828  -5.730  -10.066 1.00 14.28 ? 40  THR A OG1 1 
ATOM   321  C  CG2 . THR A 1 40  ? -2.389  -3.829  -8.700  1.00 10.70 ? 40  THR A CG2 1 
ATOM   322  N  N   . GLY A 1 41  ? 1.445   -6.157  -8.144  1.00 9.79  ? 41  GLY A N   1 
ATOM   323  C  CA  . GLY A 1 41  ? 2.284   -7.346  -8.117  1.00 11.24 ? 41  GLY A CA  1 
ATOM   324  C  C   . GLY A 1 41  ? 3.528   -7.378  -8.971  1.00 10.40 ? 41  GLY A C   1 
ATOM   325  O  O   . GLY A 1 41  ? 3.849   -8.419  -9.546  1.00 12.76 ? 41  GLY A O   1 
ATOM   326  N  N   . GLN A 1 42  ? 4.249   -6.263  -9.032  1.00 10.93 ? 42  GLN A N   1 
ATOM   327  C  CA  . GLN A 1 42  ? 5.446   -6.199  -9.858  1.00 13.45 ? 42  GLN A CA  1 
ATOM   328  C  C   . GLN A 1 42  ? 6.770   -5.988  -9.123  1.00 14.18 ? 42  GLN A C   1 
ATOM   329  O  O   . GLN A 1 42  ? 7.818   -5.894  -9.762  1.00 17.14 ? 42  GLN A O   1 
ATOM   330  C  CB  . GLN A 1 42  ? 5.274   -5.121  -10.934 1.00 15.04 ? 42  GLN A CB  1 
ATOM   331  C  CG  . GLN A 1 42  ? 4.007   -5.291  -11.775 1.00 16.99 ? 42  GLN A CG  1 
ATOM   332  C  CD  . GLN A 1 42  ? 3.923   -6.644  -12.464 1.00 18.02 ? 42  GLN A CD  1 
ATOM   333  O  OE1 . GLN A 1 42  ? 2.871   -7.287  -12.472 1.00 20.31 ? 42  GLN A OE1 1 
ATOM   334  N  NE2 . GLN A 1 42  ? 5.030   -7.078  -13.056 1.00 19.54 ? 42  GLN A NE2 1 
ATOM   335  N  N   . ALA A 1 43  ? 6.742   -5.907  -7.795  1.00 13.79 ? 43  ALA A N   1 
ATOM   336  C  CA  . ALA A 1 43  ? 7.991   -5.742  -7.055  1.00 14.55 ? 43  ALA A CA  1 
ATOM   337  C  C   . ALA A 1 43  ? 8.752   -7.060  -7.219  1.00 14.57 ? 43  ALA A C   1 
ATOM   338  O  O   . ALA A 1 43  ? 8.237   -8.124  -6.887  1.00 14.69 ? 43  ALA A O   1 
ATOM   339  C  CB  . ALA A 1 43  ? 7.713   -5.467  -5.579  1.00 13.89 ? 43  ALA A CB  1 
ATOM   340  N  N   . PRO A 1 44  ? 9.980   -7.005  -7.758  1.00 15.51 ? 44  PRO A N   1 
ATOM   341  C  CA  . PRO A 1 44  ? 10.796  -8.209  -7.964  1.00 14.91 ? 44  PRO A CA  1 
ATOM   342  C  C   . PRO A 1 44  ? 11.191  -8.951  -6.687  1.00 14.16 ? 44  PRO A C   1 
ATOM   343  O  O   . PRO A 1 44  ? 11.484  -8.334  -5.665  1.00 14.24 ? 44  PRO A O   1 
ATOM   344  C  CB  . PRO A 1 44  ? 12.026  -7.672  -8.693  1.00 16.93 ? 44  PRO A CB  1 
ATOM   345  C  CG  . PRO A 1 44  ? 11.494  -6.473  -9.421  1.00 17.62 ? 44  PRO A CG  1 
ATOM   346  C  CD  . PRO A 1 44  ? 10.612  -5.833  -8.386  1.00 16.19 ? 44  PRO A CD  1 
ATOM   347  N  N   . GLY A 1 45  ? 11.192  -10.280 -6.754  1.00 12.95 ? 45  GLY A N   1 
ATOM   348  C  CA  . GLY A 1 45  ? 11.605  -11.072 -5.608  1.00 11.99 ? 45  GLY A CA  1 
ATOM   349  C  C   . GLY A 1 45  ? 10.574  -11.377 -4.542  1.00 10.50 ? 45  GLY A C   1 
ATOM   350  O  O   . GLY A 1 45  ? 10.925  -11.928 -3.496  1.00 10.49 ? 45  GLY A O   1 
ATOM   351  N  N   . PHE A 1 46  ? 9.317   -11.014 -4.779  1.00 10.44 ? 46  PHE A N   1 
ATOM   352  C  CA  . PHE A 1 46  ? 8.257   -11.294 -3.810  1.00 9.62  ? 46  PHE A CA  1 
ATOM   353  C  C   . PHE A 1 46  ? 7.192   -12.181 -4.441  1.00 9.71  ? 46  PHE A C   1 
ATOM   354  O  O   . PHE A 1 46  ? 6.775   -11.949 -5.574  1.00 9.77  ? 46  PHE A O   1 
ATOM   355  C  CB  . PHE A 1 46  ? 7.590   -10.008 -3.314  1.00 8.58  ? 46  PHE A CB  1 
ATOM   356  C  CG  . PHE A 1 46  ? 6.510   -10.255 -2.299  1.00 7.35  ? 46  PHE A CG  1 
ATOM   357  C  CD1 . PHE A 1 46  ? 6.829   -10.457 -0.964  1.00 7.78  ? 46  PHE A CD1 1 
ATOM   358  C  CD2 . PHE A 1 46  ? 5.174   -10.347 -2.694  1.00 8.73  ? 46  PHE A CD2 1 
ATOM   359  C  CE1 . PHE A 1 46  ? 5.838   -10.752 -0.029  1.00 8.40  ? 46  PHE A CE1 1 
ATOM   360  C  CE2 . PHE A 1 46  ? 4.176   -10.641 -1.769  1.00 9.19  ? 46  PHE A CE2 1 
ATOM   361  C  CZ  . PHE A 1 46  ? 4.506   -10.845 -0.436  1.00 9.16  ? 46  PHE A CZ  1 
ATOM   362  N  N   . SER A 1 47  ? 6.736   -13.181 -3.697  1.00 9.95  ? 47  SER A N   1 
ATOM   363  C  CA  . SER A 1 47  ? 5.726   -14.103 -4.205  1.00 11.06 ? 47  SER A CA  1 
ATOM   364  C  C   . SER A 1 47  ? 4.318   -13.591 -3.953  1.00 10.44 ? 47  SER A C   1 
ATOM   365  O  O   . SER A 1 47  ? 3.752   -13.805 -2.885  1.00 12.24 ? 47  SER A O   1 
ATOM   366  C  CB  . SER A 1 47  ? 5.892   -15.479 -3.561  1.00 12.32 ? 47  SER A CB  1 
ATOM   367  O  OG  . SER A 1 47  ? 7.163   -16.025 -3.861  1.00 17.54 ? 47  SER A OG  1 
ATOM   368  N  N   . TYR A 1 48  ? 3.764   -12.909 -4.948  1.00 9.47  ? 48  TYR A N   1 
ATOM   369  C  CA  . TYR A 1 48  ? 2.413   -12.366 -4.866  1.00 9.07  ? 48  TYR A CA  1 
ATOM   370  C  C   . TYR A 1 48  ? 1.408   -13.453 -5.196  1.00 9.84  ? 48  TYR A C   1 
ATOM   371  O  O   . TYR A 1 48  ? 1.755   -14.461 -5.810  1.00 10.80 ? 48  TYR A O   1 
ATOM   372  C  CB  . TYR A 1 48  ? 2.208   -11.272 -5.908  1.00 8.96  ? 48  TYR A CB  1 
ATOM   373  C  CG  . TYR A 1 48  ? 2.947   -9.982  -5.685  1.00 7.84  ? 48  TYR A CG  1 
ATOM   374  C  CD1 . TYR A 1 48  ? 2.394   -8.968  -4.907  1.00 8.09  ? 48  TYR A CD1 1 
ATOM   375  C  CD2 . TYR A 1 48  ? 4.163   -9.740  -6.323  1.00 7.94  ? 48  TYR A CD2 1 
ATOM   376  C  CE1 . TYR A 1 48  ? 3.027   -7.735  -4.781  1.00 8.92  ? 48  TYR A CE1 1 
ATOM   377  C  CE2 . TYR A 1 48  ? 4.807   -8.512  -6.200  1.00 9.46  ? 48  TYR A CE2 1 
ATOM   378  C  CZ  . TYR A 1 48  ? 4.229   -7.516  -5.434  1.00 8.38  ? 48  TYR A CZ  1 
ATOM   379  O  OH  . TYR A 1 48  ? 4.828   -6.284  -5.355  1.00 9.38  ? 48  TYR A OH  1 
ATOM   380  N  N   . THR A 1 49  ? 0.160   -13.243 -4.796  1.00 10.28 ? 49  THR A N   1 
ATOM   381  C  CA  . THR A 1 49  ? -0.891  -14.183 -5.153  1.00 9.62  ? 49  THR A CA  1 
ATOM   382  C  C   . THR A 1 49  ? -1.166  -13.850 -6.613  1.00 10.79 ? 49  THR A C   1 
ATOM   383  O  O   . THR A 1 49  ? -0.816  -12.763 -7.088  1.00 10.20 ? 49  THR A O   1 
ATOM   384  C  CB  . THR A 1 49  ? -2.211  -13.930 -4.406  1.00 9.93  ? 49  THR A CB  1 
ATOM   385  O  OG1 . THR A 1 49  ? -2.591  -12.556 -4.568  1.00 10.11 ? 49  THR A OG1 1 
ATOM   386  C  CG2 . THR A 1 49  ? -2.087  -14.276 -2.939  1.00 8.68  ? 49  THR A CG2 1 
ATOM   387  N  N   . ASP A 1 50  ? -1.798  -14.774 -7.327  1.00 10.53 ? 50  ASP A N   1 
ATOM   388  C  CA  . ASP A 1 50  ? -2.126  -14.521 -8.720  1.00 12.07 ? 50  ASP A CA  1 
ATOM   389  C  C   . ASP A 1 50  ? -3.191  -13.430 -8.768  1.00 12.33 ? 50  ASP A C   1 
ATOM   390  O  O   . ASP A 1 50  ? -3.241  -12.641 -9.716  1.00 13.20 ? 50  ASP A O   1 
ATOM   391  C  CB  . ASP A 1 50  ? -2.611  -15.809 -9.377  1.00 13.43 ? 50  ASP A CB  1 
ATOM   392  C  CG  . ASP A 1 50  ? -1.486  -16.803 -9.581  1.00 16.23 ? 50  ASP A CG  1 
ATOM   393  O  OD1 . ASP A 1 50  ? -0.626  -16.552 -10.452 1.00 19.65 ? 50  ASP A OD1 1 
ATOM   394  O  OD2 . ASP A 1 50  ? -1.448  -17.819 -8.860  1.00 18.46 ? 50  ASP A OD2 1 
ATOM   395  N  N   . ALA A 1 51  ? -4.023  -13.375 -7.728  1.00 11.51 ? 51  ALA A N   1 
ATOM   396  C  CA  . ALA A 1 51  ? -5.072  -12.363 -7.638  1.00 12.19 ? 51  ALA A CA  1 
ATOM   397  C  C   . ALA A 1 51  ? -4.455  -10.967 -7.712  1.00 13.69 ? 51  ALA A C   1 
ATOM   398  O  O   . ALA A 1 51  ? -4.914  -10.115 -8.471  1.00 13.94 ? 51  ALA A O   1 
ATOM   399  C  CB  . ALA A 1 51  ? -5.846  -12.523 -6.335  1.00 11.51 ? 51  ALA A CB  1 
ATOM   400  N  N   A ASN A 1 52  ? -3.415  -10.736 -6.920  0.50 13.62 ? 52  ASN A N   1 
ATOM   401  N  N   B ASN A 1 52  ? -3.405  -10.751 -6.921  0.50 13.73 ? 52  ASN A N   1 
ATOM   402  C  CA  A ASN A 1 52  ? -2.760  -9.437  -6.926  0.50 14.40 ? 52  ASN A CA  1 
ATOM   403  C  CA  B ASN A 1 52  ? -2.702  -9.468  -6.866  0.50 14.64 ? 52  ASN A CA  1 
ATOM   404  C  C   A ASN A 1 52  ? -2.059  -9.183  -8.258  0.50 15.53 ? 52  ASN A C   1 
ATOM   405  C  C   B ASN A 1 52  ? -1.982  -9.166  -8.185  0.50 15.68 ? 52  ASN A C   1 
ATOM   406  O  O   A ASN A 1 52  ? -2.214  -8.115  -8.853  0.50 16.25 ? 52  ASN A O   1 
ATOM   407  O  O   B ASN A 1 52  ? -2.052  -8.050  -8.699  0.50 16.33 ? 52  ASN A O   1 
ATOM   408  C  CB  A ASN A 1 52  ? -1.737  -9.345  -5.794  0.50 14.04 ? 52  ASN A CB  1 
ATOM   409  C  CB  B ASN A 1 52  ? -1.702  -9.490  -5.698  0.50 14.69 ? 52  ASN A CB  1 
ATOM   410  C  CG  A ASN A 1 52  ? -0.964  -8.041  -5.821  0.50 14.67 ? 52  ASN A CG  1 
ATOM   411  C  CG  B ASN A 1 52  ? -1.077  -8.128  -5.417  0.50 15.83 ? 52  ASN A CG  1 
ATOM   412  O  OD1 A ASN A 1 52  ? -1.316  -7.072  -5.150  0.50 13.52 ? 52  ASN A OD1 1 
ATOM   413  O  OD1 B ASN A 1 52  ? -0.659  -7.851  -4.290  0.50 15.55 ? 52  ASN A OD1 1 
ATOM   414  N  ND2 A ASN A 1 52  ? 0.086   -8.008  -6.621  0.50 14.59 ? 52  ASN A ND2 1 
ATOM   415  N  ND2 B ASN A 1 52  ? -0.995  -7.284  -6.436  0.50 16.62 ? 52  ASN A ND2 1 
ATOM   416  N  N   . LYS A 1 53  ? -1.293  -10.164 -8.727  1.00 15.40 ? 53  LYS A N   1 
ATOM   417  C  CA  . LYS A 1 53  ? -0.568  -10.007 -9.983  1.00 17.72 ? 53  LYS A CA  1 
ATOM   418  C  C   . LYS A 1 53  ? -1.480  -9.746  -11.175 1.00 18.32 ? 53  LYS A C   1 
ATOM   419  O  O   . LYS A 1 53  ? -1.075  -9.095  -12.141 1.00 20.27 ? 53  LYS A O   1 
ATOM   420  C  CB  . LYS A 1 53  ? 0.295   -11.244 -10.262 1.00 18.35 ? 53  LYS A CB  1 
ATOM   421  C  CG  . LYS A 1 53  ? 1.486   -11.372 -9.324  1.00 21.91 ? 53  LYS A CG  1 
ATOM   422  C  CD  . LYS A 1 53  ? 2.522   -12.368 -9.829  1.00 24.42 ? 53  LYS A CD  1 
ATOM   423  C  CE  . LYS A 1 53  ? 2.016   -13.797 -9.785  1.00 26.43 ? 53  LYS A CE  1 
ATOM   424  N  NZ  . LYS A 1 53  ? 3.113   -14.760 -10.099 1.00 27.78 ? 53  LYS A NZ  1 
ATOM   425  N  N   . ASN A 1 54  ? -2.712  -10.238 -11.098 1.00 18.30 ? 54  ASN A N   1 
ATOM   426  C  CA  . ASN A 1 54  ? -3.673  -10.087 -12.185 1.00 18.96 ? 54  ASN A CA  1 
ATOM   427  C  C   . ASN A 1 54  ? -4.645  -8.910  -12.092 1.00 17.84 ? 54  ASN A C   1 
ATOM   428  O  O   . ASN A 1 54  ? -5.375  -8.643  -13.049 1.00 17.50 ? 54  ASN A O   1 
ATOM   429  C  CB  . ASN A 1 54  ? -4.466  -11.388 -12.337 1.00 20.55 ? 54  ASN A CB  1 
ATOM   430  C  CG  . ASN A 1 54  ? -3.601  -12.547 -12.805 1.00 21.54 ? 54  ASN A CG  1 
ATOM   431  O  OD1 . ASN A 1 54  ? -4.016  -13.703 -12.753 1.00 23.89 ? 54  ASN A OD1 1 
ATOM   432  N  ND2 . ASN A 1 54  ? -2.395  -12.238 -13.272 1.00 20.91 ? 54  ASN A ND2 1 
ATOM   433  N  N   . LYS A 1 55  ? -4.666  -8.204  -10.963 1.00 16.45 ? 55  LYS A N   1 
ATOM   434  C  CA  . LYS A 1 55  ? -5.572  -7.066  -10.810 1.00 15.19 ? 55  LYS A CA  1 
ATOM   435  C  C   . LYS A 1 55  ? -5.400  -6.140  -12.011 1.00 14.62 ? 55  LYS A C   1 
ATOM   436  O  O   . LYS A 1 55  ? -6.375  -5.637  -12.568 1.00 14.27 ? 55  LYS A O   1 
ATOM   437  C  CB  . LYS A 1 55  ? -5.282  -6.316  -9.504  1.00 15.58 ? 55  LYS A CB  1 
ATOM   438  C  CG  . LYS A 1 55  ? -6.220  -5.145  -9.233  1.00 16.22 ? 55  LYS A CG  1 
ATOM   439  C  CD  . LYS A 1 55  ? -7.685  -5.579  -9.223  1.00 15.91 ? 55  LYS A CD  1 
ATOM   440  C  CE  . LYS A 1 55  ? -8.614  -4.394  -8.982  1.00 16.07 ? 55  LYS A CE  1 
ATOM   441  N  NZ  . LYS A 1 55  ? -10.052 -4.795  -8.953  1.00 16.22 ? 55  LYS A NZ  1 
ATOM   442  N  N   . GLY A 1 56  ? -4.149  -5.912  -12.395 1.00 13.31 ? 56  GLY A N   1 
ATOM   443  C  CA  . GLY A 1 56  ? -3.865  -5.096  -13.563 1.00 13.71 ? 56  GLY A CA  1 
ATOM   444  C  C   . GLY A 1 56  ? -3.991  -3.589  -13.492 1.00 13.98 ? 56  GLY A C   1 
ATOM   445  O  O   . GLY A 1 56  ? -3.857  -2.925  -14.520 1.00 16.03 ? 56  GLY A O   1 
ATOM   446  N  N   . ILE A 1 57  ? -4.254  -3.034  -12.315 1.00 12.32 ? 57  ILE A N   1 
ATOM   447  C  CA  . ILE A 1 57  ? -4.363  -1.584  -12.202 1.00 11.52 ? 57  ILE A CA  1 
ATOM   448  C  C   . ILE A 1 57  ? -3.007  -0.985  -11.849 1.00 10.81 ? 57  ILE A C   1 
ATOM   449  O  O   . ILE A 1 57  ? -2.067  -1.706  -11.508 1.00 10.31 ? 57  ILE A O   1 
ATOM   450  C  CB  . ILE A 1 57  ? -5.417  -1.158  -11.137 1.00 10.95 ? 57  ILE A CB  1 
ATOM   451  C  CG1 . ILE A 1 57  ? -5.038  -1.680  -9.748  1.00 11.08 ? 57  ILE A CG1 1 
ATOM   452  C  CG2 . ILE A 1 57  ? -6.782  -1.701  -11.524 1.00 13.26 ? 57  ILE A CG2 1 
ATOM   453  C  CD1 . ILE A 1 57  ? -4.085  -0.780  -8.973  1.00 11.62 ? 57  ILE A CD1 1 
ATOM   454  N  N   . THR A 1 58  ? -2.914  0.336   -11.939 1.00 10.20 ? 58  THR A N   1 
ATOM   455  C  CA  . THR A 1 58  ? -1.679  1.043   -11.628 1.00 10.90 ? 58  THR A CA  1 
ATOM   456  C  C   . THR A 1 58  ? -1.832  1.723   -10.272 1.00 10.13 ? 58  THR A C   1 
ATOM   457  O  O   . THR A 1 58  ? -2.816  2.416   -10.030 1.00 10.46 ? 58  THR A O   1 
ATOM   458  C  CB  . THR A 1 58  ? -1.376  2.116   -12.706 1.00 10.05 ? 58  THR A CB  1 
ATOM   459  O  OG1 . THR A 1 58  ? -1.168  1.475   -13.972 1.00 12.01 ? 58  THR A OG1 1 
ATOM   460  C  CG2 . THR A 1 58  ? -0.135  2.919   -12.338 1.00 11.69 ? 58  THR A CG2 1 
ATOM   461  N  N   . TRP A 1 59  ? -0.872  1.511   -9.377  1.00 10.18 ? 59  TRP A N   1 
ATOM   462  C  CA  . TRP A 1 59  ? -0.949  2.135   -8.066  1.00 9.75  ? 59  TRP A CA  1 
ATOM   463  C  C   . TRP A 1 59  ? -0.760  3.640   -8.153  1.00 10.26 ? 59  TRP A C   1 
ATOM   464  O  O   . TRP A 1 59  ? 0.159   4.144   -8.808  1.00 9.95  ? 59  TRP A O   1 
ATOM   465  C  CB  . TRP A 1 59  ? 0.079   1.517   -7.114  1.00 9.83  ? 59  TRP A CB  1 
ATOM   466  C  CG  . TRP A 1 59  ? -0.297  0.132   -6.692  1.00 8.85  ? 59  TRP A CG  1 
ATOM   467  C  CD1 . TRP A 1 59  ? 0.445   -1.003  -6.844  1.00 9.03  ? 59  TRP A CD1 1 
ATOM   468  C  CD2 . TRP A 1 59  ? -1.520  -0.270  -6.063  1.00 7.87  ? 59  TRP A CD2 1 
ATOM   469  N  NE1 . TRP A 1 59  ? -0.238  -2.087  -6.351  1.00 7.96  ? 59  TRP A NE1 1 
ATOM   470  C  CE2 . TRP A 1 59  ? -1.448  -1.669  -5.865  1.00 8.22  ? 59  TRP A CE2 1 
ATOM   471  C  CE3 . TRP A 1 59  ? -2.673  0.416   -5.650  1.00 7.82  ? 59  TRP A CE3 1 
ATOM   472  C  CZ2 . TRP A 1 59  ? -2.486  -2.400  -5.267  1.00 8.10  ? 59  TRP A CZ2 1 
ATOM   473  C  CZ3 . TRP A 1 59  ? -3.705  -0.309  -5.058  1.00 8.73  ? 59  TRP A CZ3 1 
ATOM   474  C  CH2 . TRP A 1 59  ? -3.604  -1.705  -4.872  1.00 7.61  ? 59  TRP A CH2 1 
ATOM   475  N  N   . GLY A 1 60  ? -1.661  4.349   -7.484  1.00 9.63  ? 60  GLY A N   1 
ATOM   476  C  CA  . GLY A 1 60  ? -1.642  5.797   -7.454  1.00 9.57  ? 60  GLY A CA  1 
ATOM   477  C  C   . GLY A 1 60  ? -2.552  6.234   -6.331  1.00 8.78  ? 60  GLY A C   1 
ATOM   478  O  O   . GLY A 1 60  ? -3.123  5.400   -5.626  1.00 9.04  ? 60  GLY A O   1 
ATOM   479  N  N   A GLU A 1 61  ? -2.699  7.541   -6.158  0.50 9.18  ? 61  GLU A N   1 
ATOM   480  N  N   B GLU A 1 61  ? -2.713  7.542   -6.167  0.50 8.38  ? 61  GLU A N   1 
ATOM   481  C  CA  A GLU A 1 61  ? -3.532  8.067   -5.087  0.50 10.10 ? 61  GLU A CA  1 
ATOM   482  C  CA  B GLU A 1 61  ? -3.564  8.065   -5.106  0.50 8.67  ? 61  GLU A CA  1 
ATOM   483  C  C   A GLU A 1 61  ? -4.962  7.538   -5.134  0.50 10.05 ? 61  GLU A C   1 
ATOM   484  C  C   B GLU A 1 61  ? -4.969  7.474   -5.133  0.50 8.81  ? 61  GLU A C   1 
ATOM   485  O  O   A GLU A 1 61  ? -5.531  7.183   -4.100  0.50 9.45  ? 61  GLU A O   1 
ATOM   486  O  O   B GLU A 1 61  ? -5.472  7.004   -4.113  0.50 8.14  ? 61  GLU A O   1 
ATOM   487  C  CB  A GLU A 1 61  ? -3.535  9.596   -5.143  0.50 11.95 ? 61  GLU A CB  1 
ATOM   488  C  CB  B GLU A 1 61  ? -3.664  9.588   -5.204  0.50 9.51  ? 61  GLU A CB  1 
ATOM   489  C  CG  A GLU A 1 61  ? -2.133  10.195  -5.125  0.50 14.37 ? 61  GLU A CG  1 
ATOM   490  C  CG  B GLU A 1 61  ? -2.416  10.331  -4.759  0.50 9.67  ? 61  GLU A CG  1 
ATOM   491  C  CD  A GLU A 1 61  ? -2.129  11.707  -5.246  0.50 16.48 ? 61  GLU A CD  1 
ATOM   492  C  CD  B GLU A 1 61  ? -2.575  11.835  -4.856  0.50 11.82 ? 61  GLU A CD  1 
ATOM   493  O  OE1 A GLU A 1 61  ? -2.536  12.389  -4.280  0.50 16.97 ? 61  GLU A OE1 1 
ATOM   494  O  OE1 B GLU A 1 61  ? -1.687  12.559  -4.359  0.50 10.02 ? 61  GLU A OE1 1 
ATOM   495  O  OE2 A GLU A 1 61  ? -1.719  12.212  -6.313  0.50 17.80 ? 61  GLU A OE2 1 
ATOM   496  O  OE2 B GLU A 1 61  ? -3.584  12.290  -5.436  0.50 11.12 ? 61  GLU A OE2 1 
ATOM   497  N  N   A GLU A 1 62  ? -5.530  7.470   -6.335  0.50 9.95  ? 62  GLU A N   1 
ATOM   498  N  N   B GLU A 1 62  ? -5.591  7.497   -6.309  0.50 9.00  ? 62  GLU A N   1 
ATOM   499  C  CA  A GLU A 1 62  ? -6.902  7.007   -6.511  0.50 10.12 ? 62  GLU A CA  1 
ATOM   500  C  CA  B GLU A 1 62  ? -6.950  6.997   -6.470  0.50 9.18  ? 62  GLU A CA  1 
ATOM   501  C  C   A GLU A 1 62  ? -7.103  5.521   -6.218  0.50 9.55  ? 62  GLU A C   1 
ATOM   502  C  C   B GLU A 1 62  ? -7.124  5.501   -6.218  0.50 8.99  ? 62  GLU A C   1 
ATOM   503  O  O   A GLU A 1 62  ? -7.989  5.149   -5.450  0.50 9.27  ? 62  GLU A O   1 
ATOM   504  O  O   B GLU A 1 62  ? -8.016  5.098   -5.473  0.50 8.75  ? 62  GLU A O   1 
ATOM   505  C  CB  A GLU A 1 62  ? -7.383  7.302   -7.936  0.50 11.06 ? 62  GLU A CB  1 
ATOM   506  C  CB  B GLU A 1 62  ? -7.476  7.352   -7.865  0.50 9.64  ? 62  GLU A CB  1 
ATOM   507  C  CG  A GLU A 1 62  ? -7.350  8.773   -8.349  0.50 13.77 ? 62  GLU A CG  1 
ATOM   508  C  CG  B GLU A 1 62  ? -7.544  8.854   -8.150  0.50 11.39 ? 62  GLU A CG  1 
ATOM   509  C  CD  A GLU A 1 62  ? -5.949  9.280   -8.627  0.50 13.90 ? 62  GLU A CD  1 
ATOM   510  C  CD  B GLU A 1 62  ? -6.214  9.438   -8.592  0.50 11.31 ? 62  GLU A CD  1 
ATOM   511  O  OE1 A GLU A 1 62  ? -5.186  8.569   -9.316  0.50 14.60 ? 62  GLU A OE1 1 
ATOM   512  O  OE1 B GLU A 1 62  ? -6.113  10.680  -8.711  0.50 12.00 ? 62  GLU A OE1 1 
ATOM   513  O  OE2 A GLU A 1 62  ? -5.614  10.395  -8.171  0.50 15.79 ? 62  GLU A OE2 1 
ATOM   514  O  OE2 B GLU A 1 62  ? -5.268  8.658   -8.832  0.50 12.43 ? 62  GLU A OE2 1 
ATOM   515  N  N   . THR A 1 63  ? -6.289  4.670   -6.832  1.00 9.23  ? 63  THR A N   1 
ATOM   516  C  CA  . THR A 1 63  ? -6.420  3.236   -6.617  1.00 9.24  ? 63  THR A CA  1 
ATOM   517  C  C   . THR A 1 63  ? -6.096  2.861   -5.172  1.00 9.09  ? 63  THR A C   1 
ATOM   518  O  O   . THR A 1 63  ? -6.713  1.956   -4.611  1.00 8.94  ? 63  THR A O   1 
ATOM   519  C  CB  . THR A 1 63  ? -5.547  2.416   -7.593  1.00 9.50  ? 63  THR A CB  1 
ATOM   520  O  OG1 . THR A 1 63  ? -4.195  2.885   -7.553  1.00 8.90  ? 63  THR A OG1 1 
ATOM   521  C  CG2 . THR A 1 63  ? -6.089  2.541   -9.007  1.00 10.68 ? 63  THR A CG2 1 
ATOM   522  N  N   . LEU A 1 64  ? -5.143  3.563   -4.561  1.00 9.32  ? 64  LEU A N   1 
ATOM   523  C  CA  . LEU A 1 64  ? -4.792  3.274   -3.173  1.00 8.27  ? 64  LEU A CA  1 
ATOM   524  C  C   . LEU A 1 64  ? -5.934  3.656   -2.231  1.00 8.70  ? 64  LEU A C   1 
ATOM   525  O  O   . LEU A 1 64  ? -6.188  2.966   -1.244  1.00 7.93  ? 64  LEU A O   1 
ATOM   526  C  CB  . LEU A 1 64  ? -3.508  4.014   -2.771  1.00 8.35  ? 64  LEU A CB  1 
ATOM   527  C  CG  . LEU A 1 64  ? -2.207  3.384   -3.280  1.00 7.61  ? 64  LEU A CG  1 
ATOM   528  C  CD1 . LEU A 1 64  ? -1.053  4.362   -3.068  1.00 9.08  ? 64  LEU A CD1 1 
ATOM   529  C  CD2 . LEU A 1 64  ? -1.943  2.059   -2.548  1.00 7.93  ? 64  LEU A CD2 1 
ATOM   530  N  N   A MET A 1 65  ? -6.619  4.750   -2.546  0.60 9.40  ? 65  MET A N   1 
ATOM   531  N  N   B MET A 1 65  ? -6.617  4.756   -2.533  0.40 8.58  ? 65  MET A N   1 
ATOM   532  C  CA  A MET A 1 65  ? -7.734  5.221   -1.729  0.60 10.56 ? 65  MET A CA  1 
ATOM   533  C  CA  B MET A 1 65  ? -7.734  5.203   -1.704  0.40 8.97  ? 65  MET A CA  1 
ATOM   534  C  C   A MET A 1 65  ? -8.800  4.133   -1.610  0.60 10.06 ? 65  MET A C   1 
ATOM   535  C  C   B MET A 1 65  ? -8.792  4.112   -1.599  0.40 9.29  ? 65  MET A C   1 
ATOM   536  O  O   A MET A 1 65  ? -9.353  3.906   -0.535  0.60 10.54 ? 65  MET A O   1 
ATOM   537  O  O   B MET A 1 65  ? -9.337  3.866   -0.524  0.40 10.00 ? 65  MET A O   1 
ATOM   538  C  CB  A MET A 1 65  ? -8.349  6.477   -2.356  0.60 13.40 ? 65  MET A CB  1 
ATOM   539  C  CB  B MET A 1 65  ? -8.374  6.463   -2.291  0.40 9.46  ? 65  MET A CB  1 
ATOM   540  C  CG  A MET A 1 65  ? -9.463  7.107   -1.530  0.60 16.47 ? 65  MET A CG  1 
ATOM   541  C  CG  B MET A 1 65  ? -7.637  7.755   -1.989  0.40 8.79  ? 65  MET A CG  1 
ATOM   542  S  SD  A MET A 1 65  ? -8.861  7.895   -0.028  0.60 21.13 ? 65  MET A SD  1 
ATOM   543  S  SD  B MET A 1 65  ? -7.579  8.178   -0.229  0.40 8.04  ? 65  MET A SD  1 
ATOM   544  C  CE  A MET A 1 65  ? -8.882  9.594   -0.537  0.60 21.26 ? 65  MET A CE  1 
ATOM   545  C  CE  B MET A 1 65  ? -6.309  9.439   -0.278  0.40 11.75 ? 65  MET A CE  1 
ATOM   546  N  N   . GLU A 1 66  ? -9.073  3.456   -2.720  1.00 9.68  ? 66  GLU A N   1 
ATOM   547  C  CA  . GLU A 1 66  ? -10.075 2.396   -2.745  1.00 10.31 ? 66  GLU A CA  1 
ATOM   548  C  C   . GLU A 1 66  ? -9.568  1.104   -2.110  1.00 9.96  ? 66  GLU A C   1 
ATOM   549  O  O   . GLU A 1 66  ? -10.257 0.480   -1.302  1.00 11.46 ? 66  GLU A O   1 
ATOM   550  C  CB  . GLU A 1 66  ? -10.517 2.129   -4.186  1.00 10.80 ? 66  GLU A CB  1 
ATOM   551  C  CG  . GLU A 1 66  ? -11.697 1.172   -4.291  1.00 12.18 ? 66  GLU A CG  1 
ATOM   552  C  CD  . GLU A 1 66  ? -12.167 0.957   -5.722  1.00 13.31 ? 66  GLU A CD  1 
ATOM   553  O  OE1 . GLU A 1 66  ? -11.856 1.790   -6.597  1.00 14.03 ? 66  GLU A OE1 1 
ATOM   554  O  OE2 . GLU A 1 66  ? -12.866 -0.048  -5.968  1.00 14.40 ? 66  GLU A OE2 1 
ATOM   555  N  N   . TYR A 1 67  ? -8.356  0.710   -2.476  1.00 9.40  ? 67  TYR A N   1 
ATOM   556  C  CA  . TYR A 1 67  ? -7.755  -0.506  -1.941  1.00 9.20  ? 67  TYR A CA  1 
ATOM   557  C  C   . TYR A 1 67  ? -7.653  -0.491  -0.424  1.00 9.77  ? 67  TYR A C   1 
ATOM   558  O  O   . TYR A 1 67  ? -8.031  -1.452  0.245   1.00 10.03 ? 67  TYR A O   1 
ATOM   559  C  CB  . TYR A 1 67  ? -6.359  -0.688  -2.527  1.00 8.57  ? 67  TYR A CB  1 
ATOM   560  C  CG  . TYR A 1 67  ? -5.614  -1.891  -1.996  1.00 8.14  ? 67  TYR A CG  1 
ATOM   561  C  CD1 . TYR A 1 67  ? -6.102  -3.181  -2.201  1.00 8.90  ? 67  TYR A CD1 1 
ATOM   562  C  CD2 . TYR A 1 67  ? -4.396  -1.743  -1.334  1.00 9.14  ? 67  TYR A CD2 1 
ATOM   563  C  CE1 . TYR A 1 67  ? -5.389  -4.298  -1.763  1.00 8.97  ? 67  TYR A CE1 1 
ATOM   564  C  CE2 . TYR A 1 67  ? -3.675  -2.850  -0.897  1.00 9.70  ? 67  TYR A CE2 1 
ATOM   565  C  CZ  . TYR A 1 67  ? -4.177  -4.125  -1.118  1.00 10.56 ? 67  TYR A CZ  1 
ATOM   566  O  OH  . TYR A 1 67  ? -3.460  -5.228  -0.729  1.00 10.80 ? 67  TYR A OH  1 
ATOM   567  N  N   . LEU A 1 68  ? -7.151  0.607   0.121   1.00 10.42 ? 68  LEU A N   1 
ATOM   568  C  CA  . LEU A 1 68  ? -6.968  0.699   1.560   1.00 9.56  ? 68  LEU A CA  1 
ATOM   569  C  C   . LEU A 1 68  ? -8.258  0.790   2.366   1.00 10.07 ? 68  LEU A C   1 
ATOM   570  O  O   . LEU A 1 68  ? -8.251  0.586   3.578   1.00 10.36 ? 68  LEU A O   1 
ATOM   571  C  CB  . LEU A 1 68  ? -6.023  1.859   1.883   1.00 10.87 ? 68  LEU A CB  1 
ATOM   572  C  CG  . LEU A 1 68  ? -4.642  1.647   1.250   1.00 10.51 ? 68  LEU A CG  1 
ATOM   573  C  CD1 . LEU A 1 68  ? -3.730  2.830   1.547   1.00 11.76 ? 68  LEU A CD1 1 
ATOM   574  C  CD2 . LEU A 1 68  ? -4.042  0.353   1.783   1.00 12.45 ? 68  LEU A CD2 1 
ATOM   575  N  N   . GLU A 1 69  ? -9.371  1.078   1.702   1.00 10.06 ? 69  GLU A N   1 
ATOM   576  C  CA  . GLU A 1 69  ? -10.639 1.140   2.415   1.00 11.93 ? 69  GLU A CA  1 
ATOM   577  C  C   . GLU A 1 69  ? -11.111 -0.285  2.713   1.00 11.12 ? 69  GLU A C   1 
ATOM   578  O  O   . GLU A 1 69  ? -11.726 -0.549  3.750   1.00 11.06 ? 69  GLU A O   1 
ATOM   579  C  CB  . GLU A 1 69  ? -11.696 1.868   1.584   1.00 13.33 ? 69  GLU A CB  1 
ATOM   580  C  CG  . GLU A 1 69  ? -12.984 2.118   2.347   1.00 18.57 ? 69  GLU A CG  1 
ATOM   581  C  CD  . GLU A 1 69  ? -14.054 2.777   1.501   1.00 22.65 ? 69  GLU A CD  1 
ATOM   582  O  OE1 . GLU A 1 69  ? -15.058 3.242   2.081   1.00 25.73 ? 69  GLU A OE1 1 
ATOM   583  O  OE2 . GLU A 1 69  ? -13.901 2.824   0.262   1.00 24.74 ? 69  GLU A OE2 1 
ATOM   584  N  N   . ASN A 1 70  ? -10.810 -1.197  1.796   1.00 10.84 ? 70  ASN A N   1 
ATOM   585  C  CA  . ASN A 1 70  ? -11.193 -2.598  1.935   1.00 11.35 ? 70  ASN A CA  1 
ATOM   586  C  C   . ASN A 1 70  ? -10.372 -3.395  0.923   1.00 10.52 ? 70  ASN A C   1 
ATOM   587  O  O   . ASN A 1 70  ? -10.784 -3.589  -0.223  1.00 10.50 ? 70  ASN A O   1 
ATOM   588  C  CB  . ASN A 1 70  ? -12.697 -2.747  1.666   1.00 12.21 ? 70  ASN A CB  1 
ATOM   589  C  CG  . ASN A 1 70  ? -13.229 -4.122  2.030   1.00 14.25 ? 70  ASN A CG  1 
ATOM   590  O  OD1 . ASN A 1 70  ? -14.425 -4.284  2.288   1.00 18.55 ? 70  ASN A OD1 1 
ATOM   591  N  ND2 . ASN A 1 70  ? -12.352 -5.116  2.042   1.00 12.43 ? 70  ASN A ND2 1 
ATOM   592  N  N   . PRO A 1 71  ? -9.180  -3.853  1.338   1.00 9.98  ? 71  PRO A N   1 
ATOM   593  C  CA  . PRO A 1 71  ? -8.275  -4.628  0.483   1.00 10.18 ? 71  PRO A CA  1 
ATOM   594  C  C   . PRO A 1 71  ? -8.901  -5.825  -0.236  1.00 10.50 ? 71  PRO A C   1 
ATOM   595  O  O   . PRO A 1 71  ? -8.763  -5.968  -1.450  1.00 10.18 ? 71  PRO A O   1 
ATOM   596  C  CB  . PRO A 1 71  ? -7.169  -5.042  1.449   1.00 9.32  ? 71  PRO A CB  1 
ATOM   597  C  CG  . PRO A 1 71  ? -7.089  -3.857  2.364   1.00 9.58  ? 71  PRO A CG  1 
ATOM   598  C  CD  . PRO A 1 71  ? -8.546  -3.557  2.637   1.00 9.53  ? 71  PRO A CD  1 
ATOM   599  N  N   . LYS A 1 72  ? -9.592  -6.676  0.516   1.00 11.44 ? 72  LYS A N   1 
ATOM   600  C  CA  . LYS A 1 72  ? -10.223 -7.869  -0.045  1.00 13.33 ? 72  LYS A CA  1 
ATOM   601  C  C   . LYS A 1 72  ? -11.284 -7.580  -1.107  1.00 13.04 ? 72  LYS A C   1 
ATOM   602  O  O   . LYS A 1 72  ? -11.487 -8.374  -2.031  1.00 13.28 ? 72  LYS A O   1 
ATOM   603  C  CB  . LYS A 1 72  ? -10.848 -8.701  1.076   1.00 15.93 ? 72  LYS A CB  1 
ATOM   604  C  CG  . LYS A 1 72  ? -9.855  -9.496  1.905   1.00 20.89 ? 72  LYS A CG  1 
ATOM   605  C  CD  . LYS A 1 72  ? -9.168  -10.550 1.057   0.60 22.27 ? 72  LYS A CD  1 
ATOM   606  C  CE  . LYS A 1 72  ? -8.477  -11.603 1.902   0.60 22.45 ? 72  LYS A CE  1 
ATOM   607  N  NZ  . LYS A 1 72  ? -8.071  -12.779 1.086   0.60 24.72 ? 72  LYS A NZ  1 
ATOM   608  N  N   . LYS A 1 73  ? -11.969 -6.452  -0.971  1.00 12.59 ? 73  LYS A N   1 
ATOM   609  C  CA  . LYS A 1 73  ? -13.007 -6.099  -1.928  1.00 12.33 ? 73  LYS A CA  1 
ATOM   610  C  C   . LYS A 1 73  ? -12.392 -5.668  -3.253  1.00 11.79 ? 73  LYS A C   1 
ATOM   611  O  O   . LYS A 1 73  ? -12.894 -6.017  -4.319  1.00 11.83 ? 73  LYS A O   1 
ATOM   612  C  CB  . LYS A 1 73  ? -13.884 -4.982  -1.360  1.00 14.13 ? 73  LYS A CB  1 
ATOM   613  C  CG  . LYS A 1 73  ? -15.067 -4.605  -2.239  1.00 17.55 ? 73  LYS A CG  1 
ATOM   614  C  CD  . LYS A 1 73  ? -16.034 -3.680  -1.509  1.00 21.21 ? 73  LYS A CD  1 
ATOM   615  C  CE  . LYS A 1 73  ? -16.649 -4.373  -0.296  1.00 23.85 ? 73  LYS A CE  1 
ATOM   616  N  NZ  . LYS A 1 73  ? -17.650 -3.520  0.413   1.00 26.69 ? 73  LYS A NZ  1 
ATOM   617  N  N   . TYR A 1 74  ? -11.293 -4.922  -3.181  1.00 10.46 ? 74  TYR A N   1 
ATOM   618  C  CA  . TYR A 1 74  ? -10.618 -4.437  -4.381  1.00 10.16 ? 74  TYR A CA  1 
ATOM   619  C  C   . TYR A 1 74  ? -9.834  -5.545  -5.078  1.00 9.18  ? 74  TYR A C   1 
ATOM   620  O  O   . TYR A 1 74  ? -9.774  -5.592  -6.302  1.00 11.21 ? 74  TYR A O   1 
ATOM   621  C  CB  . TYR A 1 74  ? -9.679  -3.288  -4.019  1.00 9.81  ? 74  TYR A CB  1 
ATOM   622  C  CG  . TYR A 1 74  ? -9.186  -2.493  -5.205  1.00 9.80  ? 74  TYR A CG  1 
ATOM   623  C  CD1 . TYR A 1 74  ? -10.082 -1.858  -6.066  1.00 10.97 ? 74  TYR A CD1 1 
ATOM   624  C  CD2 . TYR A 1 74  ? -7.825  -2.338  -5.440  1.00 10.02 ? 74  TYR A CD2 1 
ATOM   625  C  CE1 . TYR A 1 74  ? -9.626  -1.086  -7.130  1.00 10.50 ? 74  TYR A CE1 1 
ATOM   626  C  CE2 . TYR A 1 74  ? -7.358  -1.568  -6.498  1.00 10.30 ? 74  TYR A CE2 1 
ATOM   627  C  CZ  . TYR A 1 74  ? -8.263  -0.945  -7.338  1.00 10.54 ? 74  TYR A CZ  1 
ATOM   628  O  OH  . TYR A 1 74  ? -7.797  -0.189  -8.384  1.00 11.63 ? 74  TYR A OH  1 
ATOM   629  N  N   . ILE A 1 75  ? -9.228  -6.433  -4.292  1.00 8.68  ? 75  ILE A N   1 
ATOM   630  C  CA  . ILE A 1 75  ? -8.468  -7.548  -4.852  1.00 10.18 ? 75  ILE A CA  1 
ATOM   631  C  C   . ILE A 1 75  ? -8.877  -8.856  -4.176  1.00 10.28 ? 75  ILE A C   1 
ATOM   632  O  O   . ILE A 1 75  ? -8.198  -9.356  -3.272  1.00 10.47 ? 75  ILE A O   1 
ATOM   633  C  CB  . ILE A 1 75  ? -6.943  -7.336  -4.693  1.00 9.57  ? 75  ILE A CB  1 
ATOM   634  C  CG1 . ILE A 1 75  ? -6.535  -6.025  -5.371  1.00 10.68 ? 75  ILE A CG1 1 
ATOM   635  C  CG2 . ILE A 1 75  ? -6.182  -8.506  -5.319  1.00 10.69 ? 75  ILE A CG2 1 
ATOM   636  C  CD1 . ILE A 1 75  ? -5.054  -5.717  -5.300  1.00 9.84  ? 75  ILE A CD1 1 
ATOM   637  N  N   . PRO A 1 76  ? -10.009 -9.427  -4.602  1.00 10.77 ? 76  PRO A N   1 
ATOM   638  C  CA  . PRO A 1 76  ? -10.491 -10.683 -4.023  1.00 10.89 ? 76  PRO A CA  1 
ATOM   639  C  C   . PRO A 1 76  ? -9.417  -11.771 -4.086  1.00 10.73 ? 76  PRO A C   1 
ATOM   640  O  O   . PRO A 1 76  ? -8.829  -12.015 -5.136  1.00 11.73 ? 76  PRO A O   1 
ATOM   641  C  CB  . PRO A 1 76  ? -11.706 -11.012 -4.885  1.00 11.79 ? 76  PRO A CB  1 
ATOM   642  C  CG  . PRO A 1 76  ? -12.224 -9.648  -5.259  1.00 11.47 ? 76  PRO A CG  1 
ATOM   643  C  CD  . PRO A 1 76  ? -10.957 -8.906  -5.605  1.00 11.37 ? 76  PRO A CD  1 
ATOM   644  N  N   . GLY A 1 77  ? -9.159  -12.407 -2.950  1.00 10.63 ? 77  GLY A N   1 
ATOM   645  C  CA  . GLY A 1 77  ? -8.165  -13.461 -2.903  1.00 10.39 ? 77  GLY A CA  1 
ATOM   646  C  C   . GLY A 1 77  ? -6.792  -13.003 -2.445  1.00 9.28  ? 77  GLY A C   1 
ATOM   647  O  O   . GLY A 1 77  ? -5.890  -13.820 -2.287  1.00 10.77 ? 77  GLY A O   1 
ATOM   648  N  N   . THR A 1 78  ? -6.624  -11.703 -2.233  0.50 6.08  ? 78  THR A N   1 
ATOM   649  C  CA  . THR A 1 78  ? -5.336  -11.187 -1.789  0.50 5.44  ? 78  THR A CA  1 
ATOM   650  C  C   . THR A 1 78  ? -4.945  -11.845 -0.472  0.50 4.82  ? 78  THR A C   1 
ATOM   651  O  O   . THR A 1 78  ? -5.808  -12.176 0.337   0.50 3.82  ? 78  THR A O   1 
ATOM   652  C  CB  . THR A 1 78  ? -5.383  -9.664  -1.574  0.50 3.47  ? 78  THR A CB  1 
ATOM   653  O  OG1 . THR A 1 78  ? -4.086  -9.200  -1.186  0.50 3.60  ? 78  THR A OG1 1 
ATOM   654  C  CG2 . THR A 1 78  ? -6.377  -9.312  -0.483  0.50 4.49  ? 78  THR A CG2 1 
ATOM   655  N  N   . LYS A 1 79  ? -3.650  -12.046 -0.253  1.00 7.49  ? 79  LYS A N   1 
ATOM   656  C  CA  . LYS A 1 79  ? -3.218  -12.650 1.001   1.00 8.60  ? 79  LYS A CA  1 
ATOM   657  C  C   . LYS A 1 79  ? -2.829  -11.594 2.026   1.00 9.27  ? 79  LYS A C   1 
ATOM   658  O  O   . LYS A 1 79  ? -2.297  -11.913 3.092   1.00 10.35 ? 79  LYS A O   1 
ATOM   659  C  CB  . LYS A 1 79  ? -2.068  -13.639 0.779   1.00 9.68  ? 79  LYS A CB  1 
ATOM   660  C  CG  . LYS A 1 79  ? -0.791  -13.058 0.219   1.00 11.92 ? 79  LYS A CG  1 
ATOM   661  C  CD  . LYS A 1 79  ? 0.251   -14.158 0.066   1.00 14.24 ? 79  LYS A CD  1 
ATOM   662  C  CE  . LYS A 1 79  ? 1.508   -13.649 -0.622  1.00 14.10 ? 79  LYS A CE  1 
ATOM   663  N  NZ  . LYS A 1 79  ? 2.559   -14.706 -0.681  1.00 17.50 ? 79  LYS A NZ  1 
ATOM   664  N  N   . MET A 1 80  ? -3.095  -10.333 1.700   1.00 8.73  ? 80  MET A N   1 
ATOM   665  C  CA  . MET A 1 80  ? -2.813  -9.246  2.629   1.00 9.44  ? 80  MET A CA  1 
ATOM   666  C  C   . MET A 1 80  ? -3.918  -9.267  3.670   1.00 10.25 ? 80  MET A C   1 
ATOM   667  O  O   . MET A 1 80  ? -5.085  -9.069  3.341   1.00 10.86 ? 80  MET A O   1 
ATOM   668  C  CB  . MET A 1 80  ? -2.818  -7.886  1.918   1.00 8.99  ? 80  MET A CB  1 
ATOM   669  C  CG  . MET A 1 80  ? -2.864  -6.694  2.880   1.00 8.33  ? 80  MET A CG  1 
ATOM   670  S  SD  . MET A 1 80  ? -2.258  -5.149  2.148   1.00 8.25  ? 80  MET A SD  1 
ATOM   671  C  CE  . MET A 1 80  ? -3.398  -3.955  2.898   1.00 9.86  ? 80  MET A CE  1 
ATOM   672  N  N   . ILE A 1 81  ? -3.552  -9.524  4.920   1.00 11.33 ? 81  ILE A N   1 
ATOM   673  C  CA  . ILE A 1 81  ? -4.527  -9.557  5.997   1.00 12.77 ? 81  ILE A CA  1 
ATOM   674  C  C   . ILE A 1 81  ? -4.599  -8.187  6.656   1.00 12.95 ? 81  ILE A C   1 
ATOM   675  O  O   . ILE A 1 81  ? -3.778  -7.847  7.509   1.00 14.67 ? 81  ILE A O   1 
ATOM   676  C  CB  . ILE A 1 81  ? -4.153  -10.603 7.064   1.00 15.15 ? 81  ILE A CB  1 
ATOM   677  C  CG1 . ILE A 1 81  ? -3.941  -11.966 6.399   1.00 15.27 ? 81  ILE A CG1 1 
ATOM   678  C  CG2 . ILE A 1 81  ? -5.257  -10.691 8.114   1.00 14.92 ? 81  ILE A CG2 1 
ATOM   679  C  CD1 . ILE A 1 81  ? -5.127  -12.455 5.581   1.00 18.51 ? 81  ILE A CD1 1 
ATOM   680  N  N   . PHE A 1 82  ? -5.582  -7.402  6.236   1.00 12.16 ? 82  PHE A N   1 
ATOM   681  C  CA  . PHE A 1 82  ? -5.804  -6.068  6.772   1.00 12.10 ? 82  PHE A CA  1 
ATOM   682  C  C   . PHE A 1 82  ? -7.246  -5.694  6.459   1.00 12.69 ? 82  PHE A C   1 
ATOM   683  O  O   . PHE A 1 82  ? -7.649  -5.671  5.296   1.00 12.80 ? 82  PHE A O   1 
ATOM   684  C  CB  . PHE A 1 82  ? -4.855  -5.058  6.131   1.00 12.11 ? 82  PHE A CB  1 
ATOM   685  C  CG  . PHE A 1 82  ? -5.003  -3.675  6.684   1.00 10.49 ? 82  PHE A CG  1 
ATOM   686  C  CD1 . PHE A 1 82  ? -4.636  -3.397  7.998   1.00 12.62 ? 82  PHE A CD1 1 
ATOM   687  C  CD2 . PHE A 1 82  ? -5.561  -2.664  5.914   1.00 11.25 ? 82  PHE A CD2 1 
ATOM   688  C  CE1 . PHE A 1 82  ? -4.827  -2.128  8.537   1.00 12.38 ? 82  PHE A CE1 1 
ATOM   689  C  CE2 . PHE A 1 82  ? -5.759  -1.392  6.442   1.00 10.65 ? 82  PHE A CE2 1 
ATOM   690  C  CZ  . PHE A 1 82  ? -5.393  -1.123  7.759   1.00 12.07 ? 82  PHE A CZ  1 
ATOM   691  N  N   . ALA A 1 83  ? -8.014  -5.399  7.505   1.00 13.11 ? 83  ALA A N   1 
ATOM   692  C  CA  . ALA A 1 83  ? -9.427  -5.052  7.371   1.00 14.09 ? 83  ALA A CA  1 
ATOM   693  C  C   . ALA A 1 83  ? -9.705  -3.821  6.517   1.00 13.64 ? 83  ALA A C   1 
ATOM   694  O  O   . ALA A 1 83  ? -10.684 -3.784  5.768   1.00 15.17 ? 83  ALA A O   1 
ATOM   695  C  CB  . ALA A 1 83  ? -10.039 -4.865  8.756   1.00 14.72 ? 83  ALA A CB  1 
ATOM   696  N  N   . GLY A 1 84  ? -8.850  -2.813  6.640   1.00 12.33 ? 84  GLY A N   1 
ATOM   697  C  CA  . GLY A 1 84  ? -9.031  -1.588  5.886   1.00 13.35 ? 84  GLY A CA  1 
ATOM   698  C  C   . GLY A 1 84  ? -9.152  -0.392  6.812   1.00 12.99 ? 84  GLY A C   1 
ATOM   699  O  O   . GLY A 1 84  ? -9.345  -0.543  8.020   1.00 12.48 ? 84  GLY A O   1 
ATOM   700  N  N   . ILE A 1 85  ? -9.026  0.801   6.244   1.00 12.16 ? 85  ILE A N   1 
ATOM   701  C  CA  . ILE A 1 85  ? -9.134  2.034   7.009   1.00 13.67 ? 85  ILE A CA  1 
ATOM   702  C  C   . ILE A 1 85  ? -10.438 2.703   6.586   1.00 13.85 ? 85  ILE A C   1 
ATOM   703  O  O   . ILE A 1 85  ? -10.595 3.093   5.434   1.00 13.01 ? 85  ILE A O   1 
ATOM   704  C  CB  . ILE A 1 85  ? -7.936  2.959   6.718   1.00 12.60 ? 85  ILE A CB  1 
ATOM   705  C  CG1 . ILE A 1 85  ? -6.643  2.266   7.166   1.00 14.16 ? 85  ILE A CG1 1 
ATOM   706  C  CG2 . ILE A 1 85  ? -8.112  4.294   7.435   1.00 13.83 ? 85  ILE A CG2 1 
ATOM   707  C  CD1 . ILE A 1 85  ? -5.377  3.032   6.842   1.00 15.45 ? 85  ILE A CD1 1 
ATOM   708  N  N   . LYS A 1 86  ? -11.371 2.820   7.527   1.00 15.70 ? 86  LYS A N   1 
ATOM   709  C  CA  . LYS A 1 86  ? -12.682 3.402   7.256   1.00 17.35 ? 86  LYS A CA  1 
ATOM   710  C  C   . LYS A 1 86  ? -12.709 4.901   6.966   1.00 16.53 ? 86  LYS A C   1 
ATOM   711  O  O   . LYS A 1 86  ? -13.345 5.338   6.008   1.00 17.13 ? 86  LYS A O   1 
ATOM   712  C  CB  . LYS A 1 86  ? -13.627 3.101   8.428   1.00 20.38 ? 86  LYS A CB  1 
ATOM   713  C  CG  . LYS A 1 86  ? -15.016 3.710   8.290   1.00 25.09 ? 86  LYS A CG  1 
ATOM   714  C  CD  . LYS A 1 86  ? -15.855 3.440   9.531   1.00 27.50 ? 86  LYS A CD  1 
ATOM   715  C  CE  . LYS A 1 86  ? -17.240 4.057   9.411   1.00 29.79 ? 86  LYS A CE  1 
ATOM   716  N  NZ  . LYS A 1 86  ? -17.996 3.506   8.251   1.00 31.64 ? 86  LYS A NZ  1 
ATOM   717  N  N   . LYS A 1 87  ? -12.025 5.684   7.789   1.00 16.85 ? 87  LYS A N   1 
ATOM   718  C  CA  . LYS A 1 87  ? -12.018 7.134   7.622   1.00 17.04 ? 87  LYS A CA  1 
ATOM   719  C  C   . LYS A 1 87  ? -11.301 7.647   6.378   1.00 16.56 ? 87  LYS A C   1 
ATOM   720  O  O   . LYS A 1 87  ? -10.124 7.365   6.163   1.00 15.77 ? 87  LYS A O   1 
ATOM   721  C  CB  . LYS A 1 87  ? -11.422 7.788   8.865   1.00 19.00 ? 87  LYS A CB  1 
ATOM   722  C  CG  . LYS A 1 87  ? -12.244 7.551   10.122  1.00 22.91 ? 87  LYS A CG  1 
ATOM   723  C  CD  . LYS A 1 87  ? -11.673 8.308   11.307  1.00 25.07 ? 87  LYS A CD  1 
ATOM   724  C  CE  . LYS A 1 87  ? -11.595 9.803   11.024  1.00 27.43 ? 87  LYS A CE  1 
ATOM   725  N  NZ  . LYS A 1 87  ? -12.923 10.394  10.693  1.00 29.68 ? 87  LYS A NZ  1 
ATOM   726  N  N   . LYS A 1 88  ? -12.022 8.413   5.562   1.00 14.92 ? 88  LYS A N   1 
ATOM   727  C  CA  . LYS A 1 88  ? -11.464 8.977   4.338   1.00 14.96 ? 88  LYS A CA  1 
ATOM   728  C  C   . LYS A 1 88  ? -10.210 9.798   4.634   1.00 14.02 ? 88  LYS A C   1 
ATOM   729  O  O   . LYS A 1 88  ? -9.191  9.658   3.959   1.00 13.06 ? 88  LYS A O   1 
ATOM   730  C  CB  . LYS A 1 88  ? -12.494 9.872   3.637   1.00 15.75 ? 88  LYS A CB  1 
ATOM   731  C  CG  . LYS A 1 88  ? -12.012 10.425  2.301   1.00 19.38 ? 88  LYS A CG  1 
ATOM   732  C  CD  . LYS A 1 88  ? -13.035 11.344  1.632   1.00 22.48 ? 88  LYS A CD  1 
ATOM   733  C  CE  . LYS A 1 88  ? -13.161 12.676  2.361   1.00 25.14 ? 88  LYS A CE  1 
ATOM   734  N  NZ  . LYS A 1 88  ? -14.009 13.652  1.612   1.00 26.57 ? 88  LYS A NZ  1 
ATOM   735  N  N   . GLY A 1 89  ? -10.298 10.656  5.645   1.00 13.28 ? 89  GLY A N   1 
ATOM   736  C  CA  . GLY A 1 89  ? -9.166  11.493  6.007   1.00 13.41 ? 89  GLY A CA  1 
ATOM   737  C  C   . GLY A 1 89  ? -7.913  10.726  6.385   1.00 12.93 ? 89  GLY A C   1 
ATOM   738  O  O   . GLY A 1 89  ? -6.795  11.134  6.044   1.00 12.10 ? 89  GLY A O   1 
ATOM   739  N  N   . GLU A 1 90  ? -8.088  9.617   7.094   1.00 11.99 ? 90  GLU A N   1 
ATOM   740  C  CA  . GLU A 1 90  ? -6.952  8.808   7.510   1.00 12.05 ? 90  GLU A CA  1 
ATOM   741  C  C   . GLU A 1 90  ? -6.291  8.180   6.286   1.00 11.20 ? 90  GLU A C   1 
ATOM   742  O  O   . GLU A 1 90  ? -5.066  8.100   6.208   1.00 10.85 ? 90  GLU A O   1 
ATOM   743  C  CB  . GLU A 1 90  ? -7.397  7.748   8.524   1.00 14.05 ? 90  GLU A CB  1 
ATOM   744  C  CG  . GLU A 1 90  ? -8.110  8.362   9.730   1.00 16.65 ? 90  GLU A CG  1 
ATOM   745  C  CD  . GLU A 1 90  ? -8.356  7.377   10.860  1.00 19.24 ? 90  GLU A CD  1 
ATOM   746  O  OE1 . GLU A 1 90  ? -8.579  6.180   10.583  1.00 20.72 ? 90  GLU A OE1 1 
ATOM   747  O  OE2 . GLU A 1 90  ? -8.337  7.807   12.033  1.00 21.03 ? 90  GLU A OE2 1 
ATOM   748  N  N   A ARG A 1 91  ? -7.104  7.741   5.330   0.50 10.77 ? 91  ARG A N   1 
ATOM   749  N  N   B ARG A 1 91  ? -7.098  7.733   5.330   0.50 10.86 ? 91  ARG A N   1 
ATOM   750  C  CA  A ARG A 1 91  ? -6.568  7.147   4.109   0.50 10.70 ? 91  ARG A CA  1 
ATOM   751  C  CA  B ARG A 1 91  ? -6.544  7.146   4.117   0.50 10.86 ? 91  ARG A CA  1 
ATOM   752  C  C   A ARG A 1 91  ? -5.808  8.211   3.325   0.50 10.19 ? 91  ARG A C   1 
ATOM   753  C  C   B ARG A 1 91  ? -5.798  8.215   3.326   0.50 10.28 ? 91  ARG A C   1 
ATOM   754  O  O   A ARG A 1 91  ? -4.754  7.933   2.751   0.50 9.49  ? 91  ARG A O   1 
ATOM   755  O  O   B ARG A 1 91  ? -4.746  7.945   2.747   0.50 9.54  ? 91  ARG A O   1 
ATOM   756  C  CB  A ARG A 1 91  ? -7.691  6.565   3.242   0.50 10.56 ? 91  ARG A CB  1 
ATOM   757  C  CB  B ARG A 1 91  ? -7.653  6.531   3.262   0.50 10.92 ? 91  ARG A CB  1 
ATOM   758  C  CG  A ARG A 1 91  ? -8.384  5.349   3.842   0.50 11.86 ? 91  ARG A CG  1 
ATOM   759  C  CG  B ARG A 1 91  ? -8.033  5.116   3.674   0.50 12.64 ? 91  ARG A CG  1 
ATOM   760  C  CD  A ARG A 1 91  ? -9.183  4.585   2.789   0.50 13.04 ? 91  ARG A CD  1 
ATOM   761  C  CD  B ARG A 1 91  ? -9.202  4.609   2.853   0.50 14.03 ? 91  ARG A CD  1 
ATOM   762  N  NE  A ARG A 1 91  ? -10.314 5.350   2.262   0.50 14.63 ? 91  ARG A NE  1 
ATOM   763  N  NE  B ARG A 1 91  ? -10.444 5.265   3.248   0.50 16.44 ? 91  ARG A NE  1 
ATOM   764  C  CZ  A ARG A 1 91  ? -11.459 5.541   2.910   0.50 15.99 ? 91  ARG A CZ  1 
ATOM   765  C  CZ  B ARG A 1 91  ? -11.507 5.395   2.463   0.50 17.11 ? 91  ARG A CZ  1 
ATOM   766  N  NH1 A ARG A 1 91  ? -12.431 6.253   2.353   0.50 17.03 ? 91  ARG A NH1 1 
ATOM   767  N  NH1 B ARG A 1 91  ? -11.483 4.914   1.228   0.50 18.06 ? 91  ARG A NH1 1 
ATOM   768  N  NH2 A ARG A 1 91  ? -11.640 5.011   4.112   0.50 16.48 ? 91  ARG A NH2 1 
ATOM   769  N  NH2 B ARG A 1 91  ? -12.595 6.003   2.916   0.50 17.40 ? 91  ARG A NH2 1 
ATOM   770  N  N   . GLU A 1 92  ? -6.339  9.432   3.309   1.00 10.11 ? 92  GLU A N   1 
ATOM   771  C  CA  . GLU A 1 92  ? -5.695  10.532  2.595   1.00 11.04 ? 92  GLU A CA  1 
ATOM   772  C  C   . GLU A 1 92  ? -4.331  10.827  3.205   1.00 9.96  ? 92  GLU A C   1 
ATOM   773  O  O   . GLU A 1 92  ? -3.351  11.012  2.485   1.00 8.95  ? 92  GLU A O   1 
ATOM   774  C  CB  . GLU A 1 92  ? -6.568  11.794  2.634   1.00 12.58 ? 92  GLU A CB  1 
ATOM   775  C  CG  . GLU A 1 92  ? -7.801  11.714  1.749   1.00 16.21 ? 92  GLU A CG  1 
ATOM   776  C  CD  . GLU A 1 92  ? -8.731  12.901  1.914   1.00 18.68 ? 92  GLU A CD  1 
ATOM   777  O  OE1 . GLU A 1 92  ? -9.665  13.039  1.095   1.00 21.28 ? 92  GLU A OE1 1 
ATOM   778  O  OE2 . GLU A 1 92  ? -8.540  13.689  2.864   1.00 21.37 ? 92  GLU A OE2 1 
ATOM   779  N  N   . ASP A 1 93  ? -4.266  10.852  4.533   1.00 9.65  ? 93  ASP A N   1 
ATOM   780  C  CA  . ASP A 1 93  ? -3.006  11.117  5.220   1.00 9.55  ? 93  ASP A CA  1 
ATOM   781  C  C   . ASP A 1 93  ? -1.982  10.018  4.932   1.00 8.87  ? 93  ASP A C   1 
ATOM   782  O  O   . ASP A 1 93  ? -0.831  10.295  4.589   1.00 8.32  ? 93  ASP A O   1 
ATOM   783  C  CB  . ASP A 1 93  ? -3.230  11.228  6.735   1.00 11.22 ? 93  ASP A CB  1 
ATOM   784  C  CG  . ASP A 1 93  ? -4.119  12.399  7.110   1.00 12.73 ? 93  ASP A CG  1 
ATOM   785  O  OD1 . ASP A 1 93  ? -4.201  13.363  6.317   1.00 14.60 ? 93  ASP A OD1 1 
ATOM   786  O  OD2 . ASP A 1 93  ? -4.727  12.359  8.201   1.00 16.32 ? 93  ASP A OD2 1 
ATOM   787  N  N   . LEU A 1 94  ? -2.407  8.769   5.073   1.00 7.18  ? 94  LEU A N   1 
ATOM   788  C  CA  . LEU A 1 94  ? -1.525  7.631   4.829   1.00 7.69  ? 94  LEU A CA  1 
ATOM   789  C  C   . LEU A 1 94  ? -0.998  7.629   3.396   1.00 7.21  ? 94  LEU A C   1 
ATOM   790  O  O   . LEU A 1 94  ? 0.182   7.361   3.157   1.00 7.00  ? 94  LEU A O   1 
ATOM   791  C  CB  . LEU A 1 94  ? -2.273  6.325   5.093   1.00 8.21  ? 94  LEU A CB  1 
ATOM   792  C  CG  . LEU A 1 94  ? -1.531  5.030   4.762   1.00 8.45  ? 94  LEU A CG  1 
ATOM   793  C  CD1 . LEU A 1 94  ? -0.262  4.913   5.594   1.00 10.13 ? 94  LEU A CD1 1 
ATOM   794  C  CD2 . LEU A 1 94  ? -2.447  3.855   5.036   1.00 8.55  ? 94  LEU A CD2 1 
ATOM   795  N  N   . ILE A 1 95  ? -1.875  7.922   2.444   1.00 7.52  ? 95  ILE A N   1 
ATOM   796  C  CA  . ILE A 1 95  ? -1.475  7.942   1.048   1.00 8.42  ? 95  ILE A CA  1 
ATOM   797  C  C   . ILE A 1 95  ? -0.485  9.073   0.770   1.00 7.78  ? 95  ILE A C   1 
ATOM   798  O  O   . ILE A 1 95  ? 0.431   8.910   -0.029  1.00 9.22  ? 95  ILE A O   1 
ATOM   799  C  CB  . ILE A 1 95  ? -2.719  8.023   0.139   1.00 8.37  ? 95  ILE A CB  1 
ATOM   800  C  CG1 . ILE A 1 95  ? -3.441  6.667   0.194   1.00 10.30 ? 95  ILE A CG1 1 
ATOM   801  C  CG2 . ILE A 1 95  ? -2.327  8.391   -1.295  1.00 10.16 ? 95  ILE A CG2 1 
ATOM   802  C  CD1 . ILE A 1 95  ? -4.754  6.611   -0.528  1.00 10.14 ? 95  ILE A CD1 1 
ATOM   803  N  N   . ALA A 1 96  ? -0.656  10.203  1.451   1.00 7.68  ? 96  ALA A N   1 
ATOM   804  C  CA  . ALA A 1 96  ? 0.257   11.330  1.286   1.00 8.60  ? 96  ALA A CA  1 
ATOM   805  C  C   . ALA A 1 96  ? 1.645   10.913  1.772   1.00 8.01  ? 96  ALA A C   1 
ATOM   806  O  O   . ALA A 1 96  ? 2.659   11.231  1.147   1.00 7.80  ? 96  ALA A O   1 
ATOM   807  C  CB  . ALA A 1 96  ? -0.240  12.537  2.076   1.00 9.00  ? 96  ALA A CB  1 
ATOM   808  N  N   . TYR A 1 97  ? 1.690   10.191  2.889   1.00 7.94  ? 97  TYR A N   1 
ATOM   809  C  CA  . TYR A 1 97  ? 2.964   9.722   3.417   1.00 8.22  ? 97  TYR A CA  1 
ATOM   810  C  C   . TYR A 1 97  ? 3.597   8.714   2.459   1.00 8.46  ? 97  TYR A C   1 
ATOM   811  O  O   . TYR A 1 97  ? 4.794   8.769   2.192   1.00 8.67  ? 97  TYR A O   1 
ATOM   812  C  CB  . TYR A 1 97  ? 2.773   9.069   4.786   1.00 7.60  ? 97  TYR A CB  1 
ATOM   813  C  CG  . TYR A 1 97  ? 4.015   8.367   5.269   1.00 8.77  ? 97  TYR A CG  1 
ATOM   814  C  CD1 . TYR A 1 97  ? 5.140   9.092   5.653   1.00 9.63  ? 97  TYR A CD1 1 
ATOM   815  C  CD2 . TYR A 1 97  ? 4.092   6.977   5.277   1.00 8.96  ? 97  TYR A CD2 1 
ATOM   816  C  CE1 . TYR A 1 97  ? 6.314   8.451   6.029   1.00 10.63 ? 97  TYR A CE1 1 
ATOM   817  C  CE2 . TYR A 1 97  ? 5.263   6.326   5.656   1.00 10.38 ? 97  TYR A CE2 1 
ATOM   818  C  CZ  . TYR A 1 97  ? 6.367   7.070   6.026   1.00 10.42 ? 97  TYR A CZ  1 
ATOM   819  O  OH  . TYR A 1 97  ? 7.534   6.434   6.382   1.00 13.12 ? 97  TYR A OH  1 
ATOM   820  N  N   . LEU A 1 98  ? 2.798   7.785   1.947   1.00 7.65  ? 98  LEU A N   1 
ATOM   821  C  CA  . LEU A 1 98  ? 3.310   6.783   1.018   1.00 8.52  ? 98  LEU A CA  1 
ATOM   822  C  C   . LEU A 1 98  ? 3.875   7.426   -0.248  1.00 8.98  ? 98  LEU A C   1 
ATOM   823  O  O   . LEU A 1 98  ? 4.904   6.991   -0.771  1.00 8.64  ? 98  LEU A O   1 
ATOM   824  C  CB  . LEU A 1 98  ? 2.202   5.798   0.633   1.00 9.77  ? 98  LEU A CB  1 
ATOM   825  C  CG  . LEU A 1 98  ? 1.768   4.801   1.706   1.00 10.87 ? 98  LEU A CG  1 
ATOM   826  C  CD1 . LEU A 1 98  ? 0.502   4.084   1.249   1.00 10.58 ? 98  LEU A CD1 1 
ATOM   827  C  CD2 . LEU A 1 98  ? 2.889   3.804   1.971   1.00 11.05 ? 98  LEU A CD2 1 
ATOM   828  N  N   . LYS A 1 99  ? 3.204   8.467   -0.734  1.00 8.86  ? 99  LYS A N   1 
ATOM   829  C  CA  . LYS A 1 99  ? 3.644   9.155   -1.942  1.00 9.70  ? 99  LYS A CA  1 
ATOM   830  C  C   . LYS A 1 99  ? 5.055   9.697   -1.758  1.00 9.99  ? 99  LYS A C   1 
ATOM   831  O  O   . LYS A 1 99  ? 5.865   9.685   -2.685  1.00 10.76 ? 99  LYS A O   1 
ATOM   832  C  CB  . LYS A 1 99  ? 2.677   10.295  -2.282  1.00 10.65 ? 99  LYS A CB  1 
ATOM   833  C  CG  . LYS A 1 99  ? 2.923   10.925  -3.644  1.00 12.17 ? 99  LYS A CG  1 
ATOM   834  C  CD  . LYS A 1 99  ? 1.832   11.927  -3.989  1.00 15.31 ? 99  LYS A CD  1 
ATOM   835  C  CE  . LYS A 1 99  ? 2.018   12.483  -5.395  1.00 15.67 ? 99  LYS A CE  1 
ATOM   836  N  NZ  . LYS A 1 99  ? 0.933   13.436  -5.755  1.00 17.04 ? 99  LYS A NZ  1 
ATOM   837  N  N   . LYS A 1 100 ? 5.347   10.170  -0.554  1.00 9.43  ? 100 LYS A N   1 
ATOM   838  C  CA  . LYS A 1 100 ? 6.671   10.695  -0.255  1.00 10.56 ? 100 LYS A CA  1 
ATOM   839  C  C   . LYS A 1 100 ? 7.690   9.601   0.073   1.00 10.27 ? 100 LYS A C   1 
ATOM   840  O  O   . LYS A 1 100 ? 8.726   9.482   -0.585  1.00 9.96  ? 100 LYS A O   1 
ATOM   841  C  CB  . LYS A 1 100 ? 6.590   11.670  0.923   1.00 10.58 ? 100 LYS A CB  1 
ATOM   842  C  CG  . LYS A 1 100 ? 7.943   12.142  1.425   1.00 13.66 ? 100 LYS A CG  1 
ATOM   843  C  CD  . LYS A 1 100 ? 7.793   13.099  2.591   1.00 16.12 ? 100 LYS A CD  1 
ATOM   844  C  CE  . LYS A 1 100 ? 9.147   13.509  3.139   1.00 17.25 ? 100 LYS A CE  1 
ATOM   845  N  NZ  . LYS A 1 100 ? 9.007   14.482  4.257   1.00 21.25 ? 100 LYS A NZ  1 
ATOM   846  N  N   . ALA A 1 101 ? 7.375   8.793   1.081   1.00 9.25  ? 101 ALA A N   1 
ATOM   847  C  CA  . ALA A 1 101 ? 8.281   7.750   1.555   1.00 9.17  ? 101 ALA A CA  1 
ATOM   848  C  C   . ALA A 1 101 ? 8.683   6.664   0.566   1.00 9.84  ? 101 ALA A C   1 
ATOM   849  O  O   . ALA A 1 101 ? 9.779   6.109   0.677   1.00 11.04 ? 101 ALA A O   1 
ATOM   850  C  CB  . ALA A 1 101 ? 7.709   7.109   2.816   1.00 9.50  ? 101 ALA A CB  1 
ATOM   851  N  N   . THR A 1 102 ? 7.816   6.346   -0.389  1.00 8.80  ? 102 THR A N   1 
ATOM   852  C  CA  . THR A 1 102 ? 8.145   5.304   -1.351  1.00 9.73  ? 102 THR A CA  1 
ATOM   853  C  C   . THR A 1 102 ? 8.863   5.874   -2.567  1.00 11.13 ? 102 THR A C   1 
ATOM   854  O  O   . THR A 1 102 ? 9.170   5.142   -3.502  1.00 11.90 ? 102 THR A O   1 
ATOM   855  C  CB  . THR A 1 102 ? 6.881   4.534   -1.834  1.00 8.40  ? 102 THR A CB  1 
ATOM   856  O  OG1 . THR A 1 102 ? 6.030   5.416   -2.578  1.00 8.93  ? 102 THR A OG1 1 
ATOM   857  C  CG2 . THR A 1 102 ? 6.107   3.973   -0.646  1.00 9.12  ? 102 THR A CG2 1 
ATOM   858  N  N   . ASN A 1 103 ? 9.139   7.177   -2.540  1.00 13.09 ? 103 ASN A N   1 
ATOM   859  C  CA  . ASN A 1 103 ? 9.814   7.845   -3.649  1.00 15.72 ? 103 ASN A CA  1 
ATOM   860  C  C   . ASN A 1 103 ? 11.118  8.534   -3.239  1.00 17.88 ? 103 ASN A C   1 
ATOM   861  O  O   . ASN A 1 103 ? 11.708  9.265   -4.031  1.00 17.87 ? 103 ASN A O   1 
ATOM   862  C  CB  . ASN A 1 103 ? 8.866   8.871   -4.287  1.00 17.35 ? 103 ASN A CB  1 
ATOM   863  C  CG  . ASN A 1 103 ? 9.415   9.465   -5.577  1.00 19.94 ? 103 ASN A CG  1 
ATOM   864  O  OD1 . ASN A 1 103 ? 9.733   8.745   -6.522  1.00 21.03 ? 103 ASN A OD1 1 
ATOM   865  N  ND2 . ASN A 1 103 ? 9.522   10.789  -5.622  1.00 21.92 ? 103 ASN A ND2 1 
ATOM   866  N  N   . GLU A 1 104 ? 11.573  8.307   -2.010  1.00 20.23 ? 104 GLU A N   1 
ATOM   867  C  CA  . GLU A 1 104 ? 12.816  8.931   -1.558  1.00 24.38 ? 104 GLU A CA  1 
ATOM   868  C  C   . GLU A 1 104 ? 13.993  7.959   -1.529  1.00 26.77 ? 104 GLU A C   1 
ATOM   869  O  O   . GLU A 1 104 ? 14.869  8.122   -0.651  1.00 26.56 ? 104 GLU A O   1 
ATOM   870  C  CB  . GLU A 1 104 ? 12.632  9.551   -0.165  1.00 25.42 ? 104 GLU A CB  1 
ATOM   871  C  CG  . GLU A 1 104 ? 11.980  10.927  -0.178  1.00 29.01 ? 104 GLU A CG  1 
ATOM   872  C  CD  . GLU A 1 104 ? 12.051  11.631  1.168   1.00 30.54 ? 104 GLU A CD  1 
ATOM   873  O  OE1 . GLU A 1 104 ? 11.720  12.836  1.221   1.00 31.65 ? 104 GLU A OE1 1 
ATOM   874  O  OE2 . GLU A 1 104 ? 12.435  10.987  2.168   1.00 30.61 ? 104 GLU A OE2 1 
ATOM   875  O  OXT . GLU A 1 104 ? 14.040  7.060   -2.400  1.00 26.14 ? 104 GLU A OXT 1 
HETATM 876  C  CHA . HEM B 2 .   ? 0.408   -5.973  -0.587  1.00 7.88  ? 500 HEM A CHA 1 
HETATM 877  C  CHB . HEM B 2 .   ? -0.393  -1.657  1.245   1.00 9.26  ? 500 HEM A CHB 1 
HETATM 878  C  CHC . HEM B 2 .   ? -0.697  -3.543  5.666   1.00 8.99  ? 500 HEM A CHC 1 
HETATM 879  C  CHD . HEM B 2 .   ? 0.296   -7.820  3.844   1.00 10.82 ? 500 HEM A CHD 1 
HETATM 880  C  C1A . HEM B 2 .   ? 0.202   -4.606  -0.492  1.00 7.41  ? 500 HEM A C1A 1 
HETATM 881  C  C2A . HEM B 2 .   ? 0.153   -3.737  -1.599  1.00 7.67  ? 500 HEM A C2A 1 
HETATM 882  C  C3A . HEM B 2 .   ? -0.061  -2.516  -1.081  1.00 6.82  ? 500 HEM A C3A 1 
HETATM 883  C  C4A . HEM B 2 .   ? -0.153  -2.622  0.362   1.00 7.24  ? 500 HEM A C4A 1 
HETATM 884  C  CMA . HEM B 2 .   ? -0.211  -1.194  -1.850  1.00 7.03  ? 500 HEM A CMA 1 
HETATM 885  C  CAA . HEM B 2 .   ? 0.294   -4.078  -3.066  1.00 7.72  ? 500 HEM A CAA 1 
HETATM 886  C  CBA . HEM B 2 .   ? 1.722   -4.037  -3.515  1.00 8.59  ? 500 HEM A CBA 1 
HETATM 887  C  CGA . HEM B 2 .   ? 1.980   -4.368  -4.982  1.00 6.93  ? 500 HEM A CGA 1 
HETATM 888  O  O1A . HEM B 2 .   ? 1.025   -4.690  -5.747  1.00 8.60  ? 500 HEM A O1A 1 
HETATM 889  O  O2A . HEM B 2 .   ? 3.110   -4.315  -5.356  1.00 8.12  ? 500 HEM A O2A 1 
HETATM 890  C  C1B . HEM B 2 .   ? -0.559  -1.769  2.636   1.00 9.60  ? 500 HEM A C1B 1 
HETATM 891  C  C2B . HEM B 2 .   ? -0.880  -0.668  3.502   1.00 10.75 ? 500 HEM A C2B 1 
HETATM 892  C  C3B . HEM B 2 .   ? -1.002  -1.289  4.802   1.00 10.52 ? 500 HEM A C3B 1 
HETATM 893  C  C4B . HEM B 2 .   ? -0.708  -2.627  4.625   1.00 8.73  ? 500 HEM A C4B 1 
HETATM 894  C  CMB . HEM B 2 .   ? -1.072  0.757   3.106   1.00 13.82 ? 500 HEM A CMB 1 
HETATM 895  C  CAB . HEM B 2 .   ? -1.368  -0.624  5.997   1.00 9.68  ? 500 HEM A CAB 1 
HETATM 896  C  CBB . HEM B 2 .   ? -2.546  -0.013  6.163   1.00 9.60  ? 500 HEM A CBB 1 
HETATM 897  C  C1C . HEM B 2 .   ? -0.432  -4.874  5.539   1.00 8.89  ? 500 HEM A C1C 1 
HETATM 898  C  C2C . HEM B 2 .   ? -0.439  -5.788  6.685   1.00 10.63 ? 500 HEM A C2C 1 
HETATM 899  C  C3C . HEM B 2 .   ? -0.149  -7.074  6.181   1.00 13.09 ? 500 HEM A C3C 1 
HETATM 900  C  C4C . HEM B 2 .   ? 0.024   -6.831  4.703   1.00 10.75 ? 500 HEM A C4C 1 
HETATM 901  C  CMC . HEM B 2 .   ? -0.724  -5.389  8.139   1.00 10.99 ? 500 HEM A CMC 1 
HETATM 902  C  CAC . HEM B 2 .   ? -0.060  -8.262  6.858   1.00 17.66 ? 500 HEM A CAC 1 
HETATM 903  C  CBC . HEM B 2 .   ? -0.612  -8.899  7.846   1.00 16.67 ? 500 HEM A CBC 1 
HETATM 904  C  C1D . HEM B 2 .   ? 0.421   -7.688  2.477   1.00 9.85  ? 500 HEM A C1D 1 
HETATM 905  C  C2D . HEM B 2 .   ? 0.673   -8.851  1.586   1.00 10.26 ? 500 HEM A C2D 1 
HETATM 906  C  C3D . HEM B 2 .   ? 0.679   -8.325  0.319   1.00 9.62  ? 500 HEM A C3D 1 
HETATM 907  C  C4D . HEM B 2 .   ? 0.466   -6.866  0.454   1.00 8.55  ? 500 HEM A C4D 1 
HETATM 908  C  CMD . HEM B 2 .   ? 0.841   -10.288 2.076   1.00 9.54  ? 500 HEM A CMD 1 
HETATM 909  C  CAD . HEM B 2 .   ? 0.846   -9.120  -0.951  1.00 8.58  ? 500 HEM A CAD 1 
HETATM 910  C  CBD . HEM B 2 .   ? -0.548  -9.692  -1.218  1.00 10.58 ? 500 HEM A CBD 1 
HETATM 911  C  CGD . HEM B 2 .   ? -0.783  -10.569 -2.380  1.00 9.84  ? 500 HEM A CGD 1 
HETATM 912  O  O1D . HEM B 2 .   ? -1.980  -10.923 -2.628  1.00 11.59 ? 500 HEM A O1D 1 
HETATM 913  O  O2D . HEM B 2 .   ? 0.154   -10.974 -3.074  1.00 10.47 ? 500 HEM A O2D 1 
HETATM 914  N  NA  . HEM B 2 .   ? 0.016   -3.929  0.722   1.00 6.94  ? 500 HEM A NA  1 
HETATM 915  N  NB  . HEM B 2 .   ? -0.448  -2.938  3.278   1.00 8.47  ? 500 HEM A NB  1 
HETATM 916  N  NC  . HEM B 2 .   ? -0.145  -5.544  4.371   1.00 8.68  ? 500 HEM A NC  1 
HETATM 917  N  ND  . HEM B 2 .   ? 0.312   -6.545  1.776   1.00 7.33  ? 500 HEM A ND  1 
HETATM 918  FE FE  . HEM B 2 .   ? -0.034  -4.732  2.544   1.00 7.37  ? 500 HEM A FE  1 
HETATM 919  O  O   . HOH C 3 .   ? 7.799   -13.934 -1.164  1.00 9.59  ? 201 HOH A O   1 
HETATM 920  O  O   . HOH C 3 .   ? 4.019   15.893  0.460   1.00 13.87 ? 202 HOH A O   1 
HETATM 921  O  O   . HOH C 3 .   ? -3.128  -7.315  -2.676  1.00 11.57 ? 203 HOH A O   1 
HETATM 922  O  O   . HOH C 3 .   ? 3.110   13.442  -0.431  1.00 10.63 ? 204 HOH A O   1 
HETATM 923  O  O   . HOH C 3 .   ? 3.831   -3.628  -7.817  1.00 11.14 ? 205 HOH A O   1 
HETATM 924  O  O   . HOH C 3 .   ? -2.184  -17.392 -6.227  1.00 12.11 ? 206 HOH A O   1 
HETATM 925  O  O   . HOH C 3 .   ? 8.440   -5.225  3.014   1.00 8.92  ? 207 HOH A O   1 
HETATM 926  O  O   . HOH C 3 .   ? -2.338  -3.553  10.932  1.00 12.84 ? 208 HOH A O   1 
HETATM 927  O  O   . HOH C 3 .   ? -4.655  5.905   -8.906  1.00 11.12 ? 209 HOH A O   1 
HETATM 928  O  O   . HOH C 3 .   ? 6.253   -9.156  8.242   1.00 13.36 ? 210 HOH A O   1 
HETATM 929  O  O   . HOH C 3 .   ? -12.008 -1.703  -1.703  1.00 13.23 ? 211 HOH A O   1 
HETATM 930  O  O   . HOH C 3 .   ? -1.207  12.158  -1.690  1.00 12.98 ? 212 HOH A O   1 
HETATM 931  O  O   . HOH C 3 .   ? -9.386  -6.769  3.398   1.00 16.82 ? 213 HOH A O   1 
HETATM 932  O  O   . HOH C 3 .   ? 1.093   15.554  -3.422  1.00 18.08 ? 214 HOH A O   1 
HETATM 933  O  O   . HOH C 3 .   ? -4.068  4.320   -11.217 1.00 17.52 ? 215 HOH A O   1 
HETATM 934  O  O   . HOH C 3 .   ? 5.552   8.554   -5.176  1.00 12.04 ? 216 HOH A O   1 
HETATM 935  O  O   . HOH C 3 .   ? -0.862  -10.732 5.281   1.00 12.15 ? 217 HOH A O   1 
HETATM 936  O  O   . HOH C 3 .   ? 1.613   17.141  4.518   1.00 11.19 ? 218 HOH A O   1 
HETATM 937  O  O   . HOH C 3 .   ? 6.336   5.782   -5.379  1.00 11.43 ? 219 HOH A O   1 
HETATM 938  O  O   . HOH C 3 .   ? 11.577  6.495   2.805   1.00 15.59 ? 220 HOH A O   1 
HETATM 939  O  O   . HOH C 3 .   ? -9.646  0.813   -10.226 1.00 12.64 ? 221 HOH A O   1 
HETATM 940  O  O   . HOH C 3 .   ? -5.840  -15.953 -3.951  1.00 13.50 ? 222 HOH A O   1 
HETATM 941  O  O   . HOH C 3 .   ? 3.552   17.745  6.236   1.00 12.29 ? 223 HOH A O   1 
HETATM 942  O  O   . HOH C 3 .   ? 10.771  3.686   6.913   1.00 14.03 ? 224 HOH A O   1 
HETATM 943  O  O   . HOH C 3 .   ? 5.272   -2.880  -4.157  1.00 14.31 ? 225 HOH A O   1 
HETATM 944  O  O   . HOH C 3 .   ? -5.518  -15.671 -0.352  1.00 16.99 ? 226 HOH A O   1 
HETATM 945  O  O   . HOH C 3 .   ? 3.535   -1.981  13.087  1.00 15.42 ? 227 HOH A O   1 
HETATM 946  O  O   . HOH C 3 .   ? 2.066   17.224  1.756   1.00 12.95 ? 228 HOH A O   1 
HETATM 947  O  O   . HOH C 3 .   ? -3.462  11.993  -0.028  1.00 17.01 ? 229 HOH A O   1 
HETATM 948  O  O   . HOH C 3 .   ? 1.082   -3.041  14.651  1.00 15.48 ? 230 HOH A O   1 
HETATM 949  O  O   . HOH C 3 .   ? -0.265  16.131  0.691   1.00 13.36 ? 231 HOH A O   1 
HETATM 950  O  O   . HOH C 3 .   ? 15.112  -3.577  5.030   1.00 14.39 ? 232 HOH A O   1 
HETATM 951  O  O   . HOH C 3 .   ? -11.958 1.910   -9.295  1.00 15.97 ? 233 HOH A O   1 
HETATM 952  O  O   . HOH C 3 .   ? 0.186   16.874  11.799  1.00 16.08 ? 234 HOH A O   1 
HETATM 953  O  O   . HOH C 3 .   ? -10.694 6.071   -5.232  1.00 14.65 ? 235 HOH A O   1 
HETATM 954  O  O   . HOH C 3 .   ? -0.464  -7.538  11.394  1.00 19.01 ? 236 HOH A O   1 
HETATM 955  O  O   . HOH C 3 .   ? -2.048  9.811   12.367  1.00 16.70 ? 237 HOH A O   1 
HETATM 956  O  O   . HOH C 3 .   ? 10.372  1.045   6.052   1.00 16.33 ? 238 HOH A O   1 
HETATM 957  O  O   . HOH C 3 .   ? 13.077  -0.510  7.523   1.00 20.17 ? 239 HOH A O   1 
HETATM 958  O  O   . HOH C 3 .   ? 13.854  -9.129  0.655   1.00 16.29 ? 240 HOH A O   1 
HETATM 959  O  O   . HOH C 3 .   ? 7.559   -10.452 -7.845  1.00 17.47 ? 241 HOH A O   1 
HETATM 960  O  O   . HOH C 3 .   ? 14.493  5.197   -0.202  1.00 16.75 ? 242 HOH A O   1 
HETATM 961  O  O   . HOH C 3 .   ? 8.504   1.528   11.653  1.00 19.32 ? 243 HOH A O   1 
HETATM 962  O  O   . HOH C 3 .   ? 4.417   9.867   -7.278  1.00 17.69 ? 244 HOH A O   1 
HETATM 963  O  O   . HOH C 3 .   ? 8.833   -0.421  7.687   1.00 16.18 ? 245 HOH A O   1 
HETATM 964  O  O   . HOH C 3 .   ? -6.798  -5.376  10.151  1.00 17.59 ? 246 HOH A O   1 
HETATM 965  O  O   . HOH C 3 .   ? 13.707  -3.161  7.594   1.00 17.45 ? 247 HOH A O   1 
HETATM 966  O  O   . HOH C 3 .   ? 16.081  -1.084  4.945   1.00 16.98 ? 248 HOH A O   1 
HETATM 967  O  O   . HOH C 3 .   ? 4.902   13.605  -2.325  1.00 18.95 ? 249 HOH A O   1 
HETATM 968  O  O   . HOH C 3 .   ? 0.129   6.419   -10.341 1.00 21.35 ? 250 HOH A O   1 
HETATM 969  O  O   . HOH C 3 .   ? -10.616 -1.037  -11.948 1.00 18.65 ? 251 HOH A O   1 
HETATM 970  O  O   . HOH C 3 .   ? 9.909   -12.396 -0.400  1.00 20.90 ? 252 HOH A O   1 
HETATM 971  O  O   . HOH C 3 .   ? 8.101   2.236   8.970   1.00 16.05 ? 253 HOH A O   1 
HETATM 972  O  O   . HOH C 3 .   ? -0.453  -12.734 7.122   1.00 26.64 ? 254 HOH A O   1 
HETATM 973  O  O   . HOH C 3 .   ? 11.924  -10.540 5.743   1.00 21.95 ? 255 HOH A O   1 
HETATM 974  O  O   . HOH C 3 .   ? -13.404 -1.983  -4.253  1.00 17.38 ? 256 HOH A O   1 
HETATM 975  O  O   . HOH C 3 .   ? -0.807  -6.360  -12.646 1.00 18.83 ? 257 HOH A O   1 
HETATM 976  O  O   . HOH C 3 .   ? 13.514  -1.263  -3.437  1.00 18.40 ? 258 HOH A O   1 
HETATM 977  O  O   . HOH C 3 .   ? -2.969  -7.949  9.992   1.00 18.50 ? 259 HOH A O   1 
HETATM 978  O  O   . HOH C 3 .   ? 12.450  5.250   5.059   1.00 18.38 ? 260 HOH A O   1 
HETATM 979  O  O   . HOH C 3 .   ? 14.565  -7.810  -1.589  1.00 21.91 ? 261 HOH A O   1 
HETATM 980  O  O   . HOH C 3 .   ? -10.780 4.824   10.129  1.00 22.68 ? 262 HOH A O   1 
HETATM 981  O  O   . HOH C 3 .   ? -4.010  -5.650  10.679  1.00 22.17 ? 263 HOH A O   1 
HETATM 982  O  O   . HOH C 3 .   ? -1.249  18.354  -0.821  1.00 24.06 ? 264 HOH A O   1 
HETATM 983  O  O   . HOH C 3 .   ? -14.871 8.616   5.877   1.00 23.65 ? 265 HOH A O   1 
HETATM 984  O  O   . HOH C 3 .   ? 3.399   -13.418 2.304   1.00 24.16 ? 266 HOH A O   1 
HETATM 985  O  O   . HOH C 3 .   ? -14.180 -0.171  -0.662  1.00 20.13 ? 267 HOH A O   1 
HETATM 986  O  O   . HOH C 3 .   ? 14.402  0.706   9.489   1.00 31.44 ? 268 HOH A O   1 
HETATM 987  O  O   . HOH C 3 .   ? 11.447  -3.684  9.130   1.00 23.91 ? 269 HOH A O   1 
HETATM 988  O  O   . HOH C 3 .   ? 9.700   7.977   6.371   1.00 25.23 ? 270 HOH A O   1 
HETATM 989  O  O   . HOH C 3 .   ? -7.510  -0.212  10.343  1.00 21.42 ? 271 HOH A O   1 
HETATM 990  O  O   . HOH C 3 .   ? -9.163  -11.005 -7.672  1.00 19.18 ? 272 HOH A O   1 
HETATM 991  O  O   . HOH C 3 .   ? -7.544  -9.462  3.587   1.00 27.52 ? 273 HOH A O   1 
HETATM 992  O  O   . HOH C 3 .   ? -5.949  4.654   10.488  1.00 19.85 ? 274 HOH A O   1 
HETATM 993  O  O   . HOH C 3 .   ? 11.645  5.236   -0.989  1.00 22.57 ? 275 HOH A O   1 
HETATM 994  O  O   . HOH C 3 .   ? 9.621   -12.019 2.522   1.00 28.40 ? 276 HOH A O   1 
HETATM 995  O  O   . HOH C 3 .   ? 5.677   -14.452 0.416   1.00 24.50 ? 277 HOH A O   1 
HETATM 996  O  O   . HOH C 3 .   ? -11.260 4.376   -7.127  1.00 26.61 ? 278 HOH A O   1 
HETATM 997  O  O   . HOH C 3 .   ? -6.158  -13.831 -11.331 1.00 24.11 ? 279 HOH A O   1 
HETATM 998  O  O   . HOH C 3 .   ? -1.106  9.335   -7.907  1.00 23.48 ? 280 HOH A O   1 
HETATM 999  O  O   . HOH C 3 .   ? 4.425   -1.520  -13.744 1.00 21.67 ? 281 HOH A O   1 
HETATM 1000 O  O   . HOH C 3 .   ? 4.865   -13.017 -7.819  1.00 21.59 ? 282 HOH A O   1 
HETATM 1001 O  O   . HOH C 3 .   ? -2.238  11.565  14.429  1.00 26.08 ? 283 HOH A O   1 
HETATM 1002 O  O   . HOH C 3 .   ? -0.586  18.596  4.365   1.00 25.42 ? 284 HOH A O   1 
HETATM 1003 O  O   . HOH C 3 .   ? -2.070  6.198   -12.171 1.00 22.38 ? 285 HOH A O   1 
HETATM 1004 O  O   . HOH C 3 .   ? -12.902 -6.124  -7.159  1.00 25.15 ? 286 HOH A O   1 
HETATM 1005 O  O   . HOH C 3 .   ? 12.972  6.982   7.066   1.00 25.60 ? 287 HOH A O   1 
HETATM 1006 O  O   . HOH C 3 .   ? 8.465   4.675   8.004   1.00 20.11 ? 288 HOH A O   1 
HETATM 1007 O  O   . HOH C 3 .   ? 14.131  7.120   2.446   1.00 22.41 ? 289 HOH A O   1 
HETATM 1008 O  O   . HOH C 3 .   ? 1.140   14.443  13.128  1.00 24.08 ? 290 HOH A O   1 
HETATM 1009 O  O   . HOH C 3 .   ? -15.224 3.825   4.623   1.00 22.86 ? 291 HOH A O   1 
HETATM 1010 O  O   . HOH C 3 .   ? -14.491 1.273   -9.997  1.00 26.07 ? 292 HOH A O   1 
HETATM 1011 O  O   . HOH C 3 .   ? 8.187   2.840   -10.011 1.00 25.88 ? 293 HOH A O   1 
HETATM 1012 O  O   . HOH C 3 .   ? -8.923  10.657  12.370  1.00 27.70 ? 294 HOH A O   1 
HETATM 1013 O  O   . HOH C 3 .   ? -1.302  5.990   -14.686 1.00 24.31 ? 295 HOH A O   1 
HETATM 1014 O  O   . HOH C 3 .   ? 9.031   -4.050  -11.433 1.00 22.37 ? 296 HOH A O   1 
HETATM 1015 O  O   . HOH C 3 .   ? 9.335   6.188   10.168  1.00 28.91 ? 297 HOH A O   1 
HETATM 1016 O  O   . HOH C 3 .   ? 6.783   12.308  -3.902  1.00 25.22 ? 298 HOH A O   1 
HETATM 1017 O  O   . HOH C 3 .   ? -13.340 0.121   6.070   1.00 28.58 ? 299 HOH A O   1 
HETATM 1018 O  O   . HOH C 3 .   ? -3.282  18.554  8.799   1.00 25.85 ? 300 HOH A O   1 
HETATM 1019 O  O   . HOH C 3 .   ? -8.849  -7.295  -12.510 1.00 29.40 ? 301 HOH A O   1 
HETATM 1020 O  O   . HOH C 3 .   ? -7.646  -3.669  -14.270 1.00 30.25 ? 302 HOH A O   1 
HETATM 1021 O  O   . HOH C 3 .   ? 14.604  -10.547 7.078   1.00 22.08 ? 303 HOH A O   1 
HETATM 1022 O  O   . HOH C 3 .   ? -15.272 -7.670  -4.713  1.00 25.50 ? 304 HOH A O   1 
HETATM 1023 O  O   . HOH C 3 .   ? 7.524   -10.989 9.841   1.00 24.97 ? 305 HOH A O   1 
HETATM 1024 O  O   . HOH C 3 .   ? -10.178 -3.892  -11.893 1.00 26.23 ? 306 HOH A O   1 
HETATM 1025 O  O   . HOH C 3 .   ? 11.858  3.706   9.678   1.00 29.10 ? 307 HOH A O   1 
HETATM 1026 O  O   . HOH C 3 .   ? -2.905  -10.457 10.833  1.00 26.61 ? 308 HOH A O   1 
HETATM 1027 O  O   . HOH C 3 .   ? 8.627   6.493   -6.733  1.00 26.82 ? 309 HOH A O   1 
HETATM 1028 O  O   . HOH C 3 .   ? -6.532  14.301  5.023   1.00 26.82 ? 310 HOH A O   1 
HETATM 1029 O  O   . HOH C 3 .   ? 4.673   -17.126 0.253   1.00 28.14 ? 311 HOH A O   1 
HETATM 1030 O  O   . HOH C 3 .   ? -12.362 4.968   -3.053  1.00 26.72 ? 312 HOH A O   1 
HETATM 1031 O  O   . HOH C 3 .   ? 5.542   12.547  -6.595  1.00 29.25 ? 313 HOH A O   1 
HETATM 1032 O  O   . HOH C 3 .   ? -7.322  -9.747  -9.475  1.00 27.27 ? 314 HOH A O   1 
HETATM 1033 O  O   . HOH C 3 .   ? 13.791  -4.090  -2.285  1.00 30.32 ? 315 HOH A O   1 
HETATM 1034 O  O   . HOH C 3 .   ? 3.037   4.551   -14.776 1.00 27.24 ? 316 HOH A O   1 
HETATM 1035 O  O   . HOH C 3 .   ? -3.329  -17.327 0.823   1.00 25.06 ? 317 HOH A O   1 
HETATM 1036 O  O   . HOH C 3 .   ? -11.594 -10.889 -8.691  1.00 29.28 ? 318 HOH A O   1 
HETATM 1037 O  O   . HOH C 3 .   ? 9.764   11.859  -2.134  1.00 23.65 ? 319 HOH A O   1 
HETATM 1038 O  O   . HOH C 3 .   ? -11.345 15.912  0.037   1.00 32.36 ? 320 HOH A O   1 
HETATM 1039 O  O   . HOH C 3 .   ? 4.293   -3.642  -15.397 1.00 27.59 ? 321 HOH A O   1 
HETATM 1040 O  O   . HOH C 3 .   ? -5.003  10.639  10.550  1.00 25.13 ? 322 HOH A O   1 
HETATM 1041 O  O   . HOH C 3 .   ? 12.385  -6.747  10.788  1.00 29.72 ? 323 HOH A O   1 
HETATM 1042 O  O   . HOH C 3 .   ? -13.695 -9.850  -1.624  1.00 28.64 ? 324 HOH A O   1 
HETATM 1043 O  O   . HOH C 3 .   ? 7.083   -13.585 2.984   1.00 27.72 ? 325 HOH A O   1 
HETATM 1044 O  O   . HOH C 3 .   ? 0.866   -16.499 -2.569  1.00 30.49 ? 326 HOH A O   1 
HETATM 1045 O  O   . HOH C 3 .   ? 10.064  -2.935  -4.568  1.00 29.31 ? 327 HOH A O   1 
HETATM 1046 O  O   . HOH C 3 .   ? 5.520   -10.561 -9.778  1.00 27.72 ? 328 HOH A O   1 
HETATM 1047 O  O   . HOH C 3 .   ? -11.369 -1.543  9.748   1.00 30.49 ? 329 HOH A O   1 
HETATM 1048 O  O   . HOH C 3 .   ? -0.169  20.695  2.791   1.00 28.01 ? 330 HOH A O   1 
HETATM 1049 O  O   . HOH C 3 .   ? -13.613 -1.402  -8.027  1.00 28.10 ? 331 HOH A O   1 
HETATM 1050 O  O   . HOH C 3 .   ? 5.577   8.348   13.174  1.00 26.41 ? 332 HOH A O   1 
HETATM 1051 O  O   . HOH C 3 .   ? 3.835   13.864  13.870  1.00 28.25 ? 333 HOH A O   1 
HETATM 1052 O  O   . HOH C 3 .   ? 4.731   7.495   15.631  1.00 29.51 ? 334 HOH A O   1 
HETATM 1053 O  O   . HOH C 3 .   ? 1.837   -16.920 -9.922  1.00 28.64 ? 335 HOH A O   1 
HETATM 1054 O  O   . HOH C 3 .   ? 4.740   11.983  12.103  1.00 27.49 ? 336 HOH A O   1 
HETATM 1055 O  O   . HOH C 3 .   ? 11.743  -5.474  -4.588  1.00 29.83 ? 337 HOH A O   1 
HETATM 1056 O  O   . HOH C 3 .   ? 9.567   0.301   -9.853  1.00 31.79 ? 338 HOH A O   1 
HETATM 1057 O  O   . HOH C 3 .   ? -1.624  -14.137 4.392   1.00 28.19 ? 339 HOH A O   1 
HETATM 1058 O  O   . HOH C 3 .   ? -2.469  8.917   -9.999  1.00 29.53 ? 340 HOH A O   1 
HETATM 1059 O  O   . HOH C 3 .   ? -5.584  -14.981 2.467   1.00 28.90 ? 341 HOH A O   1 
HETATM 1060 O  O   . HOH C 3 .   ? -2.194  15.066  -4.954  1.00 33.15 ? 342 HOH A O   1 
HETATM 1061 O  O   . HOH C 3 .   ? -1.414  17.944  13.662  1.00 31.70 ? 343 HOH A O   1 
HETATM 1062 O  O   . HOH C 3 .   ? -10.397 2.150   10.191  1.00 30.02 ? 344 HOH A O   1 
HETATM 1063 O  O   . HOH C 3 .   ? -12.366 11.513  7.487   1.00 27.66 ? 345 HOH A O   1 
HETATM 1064 O  O   . HOH C 3 .   ? -3.323  1.404   -15.523 1.00 27.33 ? 346 HOH A O   1 
HETATM 1065 O  O   . HOH C 3 .   ? 0.532   14.170  -1.133  1.00 12.04 ? 347 HOH A O   1 
HETATM 1066 O  O   . HOH C 3 .   ? 5.572   -13.170 10.991  1.00 26.03 ? 350 HOH A O   1 
HETATM 1067 O  O   . HOH C 3 .   ? 2.732   5.534   15.257  1.00 29.82 ? 351 HOH A O   1 
HETATM 1068 O  O   . HOH C 3 .   ? 4.580   -19.686 1.085   1.00 27.34 ? 352 HOH A O   1 
HETATM 1069 O  O   . HOH C 3 .   ? 10.394  8.990   3.867   1.00 29.52 ? 353 HOH A O   1 
HETATM 1070 O  O   . HOH C 3 .   ? 7.855   7.429   12.657  1.00 30.32 ? 354 HOH A O   1 
HETATM 1071 O  O   . HOH C 3 .   ? -15.390 11.435  6.437   1.00 29.97 ? 355 HOH A O   1 
HETATM 1072 O  O   . HOH C 3 .   ? 2.506   8.063   -10.352 1.00 27.64 ? 356 HOH A O   1 
HETATM 1073 O  O   . HOH C 3 .   ? 6.410   4.048   -11.460 1.00 31.46 ? 357 HOH A O   1 
HETATM 1074 O  O   . HOH C 3 .   ? -10.478 -12.376 -0.422  1.00 27.88 ? 358 HOH A O   1 
HETATM 1075 O  O   . HOH C 3 .   ? -12.657 6.964   -0.594  1.00 30.91 ? 359 HOH A O   1 
HETATM 1076 O  O   . HOH C 3 .   ? 3.246   -17.676 -2.425  1.00 31.68 ? 360 HOH A O   1 
HETATM 1077 O  O   . HOH C 3 .   ? 1.861   10.021  -8.297  1.00 30.62 ? 361 HOH A O   1 
HETATM 1078 O  O   . HOH C 3 .   ? -15.948 -1.430  1.677   1.00 31.10 ? 362 HOH A O   1 
HETATM 1079 O  O   . HOH C 3 .   ? 12.281  -1.258  -6.101  1.00 32.45 ? 363 HOH A O   1 
# 
loop_
_pdbx_poly_seq_scheme.asym_id 
_pdbx_poly_seq_scheme.entity_id 
_pdbx_poly_seq_scheme.seq_id 
_pdbx_poly_seq_scheme.mon_id 
_pdbx_poly_seq_scheme.ndb_seq_num 
_pdbx_poly_seq_scheme.pdb_seq_num 
_pdbx_poly_seq_scheme.auth_seq_num 
_pdbx_poly_seq_scheme.pdb_mon_id 
_pdbx_poly_seq_scheme.auth_mon_id 
_pdbx_poly_seq_scheme.pdb_strand_id 
_pdbx_poly_seq_scheme.pdb_ins_code 
_pdbx_poly_seq_scheme.hetero 
A 1 1   GLY 1   1   1   GLY GLY A . n 
A 1 2   ASP 2   2   2   ASP ASP A . n 
A 1 3   VAL 3   3   3   VAL VAL A . n 
A 1 4   GLU 4   4   4   GLU GLU A . n 
A 1 5   LYS 5   5   5   LYS LYS A . n 
A 1 6   GLY 6   6   6   GLY GLY A . n 
A 1 7   LYS 7   7   7   LYS LYS A . n 
A 1 8   LYS 8   8   8   LYS LYS A . n 
A 1 9   ILE 9   9   9   ILE ILE A . n 
A 1 10  PHE 10  10  10  PHE PHE A . n 
A 1 11  VAL 11  11  11  VAL VAL A . n 
A 1 12  GLN 12  12  12  GLN GLN A . n 
A 1 13  LYS 13  13  13  LYS LYS A . n 
A 1 14  CYS 14  14  14  CYS CYS A . n 
A 1 15  ALA 15  15  15  ALA ALA A . n 
A 1 16  GLN 16  16  16  GLN GLN A . n 
A 1 17  CYS 17  17  17  CYS CYS A . n 
A 1 18  HIS 18  18  18  HIS HIS A . n 
A 1 19  THR 19  19  19  THR THR A . n 
A 1 20  VAL 20  20  20  VAL VAL A . n 
A 1 21  GLU 21  21  21  GLU GLU A . n 
A 1 22  LYS 22  22  22  LYS LYS A . n 
A 1 23  GLY 23  23  23  GLY GLY A . n 
A 1 24  GLY 24  24  24  GLY GLY A . n 
A 1 25  LYS 25  25  25  LYS LYS A . n 
A 1 26  HIS 26  26  26  HIS HIS A . n 
A 1 27  LYS 27  27  27  LYS LYS A . n 
A 1 28  THR 28  28  28  THR THR A . n 
A 1 29  GLY 29  29  29  GLY GLY A . n 
A 1 30  PRO 30  30  30  PRO PRO A . n 
A 1 31  ASN 31  31  31  ASN ASN A . n 
A 1 32  LEU 32  32  32  LEU LEU A . n 
A 1 33  HIS 33  33  33  HIS HIS A . n 
A 1 34  GLY 34  34  34  GLY GLY A . n 
A 1 35  LEU 35  35  35  LEU LEU A . n 
A 1 36  PHE 36  36  36  PHE PHE A . n 
A 1 37  GLY 37  37  37  GLY GLY A . n 
A 1 38  ARG 38  38  38  ARG ARG A . n 
A 1 39  LYS 39  39  39  LYS LYS A . n 
A 1 40  THR 40  40  40  THR THR A . n 
A 1 41  GLY 41  41  41  GLY GLY A . n 
A 1 42  GLN 42  42  42  GLN GLN A . n 
A 1 43  ALA 43  43  43  ALA ALA A . n 
A 1 44  PRO 44  44  44  PRO PRO A . n 
A 1 45  GLY 45  45  45  GLY GLY A . n 
A 1 46  PHE 46  46  46  PHE PHE A . n 
A 1 47  SER 47  47  47  SER SER A . n 
A 1 48  TYR 48  48  48  TYR TYR A . n 
A 1 49  THR 49  49  49  THR THR A . n 
A 1 50  ASP 50  50  50  ASP ASP A . n 
A 1 51  ALA 51  51  51  ALA ALA A . n 
A 1 52  ASN 52  52  52  ASN ASN A . n 
A 1 53  LYS 53  53  53  LYS LYS A . n 
A 1 54  ASN 54  54  54  ASN ASN A . n 
A 1 55  LYS 55  55  55  LYS LYS A . n 
A 1 56  GLY 56  56  56  GLY GLY A . n 
A 1 57  ILE 57  57  57  ILE ILE A . n 
A 1 58  THR 58  58  58  THR THR A . n 
A 1 59  TRP 59  59  59  TRP TRP A . n 
A 1 60  GLY 60  60  60  GLY GLY A . n 
A 1 61  GLU 61  61  61  GLU GLU A . n 
A 1 62  GLU 62  62  62  GLU GLU A . n 
A 1 63  THR 63  63  63  THR THR A . n 
A 1 64  LEU 64  64  64  LEU LEU A . n 
A 1 65  MET 65  65  65  MET MET A . n 
A 1 66  GLU 66  66  66  GLU GLU A . n 
A 1 67  TYR 67  67  67  TYR TYR A . n 
A 1 68  LEU 68  68  68  LEU LEU A . n 
A 1 69  GLU 69  69  69  GLU GLU A . n 
A 1 70  ASN 70  70  70  ASN ASN A . n 
A 1 71  PRO 71  71  71  PRO PRO A . n 
A 1 72  LYS 72  72  72  LYS LYS A . n 
A 1 73  LYS 73  73  73  LYS LYS A . n 
A 1 74  TYR 74  74  74  TYR TYR A . n 
A 1 75  ILE 75  75  75  ILE ILE A . n 
A 1 76  PRO 76  76  76  PRO PRO A . n 
A 1 77  GLY 77  77  77  GLY GLY A . n 
A 1 78  THR 78  78  78  THR THR A . n 
A 1 79  LYS 79  79  79  LYS LYS A . n 
A 1 80  MET 80  80  80  MET MET A . n 
A 1 81  ILE 81  81  81  ILE ILE A . n 
A 1 82  PHE 82  82  82  PHE PHE A . n 
A 1 83  ALA 83  83  83  ALA ALA A . n 
A 1 84  GLY 84  84  84  GLY GLY A . n 
A 1 85  ILE 85  85  85  ILE ILE A . n 
A 1 86  LYS 86  86  86  LYS LYS A . n 
A 1 87  LYS 87  87  87  LYS LYS A . n 
A 1 88  LYS 88  88  88  LYS LYS A . n 
A 1 89  GLY 89  89  89  GLY GLY A . n 
A 1 90  GLU 90  90  90  GLU GLU A . n 
A 1 91  ARG 91  91  91  ARG ARG A . n 
A 1 92  GLU 92  92  92  GLU GLU A . n 
A 1 93  ASP 93  93  93  ASP ASP A . n 
A 1 94  LEU 94  94  94  LEU LEU A . n 
A 1 95  ILE 95  95  95  ILE ILE A . n 
A 1 96  ALA 96  96  96  ALA ALA A . n 
A 1 97  TYR 97  97  97  TYR TYR A . n 
A 1 98  LEU 98  98  98  LEU LEU A . n 
A 1 99  LYS 99  99  99  LYS LYS A . n 
A 1 100 LYS 100 100 100 LYS LYS A . n 
A 1 101 ALA 101 101 101 ALA ALA A . n 
A 1 102 THR 102 102 102 THR THR A . n 
A 1 103 ASN 103 103 103 ASN ASN A . n 
A 1 104 GLU 104 104 104 GLU GLU A . n 
# 
loop_
_pdbx_nonpoly_scheme.asym_id 
_pdbx_nonpoly_scheme.entity_id 
_pdbx_nonpoly_scheme.mon_id 
_pdbx_nonpoly_scheme.ndb_seq_num 
_pdbx_nonpoly_scheme.pdb_seq_num 
_pdbx_nonpoly_scheme.auth_seq_num 
_pdbx_nonpoly_scheme.pdb_mon_id 
_pdbx_nonpoly_scheme.auth_mon_id 
_pdbx_nonpoly_scheme.pdb_strand_id 
_pdbx_nonpoly_scheme.pdb_ins_code 
B 2 HEM 1   500 500 HEM HEM A . 
C 3 HOH 1   201 201 HOH HOH A . 
C 3 HOH 2   202 202 HOH HOH A . 
C 3 HOH 3   203 203 HOH HOH A . 
C 3 HOH 4   204 204 HOH HOH A . 
C 3 HOH 5   205 205 HOH HOH A . 
C 3 HOH 6   206 206 HOH HOH A . 
C 3 HOH 7   207 207 HOH HOH A . 
C 3 HOH 8   208 208 HOH HOH A . 
C 3 HOH 9   209 209 HOH HOH A . 
C 3 HOH 10  210 210 HOH HOH A . 
C 3 HOH 11  211 211 HOH HOH A . 
C 3 HOH 12  212 212 HOH HOH A . 
C 3 HOH 13  213 213 HOH HOH A . 
C 3 HOH 14  214 214 HOH HOH A . 
C 3 HOH 15  215 215 HOH HOH A . 
C 3 HOH 16  216 216 HOH HOH A . 
C 3 HOH 17  217 217 HOH HOH A . 
C 3 HOH 18  218 218 HOH HOH A . 
C 3 HOH 19  219 219 HOH HOH A . 
C 3 HOH 20  220 220 HOH HOH A . 
C 3 HOH 21  221 221 HOH HOH A . 
C 3 HOH 22  222 222 HOH HOH A . 
C 3 HOH 23  223 223 HOH HOH A . 
C 3 HOH 24  224 224 HOH HOH A . 
C 3 HOH 25  225 225 HOH HOH A . 
C 3 HOH 26  226 226 HOH HOH A . 
C 3 HOH 27  227 227 HOH HOH A . 
C 3 HOH 28  228 228 HOH HOH A . 
C 3 HOH 29  229 229 HOH HOH A . 
C 3 HOH 30  230 230 HOH HOH A . 
C 3 HOH 31  231 231 HOH HOH A . 
C 3 HOH 32  232 232 HOH HOH A . 
C 3 HOH 33  233 233 HOH HOH A . 
C 3 HOH 34  234 234 HOH HOH A . 
C 3 HOH 35  235 235 HOH HOH A . 
C 3 HOH 36  236 236 HOH HOH A . 
C 3 HOH 37  237 237 HOH HOH A . 
C 3 HOH 38  238 238 HOH HOH A . 
C 3 HOH 39  239 239 HOH HOH A . 
C 3 HOH 40  240 240 HOH HOH A . 
C 3 HOH 41  241 241 HOH HOH A . 
C 3 HOH 42  242 242 HOH HOH A . 
C 3 HOH 43  243 243 HOH HOH A . 
C 3 HOH 44  244 244 HOH HOH A . 
C 3 HOH 45  245 245 HOH HOH A . 
C 3 HOH 46  246 246 HOH HOH A . 
C 3 HOH 47  247 247 HOH HOH A . 
C 3 HOH 48  248 248 HOH HOH A . 
C 3 HOH 49  249 249 HOH HOH A . 
C 3 HOH 50  250 250 HOH HOH A . 
C 3 HOH 51  251 251 HOH HOH A . 
C 3 HOH 52  252 252 HOH HOH A . 
C 3 HOH 53  253 253 HOH HOH A . 
C 3 HOH 54  254 254 HOH HOH A . 
C 3 HOH 55  255 255 HOH HOH A . 
C 3 HOH 56  256 256 HOH HOH A . 
C 3 HOH 57  257 257 HOH HOH A . 
C 3 HOH 58  258 258 HOH HOH A . 
C 3 HOH 59  259 259 HOH HOH A . 
C 3 HOH 60  260 260 HOH HOH A . 
C 3 HOH 61  261 261 HOH HOH A . 
C 3 HOH 62  262 262 HOH HOH A . 
C 3 HOH 63  263 263 HOH HOH A . 
C 3 HOH 64  264 264 HOH HOH A . 
C 3 HOH 65  265 265 HOH HOH A . 
C 3 HOH 66  266 266 HOH HOH A . 
C 3 HOH 67  267 267 HOH HOH A . 
C 3 HOH 68  268 268 HOH HOH A . 
C 3 HOH 69  269 269 HOH HOH A . 
C 3 HOH 70  270 270 HOH HOH A . 
C 3 HOH 71  271 271 HOH HOH A . 
C 3 HOH 72  272 272 HOH HOH A . 
C 3 HOH 73  273 273 HOH HOH A . 
C 3 HOH 74  274 274 HOH HOH A . 
C 3 HOH 75  275 275 HOH HOH A . 
C 3 HOH 76  276 276 HOH HOH A . 
C 3 HOH 77  277 277 HOH HOH A . 
C 3 HOH 78  278 278 HOH HOH A . 
C 3 HOH 79  279 279 HOH HOH A . 
C 3 HOH 80  280 280 HOH HOH A . 
C 3 HOH 81  281 281 HOH HOH A . 
C 3 HOH 82  282 282 HOH HOH A . 
C 3 HOH 83  283 283 HOH HOH A . 
C 3 HOH 84  284 284 HOH HOH A . 
C 3 HOH 85  285 285 HOH HOH A . 
C 3 HOH 86  286 286 HOH HOH A . 
C 3 HOH 87  287 287 HOH HOH A . 
C 3 HOH 88  288 288 HOH HOH A . 
C 3 HOH 89  289 289 HOH HOH A . 
C 3 HOH 90  290 290 HOH HOH A . 
C 3 HOH 91  291 291 HOH HOH A . 
C 3 HOH 92  292 292 HOH HOH A . 
C 3 HOH 93  293 293 HOH HOH A . 
C 3 HOH 94  294 294 HOH HOH A . 
C 3 HOH 95  295 295 HOH HOH A . 
C 3 HOH 96  296 296 HOH HOH A . 
C 3 HOH 97  297 297 HOH HOH A . 
C 3 HOH 98  298 298 HOH HOH A . 
C 3 HOH 99  299 299 HOH HOH A . 
C 3 HOH 100 300 300 HOH HOH A . 
C 3 HOH 101 301 301 HOH HOH A . 
C 3 HOH 102 302 302 HOH HOH A . 
C 3 HOH 103 303 303 HOH HOH A . 
C 3 HOH 104 304 304 HOH HOH A . 
C 3 HOH 105 305 305 HOH HOH A . 
C 3 HOH 106 306 306 HOH HOH A . 
C 3 HOH 107 307 307 HOH HOH A . 
C 3 HOH 108 308 308 HOH HOH A . 
C 3 HOH 109 309 309 HOH HOH A . 
C 3 HOH 110 310 310 HOH HOH A . 
C 3 HOH 111 311 311 HOH HOH A . 
C 3 HOH 112 312 312 HOH HOH A . 
C 3 HOH 113 313 313 HOH HOH A . 
C 3 HOH 114 314 314 HOH HOH A . 
C 3 HOH 115 315 315 HOH HOH A . 
C 3 HOH 116 316 316 HOH HOH A . 
C 3 HOH 117 317 317 HOH HOH A . 
C 3 HOH 118 318 318 HOH HOH A . 
C 3 HOH 119 319 319 HOH HOH A . 
C 3 HOH 120 320 320 HOH HOH A . 
C 3 HOH 121 321 321 HOH HOH A . 
C 3 HOH 122 322 322 HOH HOH A . 
C 3 HOH 123 323 323 HOH HOH A . 
C 3 HOH 124 324 324 HOH HOH A . 
C 3 HOH 125 325 325 HOH HOH A . 
C 3 HOH 126 326 326 HOH HOH A . 
C 3 HOH 127 327 327 HOH HOH A . 
C 3 HOH 128 328 328 HOH HOH A . 
C 3 HOH 129 329 329 HOH HOH A . 
C 3 HOH 130 330 330 HOH HOH A . 
C 3 HOH 131 331 331 HOH HOH A . 
C 3 HOH 132 332 332 HOH HOH A . 
C 3 HOH 133 333 333 HOH HOH A . 
C 3 HOH 134 334 334 HOH HOH A . 
C 3 HOH 135 335 335 HOH HOH A . 
C 3 HOH 136 336 336 HOH HOH A . 
C 3 HOH 137 337 337 HOH HOH A . 
C 3 HOH 138 338 338 HOH HOH A . 
C 3 HOH 139 339 339 HOH HOH A . 
C 3 HOH 140 340 340 HOH HOH A . 
C 3 HOH 141 341 341 HOH HOH A . 
C 3 HOH 142 342 342 HOH HOH A . 
C 3 HOH 143 343 343 HOH HOH A . 
C 3 HOH 144 344 344 HOH HOH A . 
C 3 HOH 145 345 345 HOH HOH A . 
C 3 HOH 146 346 346 HOH HOH A . 
C 3 HOH 147 347 347 HOH HOH A . 
C 3 HOH 148 350 350 HOH HOH A . 
C 3 HOH 149 351 351 HOH HOH A . 
C 3 HOH 150 352 352 HOH HOH A . 
C 3 HOH 151 353 353 HOH HOH A . 
C 3 HOH 152 354 354 HOH HOH A . 
C 3 HOH 153 355 355 HOH HOH A . 
C 3 HOH 154 356 356 HOH HOH A . 
C 3 HOH 155 357 357 HOH HOH A . 
C 3 HOH 156 358 358 HOH HOH A . 
C 3 HOH 157 359 359 HOH HOH A . 
C 3 HOH 158 360 360 HOH HOH A . 
C 3 HOH 159 361 361 HOH HOH A . 
C 3 HOH 160 362 362 HOH HOH A . 
C 3 HOH 161 363 363 HOH HOH A . 
# 
_pdbx_struct_assembly.id                   1 
_pdbx_struct_assembly.details              author_defined_assembly 
_pdbx_struct_assembly.method_details       ? 
_pdbx_struct_assembly.oligomeric_details   monomeric 
_pdbx_struct_assembly.oligomeric_count     1 
# 
_pdbx_struct_assembly_gen.assembly_id       1 
_pdbx_struct_assembly_gen.oper_expression   1 
_pdbx_struct_assembly_gen.asym_id_list      A,B,C 
# 
_pdbx_struct_oper_list.id                   1 
_pdbx_struct_oper_list.type                 'identity operation' 
_pdbx_struct_oper_list.name                 1_555 
_pdbx_struct_oper_list.symmetry_operation   x,y,z 
_pdbx_struct_oper_list.matrix[1][1]         1.0000000000 
_pdbx_struct_oper_list.matrix[1][2]         0.0000000000 
_pdbx_struct_oper_list.matrix[1][3]         0.0000000000 
_pdbx_struct_oper_list.vector[1]            0.0000000000 
_pdbx_struct_oper_list.matrix[2][1]         0.0000000000 
_pdbx_struct_oper_list.matrix[2][2]         1.0000000000 
_pdbx_struct_oper_list.matrix[2][3]         0.0000000000 
_pdbx_struct_oper_list.vector[2]            0.0000000000 
_pdbx_struct_oper_list.matrix[3][1]         0.0000000000 
_pdbx_struct_oper_list.matrix[3][2]         0.0000000000 
_pdbx_struct_oper_list.matrix[3][3]         1.0000000000 
_pdbx_struct_oper_list.vector[3]            0.0000000000 
# 
loop_
_pdbx_struct_conn_angle.id 
_pdbx_struct_conn_angle.ptnr1_label_atom_id 
_pdbx_struct_conn_angle.ptnr1_label_alt_id 
_pdbx_struct_conn_angle.ptnr1_label_asym_id 
_pdbx_struct_conn_angle.ptnr1_label_comp_id 
_pdbx_struct_conn_angle.ptnr1_label_seq_id 
_pdbx_struct_conn_angle.ptnr1_auth_atom_id 
_pdbx_struct_conn_angle.ptnr1_auth_asym_id 
_pdbx_struct_conn_angle.ptnr1_auth_comp_id 
_pdbx_struct_conn_angle.ptnr1_auth_seq_id 
_pdbx_struct_conn_angle.ptnr1_PDB_ins_code 
_pdbx_struct_conn_angle.ptnr1_symmetry 
_pdbx_struct_conn_angle.ptnr2_label_atom_id 
_pdbx_struct_conn_angle.ptnr2_label_alt_id 
_pdbx_struct_conn_angle.ptnr2_label_asym_id 
_pdbx_struct_conn_angle.ptnr2_label_comp_id 
_pdbx_struct_conn_angle.ptnr2_label_seq_id 
_pdbx_struct_conn_angle.ptnr2_auth_atom_id 
_pdbx_struct_conn_angle.ptnr2_auth_asym_id 
_pdbx_struct_conn_angle.ptnr2_auth_comp_id 
_pdbx_struct_conn_angle.ptnr2_auth_seq_id 
_pdbx_struct_conn_angle.ptnr2_PDB_ins_code 
_pdbx_struct_conn_angle.ptnr2_symmetry 
_pdbx_struct_conn_angle.ptnr3_label_atom_id 
_pdbx_struct_conn_angle.ptnr3_label_alt_id 
_pdbx_struct_conn_angle.ptnr3_label_asym_id 
_pdbx_struct_conn_angle.ptnr3_label_comp_id 
_pdbx_struct_conn_angle.ptnr3_label_seq_id 
_pdbx_struct_conn_angle.ptnr3_auth_atom_id 
_pdbx_struct_conn_angle.ptnr3_auth_asym_id 
_pdbx_struct_conn_angle.ptnr3_auth_comp_id 
_pdbx_struct_conn_angle.ptnr3_auth_seq_id 
_pdbx_struct_conn_angle.ptnr3_PDB_ins_code 
_pdbx_struct_conn_angle.ptnr3_symmetry 
_pdbx_struct_conn_angle.value 
_pdbx_struct_conn_angle.value_esd 
1  NE2 ? A HIS 18 ? A HIS 18  ? 1_555 FE ? B HEM . ? A HEM 500 ? 1_555 NA ? B HEM .  ? A HEM 500 ? 1_555 88.1  ? 
2  NE2 ? A HIS 18 ? A HIS 18  ? 1_555 FE ? B HEM . ? A HEM 500 ? 1_555 NB ? B HEM .  ? A HEM 500 ? 1_555 91.5  ? 
3  NA  ? B HEM .  ? A HEM 500 ? 1_555 FE ? B HEM . ? A HEM 500 ? 1_555 NB ? B HEM .  ? A HEM 500 ? 1_555 88.8  ? 
4  NE2 ? A HIS 18 ? A HIS 18  ? 1_555 FE ? B HEM . ? A HEM 500 ? 1_555 NC ? B HEM .  ? A HEM 500 ? 1_555 93.7  ? 
5  NA  ? B HEM .  ? A HEM 500 ? 1_555 FE ? B HEM . ? A HEM 500 ? 1_555 NC ? B HEM .  ? A HEM 500 ? 1_555 178.2 ? 
6  NB  ? B HEM .  ? A HEM 500 ? 1_555 FE ? B HEM . ? A HEM 500 ? 1_555 NC ? B HEM .  ? A HEM 500 ? 1_555 91.0  ? 
7  NE2 ? A HIS 18 ? A HIS 18  ? 1_555 FE ? B HEM . ? A HEM 500 ? 1_555 ND ? B HEM .  ? A HEM 500 ? 1_555 90.6  ? 
8  NA  ? B HEM .  ? A HEM 500 ? 1_555 FE ? B HEM . ? A HEM 500 ? 1_555 ND ? B HEM .  ? A HEM 500 ? 1_555 90.5  ? 
9  NB  ? B HEM .  ? A HEM 500 ? 1_555 FE ? B HEM . ? A HEM 500 ? 1_555 ND ? B HEM .  ? A HEM 500 ? 1_555 177.8 ? 
10 NC  ? B HEM .  ? A HEM 500 ? 1_555 FE ? B HEM . ? A HEM 500 ? 1_555 ND ? B HEM .  ? A HEM 500 ? 1_555 89.6  ? 
11 NE2 ? A HIS 18 ? A HIS 18  ? 1_555 FE ? B HEM . ? A HEM 500 ? 1_555 SD ? A MET 80 ? A MET 80  ? 1_555 173.8 ? 
12 NA  ? B HEM .  ? A HEM 500 ? 1_555 FE ? B HEM . ? A HEM 500 ? 1_555 SD ? A MET 80 ? A MET 80  ? 1_555 86.5  ? 
13 NB  ? B HEM .  ? A HEM 500 ? 1_555 FE ? B HEM . ? A HEM 500 ? 1_555 SD ? A MET 80 ? A MET 80  ? 1_555 91.5  ? 
14 NC  ? B HEM .  ? A HEM 500 ? 1_555 FE ? B HEM . ? A HEM 500 ? 1_555 SD ? A MET 80 ? A MET 80  ? 1_555 91.7  ? 
15 ND  ? B HEM .  ? A HEM 500 ? 1_555 FE ? B HEM . ? A HEM 500 ? 1_555 SD ? A MET 80 ? A MET 80  ? 1_555 86.3  ? 
# 
loop_
_pdbx_audit_revision_history.ordinal 
_pdbx_audit_revision_history.data_content_type 
_pdbx_audit_revision_history.major_revision 
_pdbx_audit_revision_history.minor_revision 
_pdbx_audit_revision_history.revision_date 
1 'Structure model' 1 0 2005-10-11 
2 'Structure model' 1 1 2008-04-30 
3 'Structure model' 1 2 2011-07-13 
4 'Structure model' 1 3 2023-08-23 
# 
_pdbx_audit_revision_details.ordinal             1 
_pdbx_audit_revision_details.revision_ordinal    1 
_pdbx_audit_revision_details.data_content_type   'Structure model' 
_pdbx_audit_revision_details.provider            repository 
_pdbx_audit_revision_details.type                'Initial release' 
_pdbx_audit_revision_details.description         ? 
_pdbx_audit_revision_details.details             ? 
# 
loop_
_pdbx_audit_revision_group.ordinal 
_pdbx_audit_revision_group.revision_ordinal 
_pdbx_audit_revision_group.data_content_type 
_pdbx_audit_revision_group.group 
1 2 'Structure model' 'Version format compliance' 
2 3 'Structure model' 'Version format compliance' 
3 4 'Structure model' 'Data collection'           
4 4 'Structure model' 'Database references'       
5 4 'Structure model' 'Derived calculations'      
6 4 'Structure model' 'Refinement description'    
# 
loop_
_pdbx_audit_revision_category.ordinal 
_pdbx_audit_revision_category.revision_ordinal 
_pdbx_audit_revision_category.data_content_type 
_pdbx_audit_revision_category.category 
1 4 'Structure model' chem_comp_atom                
2 4 'Structure model' chem_comp_bond                
3 4 'Structure model' database_2                    
4 4 'Structure model' pdbx_initial_refinement_model 
5 4 'Structure model' struct_conn                   
6 4 'Structure model' struct_site                   
# 
loop_
_pdbx_audit_revision_item.ordinal 
_pdbx_audit_revision_item.revision_ordinal 
_pdbx_audit_revision_item.data_content_type 
_pdbx_audit_revision_item.item 
1  4 'Structure model' '_database_2.pdbx_DOI'                
2  4 'Structure model' '_database_2.pdbx_database_accession' 
3  4 'Structure model' '_struct_conn.ptnr1_auth_comp_id'     
4  4 'Structure model' '_struct_conn.ptnr1_auth_seq_id'      
5  4 'Structure model' '_struct_conn.ptnr1_label_asym_id'    
6  4 'Structure model' '_struct_conn.ptnr1_label_atom_id'    
7  4 'Structure model' '_struct_conn.ptnr1_label_comp_id'    
8  4 'Structure model' '_struct_conn.ptnr1_label_seq_id'     
9  4 'Structure model' '_struct_conn.ptnr2_auth_comp_id'     
10 4 'Structure model' '_struct_conn.ptnr2_auth_seq_id'      
11 4 'Structure model' '_struct_conn.ptnr2_label_asym_id'    
12 4 'Structure model' '_struct_conn.ptnr2_label_atom_id'    
13 4 'Structure model' '_struct_conn.ptnr2_label_comp_id'    
14 4 'Structure model' '_struct_conn.ptnr2_label_seq_id'     
15 4 'Structure model' '_struct_site.pdbx_auth_asym_id'      
16 4 'Structure model' '_struct_site.pdbx_auth_comp_id'      
17 4 'Structure model' '_struct_site.pdbx_auth_seq_id'       
# 
loop_
_software.name 
_software.classification 
_software.version 
_software.citation_id 
_software.pdbx_ordinal 
CNS      refinement       1.1          ? 1 
HKL-2000 'data reduction' .            ? 2 
CCP4     'data scaling'   '(TRUNCATE)' ? 3 
CNS      phasing          .            ? 4 
# 
loop_
_pdbx_validate_torsion.id 
_pdbx_validate_torsion.PDB_model_num 
_pdbx_validate_torsion.auth_comp_id 
_pdbx_validate_torsion.auth_asym_id 
_pdbx_validate_torsion.auth_seq_id 
_pdbx_validate_torsion.PDB_ins_code 
_pdbx_validate_torsion.label_alt_id 
_pdbx_validate_torsion.phi 
_pdbx_validate_torsion.psi 
1 1 LYS A 27 ? ? -132.03 -133.71 
2 1 ASN A 70 ? ? -164.84 89.34   
# 
loop_
_chem_comp_atom.comp_id 
_chem_comp_atom.atom_id 
_chem_comp_atom.type_symbol 
_chem_comp_atom.pdbx_aromatic_flag 
_chem_comp_atom.pdbx_stereo_config 
_chem_comp_atom.pdbx_ordinal 
ALA N    N  N N 1   
ALA CA   C  N S 2   
ALA C    C  N N 3   
ALA O    O  N N 4   
ALA CB   C  N N 5   
ALA OXT  O  N N 6   
ALA H    H  N N 7   
ALA H2   H  N N 8   
ALA HA   H  N N 9   
ALA HB1  H  N N 10  
ALA HB2  H  N N 11  
ALA HB3  H  N N 12  
ALA HXT  H  N N 13  
ARG N    N  N N 14  
ARG CA   C  N S 15  
ARG C    C  N N 16  
ARG O    O  N N 17  
ARG CB   C  N N 18  
ARG CG   C  N N 19  
ARG CD   C  N N 20  
ARG NE   N  N N 21  
ARG CZ   C  N N 22  
ARG NH1  N  N N 23  
ARG NH2  N  N N 24  
ARG OXT  O  N N 25  
ARG H    H  N N 26  
ARG H2   H  N N 27  
ARG HA   H  N N 28  
ARG HB2  H  N N 29  
ARG HB3  H  N N 30  
ARG HG2  H  N N 31  
ARG HG3  H  N N 32  
ARG HD2  H  N N 33  
ARG HD3  H  N N 34  
ARG HE   H  N N 35  
ARG HH11 H  N N 36  
ARG HH12 H  N N 37  
ARG HH21 H  N N 38  
ARG HH22 H  N N 39  
ARG HXT  H  N N 40  
ASN N    N  N N 41  
ASN CA   C  N S 42  
ASN C    C  N N 43  
ASN O    O  N N 44  
ASN CB   C  N N 45  
ASN CG   C  N N 46  
ASN OD1  O  N N 47  
ASN ND2  N  N N 48  
ASN OXT  O  N N 49  
ASN H    H  N N 50  
ASN H2   H  N N 51  
ASN HA   H  N N 52  
ASN HB2  H  N N 53  
ASN HB3  H  N N 54  
ASN HD21 H  N N 55  
ASN HD22 H  N N 56  
ASN HXT  H  N N 57  
ASP N    N  N N 58  
ASP CA   C  N S 59  
ASP C    C  N N 60  
ASP O    O  N N 61  
ASP CB   C  N N 62  
ASP CG   C  N N 63  
ASP OD1  O  N N 64  
ASP OD2  O  N N 65  
ASP OXT  O  N N 66  
ASP H    H  N N 67  
ASP H2   H  N N 68  
ASP HA   H  N N 69  
ASP HB2  H  N N 70  
ASP HB3  H  N N 71  
ASP HD2  H  N N 72  
ASP HXT  H  N N 73  
CYS N    N  N N 74  
CYS CA   C  N R 75  
CYS C    C  N N 76  
CYS O    O  N N 77  
CYS CB   C  N N 78  
CYS SG   S  N N 79  
CYS OXT  O  N N 80  
CYS H    H  N N 81  
CYS H2   H  N N 82  
CYS HA   H  N N 83  
CYS HB2  H  N N 84  
CYS HB3  H  N N 85  
CYS HG   H  N N 86  
CYS HXT  H  N N 87  
GLN N    N  N N 88  
GLN CA   C  N S 89  
GLN C    C  N N 90  
GLN O    O  N N 91  
GLN CB   C  N N 92  
GLN CG   C  N N 93  
GLN CD   C  N N 94  
GLN OE1  O  N N 95  
GLN NE2  N  N N 96  
GLN OXT  O  N N 97  
GLN H    H  N N 98  
GLN H2   H  N N 99  
GLN HA   H  N N 100 
GLN HB2  H  N N 101 
GLN HB3  H  N N 102 
GLN HG2  H  N N 103 
GLN HG3  H  N N 104 
GLN HE21 H  N N 105 
GLN HE22 H  N N 106 
GLN HXT  H  N N 107 
GLU N    N  N N 108 
GLU CA   C  N S 109 
GLU C    C  N N 110 
GLU O    O  N N 111 
GLU CB   C  N N 112 
GLU CG   C  N N 113 
GLU CD   C  N N 114 
GLU OE1  O  N N 115 
GLU OE2  O  N N 116 
GLU OXT  O  N N 117 
GLU H    H  N N 118 
GLU H2   H  N N 119 
GLU HA   H  N N 120 
GLU HB2  H  N N 121 
GLU HB3  H  N N 122 
GLU HG2  H  N N 123 
GLU HG3  H  N N 124 
GLU HE2  H  N N 125 
GLU HXT  H  N N 126 
GLY N    N  N N 127 
GLY CA   C  N N 128 
GLY C    C  N N 129 
GLY O    O  N N 130 
GLY OXT  O  N N 131 
GLY H    H  N N 132 
GLY H2   H  N N 133 
GLY HA2  H  N N 134 
GLY HA3  H  N N 135 
GLY HXT  H  N N 136 
HEM CHA  C  N N 137 
HEM CHB  C  N N 138 
HEM CHC  C  N N 139 
HEM CHD  C  N N 140 
HEM C1A  C  Y N 141 
HEM C2A  C  Y N 142 
HEM C3A  C  Y N 143 
HEM C4A  C  Y N 144 
HEM CMA  C  N N 145 
HEM CAA  C  N N 146 
HEM CBA  C  N N 147 
HEM CGA  C  N N 148 
HEM O1A  O  N N 149 
HEM O2A  O  N N 150 
HEM C1B  C  N N 151 
HEM C2B  C  N N 152 
HEM C3B  C  N N 153 
HEM C4B  C  N N 154 
HEM CMB  C  N N 155 
HEM CAB  C  N N 156 
HEM CBB  C  N N 157 
HEM C1C  C  Y N 158 
HEM C2C  C  Y N 159 
HEM C3C  C  Y N 160 
HEM C4C  C  Y N 161 
HEM CMC  C  N N 162 
HEM CAC  C  N N 163 
HEM CBC  C  N N 164 
HEM C1D  C  N N 165 
HEM C2D  C  N N 166 
HEM C3D  C  N N 167 
HEM C4D  C  N N 168 
HEM CMD  C  N N 169 
HEM CAD  C  N N 170 
HEM CBD  C  N N 171 
HEM CGD  C  N N 172 
HEM O1D  O  N N 173 
HEM O2D  O  N N 174 
HEM NA   N  Y N 175 
HEM NB   N  N N 176 
HEM NC   N  Y N 177 
HEM ND   N  N N 178 
HEM FE   FE N N 179 
HEM HHB  H  N N 180 
HEM HHC  H  N N 181 
HEM HHD  H  N N 182 
HEM HMA  H  N N 183 
HEM HMAA H  N N 184 
HEM HMAB H  N N 185 
HEM HAA  H  N N 186 
HEM HAAA H  N N 187 
HEM HBA  H  N N 188 
HEM HBAA H  N N 189 
HEM HMB  H  N N 190 
HEM HMBA H  N N 191 
HEM HMBB H  N N 192 
HEM HAB  H  N N 193 
HEM HBB  H  N N 194 
HEM HBBA H  N N 195 
HEM HMC  H  N N 196 
HEM HMCA H  N N 197 
HEM HMCB H  N N 198 
HEM HAC  H  N N 199 
HEM HBC  H  N N 200 
HEM HBCA H  N N 201 
HEM HMD  H  N N 202 
HEM HMDA H  N N 203 
HEM HMDB H  N N 204 
HEM HAD  H  N N 205 
HEM HADA H  N N 206 
HEM HBD  H  N N 207 
HEM HBDA H  N N 208 
HEM H2A  H  N N 209 
HEM H2D  H  N N 210 
HEM HHA  H  N N 211 
HIS N    N  N N 212 
HIS CA   C  N S 213 
HIS C    C  N N 214 
HIS O    O  N N 215 
HIS CB   C  N N 216 
HIS CG   C  Y N 217 
HIS ND1  N  Y N 218 
HIS CD2  C  Y N 219 
HIS CE1  C  Y N 220 
HIS NE2  N  Y N 221 
HIS OXT  O  N N 222 
HIS H    H  N N 223 
HIS H2   H  N N 224 
HIS HA   H  N N 225 
HIS HB2  H  N N 226 
HIS HB3  H  N N 227 
HIS HD1  H  N N 228 
HIS HD2  H  N N 229 
HIS HE1  H  N N 230 
HIS HE2  H  N N 231 
HIS HXT  H  N N 232 
HOH O    O  N N 233 
HOH H1   H  N N 234 
HOH H2   H  N N 235 
ILE N    N  N N 236 
ILE CA   C  N S 237 
ILE C    C  N N 238 
ILE O    O  N N 239 
ILE CB   C  N S 240 
ILE CG1  C  N N 241 
ILE CG2  C  N N 242 
ILE CD1  C  N N 243 
ILE OXT  O  N N 244 
ILE H    H  N N 245 
ILE H2   H  N N 246 
ILE HA   H  N N 247 
ILE HB   H  N N 248 
ILE HG12 H  N N 249 
ILE HG13 H  N N 250 
ILE HG21 H  N N 251 
ILE HG22 H  N N 252 
ILE HG23 H  N N 253 
ILE HD11 H  N N 254 
ILE HD12 H  N N 255 
ILE HD13 H  N N 256 
ILE HXT  H  N N 257 
LEU N    N  N N 258 
LEU CA   C  N S 259 
LEU C    C  N N 260 
LEU O    O  N N 261 
LEU CB   C  N N 262 
LEU CG   C  N N 263 
LEU CD1  C  N N 264 
LEU CD2  C  N N 265 
LEU OXT  O  N N 266 
LEU H    H  N N 267 
LEU H2   H  N N 268 
LEU HA   H  N N 269 
LEU HB2  H  N N 270 
LEU HB3  H  N N 271 
LEU HG   H  N N 272 
LEU HD11 H  N N 273 
LEU HD12 H  N N 274 
LEU HD13 H  N N 275 
LEU HD21 H  N N 276 
LEU HD22 H  N N 277 
LEU HD23 H  N N 278 
LEU HXT  H  N N 279 
LYS N    N  N N 280 
LYS CA   C  N S 281 
LYS C    C  N N 282 
LYS O    O  N N 283 
LYS CB   C  N N 284 
LYS CG   C  N N 285 
LYS CD   C  N N 286 
LYS CE   C  N N 287 
LYS NZ   N  N N 288 
LYS OXT  O  N N 289 
LYS H    H  N N 290 
LYS H2   H  N N 291 
LYS HA   H  N N 292 
LYS HB2  H  N N 293 
LYS HB3  H  N N 294 
LYS HG2  H  N N 295 
LYS HG3  H  N N 296 
LYS HD2  H  N N 297 
LYS HD3  H  N N 298 
LYS HE2  H  N N 299 
LYS HE3  H  N N 300 
LYS HZ1  H  N N 301 
LYS HZ2  H  N N 302 
LYS HZ3  H  N N 303 
LYS HXT  H  N N 304 
MET N    N  N N 305 
MET CA   C  N S 306 
MET C    C  N N 307 
MET O    O  N N 308 
MET CB   C  N N 309 
MET CG   C  N N 310 
MET SD   S  N N 311 
MET CE   C  N N 312 
MET OXT  O  N N 313 
MET H    H  N N 314 
MET H2   H  N N 315 
MET HA   H  N N 316 
MET HB2  H  N N 317 
MET HB3  H  N N 318 
MET HG2  H  N N 319 
MET HG3  H  N N 320 
MET HE1  H  N N 321 
MET HE2  H  N N 322 
MET HE3  H  N N 323 
MET HXT  H  N N 324 
PHE N    N  N N 325 
PHE CA   C  N S 326 
PHE C    C  N N 327 
PHE O    O  N N 328 
PHE CB   C  N N 329 
PHE CG   C  Y N 330 
PHE CD1  C  Y N 331 
PHE CD2  C  Y N 332 
PHE CE1  C  Y N 333 
PHE CE2  C  Y N 334 
PHE CZ   C  Y N 335 
PHE OXT  O  N N 336 
PHE H    H  N N 337 
PHE H2   H  N N 338 
PHE HA   H  N N 339 
PHE HB2  H  N N 340 
PHE HB3  H  N N 341 
PHE HD1  H  N N 342 
PHE HD2  H  N N 343 
PHE HE1  H  N N 344 
PHE HE2  H  N N 345 
PHE HZ   H  N N 346 
PHE HXT  H  N N 347 
PRO N    N  N N 348 
PRO CA   C  N S 349 
PRO C    C  N N 350 
PRO O    O  N N 351 
PRO CB   C  N N 352 
PRO CG   C  N N 353 
PRO CD   C  N N 354 
PRO OXT  O  N N 355 
PRO H    H  N N 356 
PRO HA   H  N N 357 
PRO HB2  H  N N 358 
PRO HB3  H  N N 359 
PRO HG2  H  N N 360 
PRO HG3  H  N N 361 
PRO HD2  H  N N 362 
PRO HD3  H  N N 363 
PRO HXT  H  N N 364 
SER N    N  N N 365 
SER CA   C  N S 366 
SER C    C  N N 367 
SER O    O  N N 368 
SER CB   C  N N 369 
SER OG   O  N N 370 
SER OXT  O  N N 371 
SER H    H  N N 372 
SER H2   H  N N 373 
SER HA   H  N N 374 
SER HB2  H  N N 375 
SER HB3  H  N N 376 
SER HG   H  N N 377 
SER HXT  H  N N 378 
THR N    N  N N 379 
THR CA   C  N S 380 
THR C    C  N N 381 
THR O    O  N N 382 
THR CB   C  N R 383 
THR OG1  O  N N 384 
THR CG2  C  N N 385 
THR OXT  O  N N 386 
THR H    H  N N 387 
THR H2   H  N N 388 
THR HA   H  N N 389 
THR HB   H  N N 390 
THR HG1  H  N N 391 
THR HG21 H  N N 392 
THR HG22 H  N N 393 
THR HG23 H  N N 394 
THR HXT  H  N N 395 
TRP N    N  N N 396 
TRP CA   C  N S 397 
TRP C    C  N N 398 
TRP O    O  N N 399 
TRP CB   C  N N 400 
TRP CG   C  Y N 401 
TRP CD1  C  Y N 402 
TRP CD2  C  Y N 403 
TRP NE1  N  Y N 404 
TRP CE2  C  Y N 405 
TRP CE3  C  Y N 406 
TRP CZ2  C  Y N 407 
TRP CZ3  C  Y N 408 
TRP CH2  C  Y N 409 
TRP OXT  O  N N 410 
TRP H    H  N N 411 
TRP H2   H  N N 412 
TRP HA   H  N N 413 
TRP HB2  H  N N 414 
TRP HB3  H  N N 415 
TRP HD1  H  N N 416 
TRP HE1  H  N N 417 
TRP HE3  H  N N 418 
TRP HZ2  H  N N 419 
TRP HZ3  H  N N 420 
TRP HH2  H  N N 421 
TRP HXT  H  N N 422 
TYR N    N  N N 423 
TYR CA   C  N S 424 
TYR C    C  N N 425 
TYR O    O  N N 426 
TYR CB   C  N N 427 
TYR CG   C  Y N 428 
TYR CD1  C  Y N 429 
TYR CD2  C  Y N 430 
TYR CE1  C  Y N 431 
TYR CE2  C  Y N 432 
TYR CZ   C  Y N 433 
TYR OH   O  N N 434 
TYR OXT  O  N N 435 
TYR H    H  N N 436 
TYR H2   H  N N 437 
TYR HA   H  N N 438 
TYR HB2  H  N N 439 
TYR HB3  H  N N 440 
TYR HD1  H  N N 441 
TYR HD2  H  N N 442 
TYR HE1  H  N N 443 
TYR HE2  H  N N 444 
TYR HH   H  N N 445 
TYR HXT  H  N N 446 
VAL N    N  N N 447 
VAL CA   C  N S 448 
VAL C    C  N N 449 
VAL O    O  N N 450 
VAL CB   C  N N 451 
VAL CG1  C  N N 452 
VAL CG2  C  N N 453 
VAL OXT  O  N N 454 
VAL H    H  N N 455 
VAL H2   H  N N 456 
VAL HA   H  N N 457 
VAL HB   H  N N 458 
VAL HG11 H  N N 459 
VAL HG12 H  N N 460 
VAL HG13 H  N N 461 
VAL HG21 H  N N 462 
VAL HG22 H  N N 463 
VAL HG23 H  N N 464 
VAL HXT  H  N N 465 
# 
loop_
_chem_comp_bond.comp_id 
_chem_comp_bond.atom_id_1 
_chem_comp_bond.atom_id_2 
_chem_comp_bond.value_order 
_chem_comp_bond.pdbx_aromatic_flag 
_chem_comp_bond.pdbx_stereo_config 
_chem_comp_bond.pdbx_ordinal 
ALA N   CA   sing N N 1   
ALA N   H    sing N N 2   
ALA N   H2   sing N N 3   
ALA CA  C    sing N N 4   
ALA CA  CB   sing N N 5   
ALA CA  HA   sing N N 6   
ALA C   O    doub N N 7   
ALA C   OXT  sing N N 8   
ALA CB  HB1  sing N N 9   
ALA CB  HB2  sing N N 10  
ALA CB  HB3  sing N N 11  
ALA OXT HXT  sing N N 12  
ARG N   CA   sing N N 13  
ARG N   H    sing N N 14  
ARG N   H2   sing N N 15  
ARG CA  C    sing N N 16  
ARG CA  CB   sing N N 17  
ARG CA  HA   sing N N 18  
ARG C   O    doub N N 19  
ARG C   OXT  sing N N 20  
ARG CB  CG   sing N N 21  
ARG CB  HB2  sing N N 22  
ARG CB  HB3  sing N N 23  
ARG CG  CD   sing N N 24  
ARG CG  HG2  sing N N 25  
ARG CG  HG3  sing N N 26  
ARG CD  NE   sing N N 27  
ARG CD  HD2  sing N N 28  
ARG CD  HD3  sing N N 29  
ARG NE  CZ   sing N N 30  
ARG NE  HE   sing N N 31  
ARG CZ  NH1  sing N N 32  
ARG CZ  NH2  doub N N 33  
ARG NH1 HH11 sing N N 34  
ARG NH1 HH12 sing N N 35  
ARG NH2 HH21 sing N N 36  
ARG NH2 HH22 sing N N 37  
ARG OXT HXT  sing N N 38  
ASN N   CA   sing N N 39  
ASN N   H    sing N N 40  
ASN N   H2   sing N N 41  
ASN CA  C    sing N N 42  
ASN CA  CB   sing N N 43  
ASN CA  HA   sing N N 44  
ASN C   O    doub N N 45  
ASN C   OXT  sing N N 46  
ASN CB  CG   sing N N 47  
ASN CB  HB2  sing N N 48  
ASN CB  HB3  sing N N 49  
ASN CG  OD1  doub N N 50  
ASN CG  ND2  sing N N 51  
ASN ND2 HD21 sing N N 52  
ASN ND2 HD22 sing N N 53  
ASN OXT HXT  sing N N 54  
ASP N   CA   sing N N 55  
ASP N   H    sing N N 56  
ASP N   H2   sing N N 57  
ASP CA  C    sing N N 58  
ASP CA  CB   sing N N 59  
ASP CA  HA   sing N N 60  
ASP C   O    doub N N 61  
ASP C   OXT  sing N N 62  
ASP CB  CG   sing N N 63  
ASP CB  HB2  sing N N 64  
ASP CB  HB3  sing N N 65  
ASP CG  OD1  doub N N 66  
ASP CG  OD2  sing N N 67  
ASP OD2 HD2  sing N N 68  
ASP OXT HXT  sing N N 69  
CYS N   CA   sing N N 70  
CYS N   H    sing N N 71  
CYS N   H2   sing N N 72  
CYS CA  C    sing N N 73  
CYS CA  CB   sing N N 74  
CYS CA  HA   sing N N 75  
CYS C   O    doub N N 76  
CYS C   OXT  sing N N 77  
CYS CB  SG   sing N N 78  
CYS CB  HB2  sing N N 79  
CYS CB  HB3  sing N N 80  
CYS SG  HG   sing N N 81  
CYS OXT HXT  sing N N 82  
GLN N   CA   sing N N 83  
GLN N   H    sing N N 84  
GLN N   H2   sing N N 85  
GLN CA  C    sing N N 86  
GLN CA  CB   sing N N 87  
GLN CA  HA   sing N N 88  
GLN C   O    doub N N 89  
GLN C   OXT  sing N N 90  
GLN CB  CG   sing N N 91  
GLN CB  HB2  sing N N 92  
GLN CB  HB3  sing N N 93  
GLN CG  CD   sing N N 94  
GLN CG  HG2  sing N N 95  
GLN CG  HG3  sing N N 96  
GLN CD  OE1  doub N N 97  
GLN CD  NE2  sing N N 98  
GLN NE2 HE21 sing N N 99  
GLN NE2 HE22 sing N N 100 
GLN OXT HXT  sing N N 101 
GLU N   CA   sing N N 102 
GLU N   H    sing N N 103 
GLU N   H2   sing N N 104 
GLU CA  C    sing N N 105 
GLU CA  CB   sing N N 106 
GLU CA  HA   sing N N 107 
GLU C   O    doub N N 108 
GLU C   OXT  sing N N 109 
GLU CB  CG   sing N N 110 
GLU CB  HB2  sing N N 111 
GLU CB  HB3  sing N N 112 
GLU CG  CD   sing N N 113 
GLU CG  HG2  sing N N 114 
GLU CG  HG3  sing N N 115 
GLU CD  OE1  doub N N 116 
GLU CD  OE2  sing N N 117 
GLU OE2 HE2  sing N N 118 
GLU OXT HXT  sing N N 119 
GLY N   CA   sing N N 120 
GLY N   H    sing N N 121 
GLY N   H2   sing N N 122 
GLY CA  C    sing N N 123 
GLY CA  HA2  sing N N 124 
GLY CA  HA3  sing N N 125 
GLY C   O    doub N N 126 
GLY C   OXT  sing N N 127 
GLY OXT HXT  sing N N 128 
HEM CHA C1A  sing N N 129 
HEM CHA C4D  doub N N 130 
HEM CHA HHA  sing N N 131 
HEM CHB C4A  sing N N 132 
HEM CHB C1B  doub N N 133 
HEM CHB HHB  sing N N 134 
HEM CHC C4B  sing N N 135 
HEM CHC C1C  doub N N 136 
HEM CHC HHC  sing N N 137 
HEM CHD C4C  doub N N 138 
HEM CHD C1D  sing N N 139 
HEM CHD HHD  sing N N 140 
HEM C1A C2A  doub Y N 141 
HEM C1A NA   sing Y N 142 
HEM C2A C3A  sing Y N 143 
HEM C2A CAA  sing N N 144 
HEM C3A C4A  doub Y N 145 
HEM C3A CMA  sing N N 146 
HEM C4A NA   sing Y N 147 
HEM CMA HMA  sing N N 148 
HEM CMA HMAA sing N N 149 
HEM CMA HMAB sing N N 150 
HEM CAA CBA  sing N N 151 
HEM CAA HAA  sing N N 152 
HEM CAA HAAA sing N N 153 
HEM CBA CGA  sing N N 154 
HEM CBA HBA  sing N N 155 
HEM CBA HBAA sing N N 156 
HEM CGA O1A  doub N N 157 
HEM CGA O2A  sing N N 158 
HEM C1B C2B  sing N N 159 
HEM C1B NB   sing N N 160 
HEM C2B C3B  doub N N 161 
HEM C2B CMB  sing N N 162 
HEM C3B C4B  sing N N 163 
HEM C3B CAB  sing N N 164 
HEM C4B NB   doub N N 165 
HEM CMB HMB  sing N N 166 
HEM CMB HMBA sing N N 167 
HEM CMB HMBB sing N N 168 
HEM CAB CBB  doub N N 169 
HEM CAB HAB  sing N N 170 
HEM CBB HBB  sing N N 171 
HEM CBB HBBA sing N N 172 
HEM C1C C2C  sing Y N 173 
HEM C1C NC   sing Y N 174 
HEM C2C C3C  doub Y N 175 
HEM C2C CMC  sing N N 176 
HEM C3C C4C  sing Y N 177 
HEM C3C CAC  sing N N 178 
HEM C4C NC   sing Y N 179 
HEM CMC HMC  sing N N 180 
HEM CMC HMCA sing N N 181 
HEM CMC HMCB sing N N 182 
HEM CAC CBC  doub N N 183 
HEM CAC HAC  sing N N 184 
HEM CBC HBC  sing N N 185 
HEM CBC HBCA sing N N 186 
HEM C1D C2D  sing N N 187 
HEM C1D ND   doub N N 188 
HEM C2D C3D  doub N N 189 
HEM C2D CMD  sing N N 190 
HEM C3D C4D  sing N N 191 
HEM C3D CAD  sing N N 192 
HEM C4D ND   sing N N 193 
HEM CMD HMD  sing N N 194 
HEM CMD HMDA sing N N 195 
HEM CMD HMDB sing N N 196 
HEM CAD CBD  sing N N 197 
HEM CAD HAD  sing N N 198 
HEM CAD HADA sing N N 199 
HEM CBD CGD  sing N N 200 
HEM CBD HBD  sing N N 201 
HEM CBD HBDA sing N N 202 
HEM CGD O1D  doub N N 203 
HEM CGD O2D  sing N N 204 
HEM O2A H2A  sing N N 205 
HEM O2D H2D  sing N N 206 
HEM FE  NA   sing N N 207 
HEM FE  NB   sing N N 208 
HEM FE  NC   sing N N 209 
HEM FE  ND   sing N N 210 
HIS N   CA   sing N N 211 
HIS N   H    sing N N 212 
HIS N   H2   sing N N 213 
HIS CA  C    sing N N 214 
HIS CA  CB   sing N N 215 
HIS CA  HA   sing N N 216 
HIS C   O    doub N N 217 
HIS C   OXT  sing N N 218 
HIS CB  CG   sing N N 219 
HIS CB  HB2  sing N N 220 
HIS CB  HB3  sing N N 221 
HIS CG  ND1  sing Y N 222 
HIS CG  CD2  doub Y N 223 
HIS ND1 CE1  doub Y N 224 
HIS ND1 HD1  sing N N 225 
HIS CD2 NE2  sing Y N 226 
HIS CD2 HD2  sing N N 227 
HIS CE1 NE2  sing Y N 228 
HIS CE1 HE1  sing N N 229 
HIS NE2 HE2  sing N N 230 
HIS OXT HXT  sing N N 231 
HOH O   H1   sing N N 232 
HOH O   H2   sing N N 233 
ILE N   CA   sing N N 234 
ILE N   H    sing N N 235 
ILE N   H2   sing N N 236 
ILE CA  C    sing N N 237 
ILE CA  CB   sing N N 238 
ILE CA  HA   sing N N 239 
ILE C   O    doub N N 240 
ILE C   OXT  sing N N 241 
ILE CB  CG1  sing N N 242 
ILE CB  CG2  sing N N 243 
ILE CB  HB   sing N N 244 
ILE CG1 CD1  sing N N 245 
ILE CG1 HG12 sing N N 246 
ILE CG1 HG13 sing N N 247 
ILE CG2 HG21 sing N N 248 
ILE CG2 HG22 sing N N 249 
ILE CG2 HG23 sing N N 250 
ILE CD1 HD11 sing N N 251 
ILE CD1 HD12 sing N N 252 
ILE CD1 HD13 sing N N 253 
ILE OXT HXT  sing N N 254 
LEU N   CA   sing N N 255 
LEU N   H    sing N N 256 
LEU N   H2   sing N N 257 
LEU CA  C    sing N N 258 
LEU CA  CB   sing N N 259 
LEU CA  HA   sing N N 260 
LEU C   O    doub N N 261 
LEU C   OXT  sing N N 262 
LEU CB  CG   sing N N 263 
LEU CB  HB2  sing N N 264 
LEU CB  HB3  sing N N 265 
LEU CG  CD1  sing N N 266 
LEU CG  CD2  sing N N 267 
LEU CG  HG   sing N N 268 
LEU CD1 HD11 sing N N 269 
LEU CD1 HD12 sing N N 270 
LEU CD1 HD13 sing N N 271 
LEU CD2 HD21 sing N N 272 
LEU CD2 HD22 sing N N 273 
LEU CD2 HD23 sing N N 274 
LEU OXT HXT  sing N N 275 
LYS N   CA   sing N N 276 
LYS N   H    sing N N 277 
LYS N   H2   sing N N 278 
LYS CA  C    sing N N 279 
LYS CA  CB   sing N N 280 
LYS CA  HA   sing N N 281 
LYS C   O    doub N N 282 
LYS C   OXT  sing N N 283 
LYS CB  CG   sing N N 284 
LYS CB  HB2  sing N N 285 
LYS CB  HB3  sing N N 286 
LYS CG  CD   sing N N 287 
LYS CG  HG2  sing N N 288 
LYS CG  HG3  sing N N 289 
LYS CD  CE   sing N N 290 
LYS CD  HD2  sing N N 291 
LYS CD  HD3  sing N N 292 
LYS CE  NZ   sing N N 293 
LYS CE  HE2  sing N N 294 
LYS CE  HE3  sing N N 295 
LYS NZ  HZ1  sing N N 296 
LYS NZ  HZ2  sing N N 297 
LYS NZ  HZ3  sing N N 298 
LYS OXT HXT  sing N N 299 
MET N   CA   sing N N 300 
MET N   H    sing N N 301 
MET N   H2   sing N N 302 
MET CA  C    sing N N 303 
MET CA  CB   sing N N 304 
MET CA  HA   sing N N 305 
MET C   O    doub N N 306 
MET C   OXT  sing N N 307 
MET CB  CG   sing N N 308 
MET CB  HB2  sing N N 309 
MET CB  HB3  sing N N 310 
MET CG  SD   sing N N 311 
MET CG  HG2  sing N N 312 
MET CG  HG3  sing N N 313 
MET SD  CE   sing N N 314 
MET CE  HE1  sing N N 315 
MET CE  HE2  sing N N 316 
MET CE  HE3  sing N N 317 
MET OXT HXT  sing N N 318 
PHE N   CA   sing N N 319 
PHE N   H    sing N N 320 
PHE N   H2   sing N N 321 
PHE CA  C    sing N N 322 
PHE CA  CB   sing N N 323 
PHE CA  HA   sing N N 324 
PHE C   O    doub N N 325 
PHE C   OXT  sing N N 326 
PHE CB  CG   sing N N 327 
PHE CB  HB2  sing N N 328 
PHE CB  HB3  sing N N 329 
PHE CG  CD1  doub Y N 330 
PHE CG  CD2  sing Y N 331 
PHE CD1 CE1  sing Y N 332 
PHE CD1 HD1  sing N N 333 
PHE CD2 CE2  doub Y N 334 
PHE CD2 HD2  sing N N 335 
PHE CE1 CZ   doub Y N 336 
PHE CE1 HE1  sing N N 337 
PHE CE2 CZ   sing Y N 338 
PHE CE2 HE2  sing N N 339 
PHE CZ  HZ   sing N N 340 
PHE OXT HXT  sing N N 341 
PRO N   CA   sing N N 342 
PRO N   CD   sing N N 343 
PRO N   H    sing N N 344 
PRO CA  C    sing N N 345 
PRO CA  CB   sing N N 346 
PRO CA  HA   sing N N 347 
PRO C   O    doub N N 348 
PRO C   OXT  sing N N 349 
PRO CB  CG   sing N N 350 
PRO CB  HB2  sing N N 351 
PRO CB  HB3  sing N N 352 
PRO CG  CD   sing N N 353 
PRO CG  HG2  sing N N 354 
PRO CG  HG3  sing N N 355 
PRO CD  HD2  sing N N 356 
PRO CD  HD3  sing N N 357 
PRO OXT HXT  sing N N 358 
SER N   CA   sing N N 359 
SER N   H    sing N N 360 
SER N   H2   sing N N 361 
SER CA  C    sing N N 362 
SER CA  CB   sing N N 363 
SER CA  HA   sing N N 364 
SER C   O    doub N N 365 
SER C   OXT  sing N N 366 
SER CB  OG   sing N N 367 
SER CB  HB2  sing N N 368 
SER CB  HB3  sing N N 369 
SER OG  HG   sing N N 370 
SER OXT HXT  sing N N 371 
THR N   CA   sing N N 372 
THR N   H    sing N N 373 
THR N   H2   sing N N 374 
THR CA  C    sing N N 375 
THR CA  CB   sing N N 376 
THR CA  HA   sing N N 377 
THR C   O    doub N N 378 
THR C   OXT  sing N N 379 
THR CB  OG1  sing N N 380 
THR CB  CG2  sing N N 381 
THR CB  HB   sing N N 382 
THR OG1 HG1  sing N N 383 
THR CG2 HG21 sing N N 384 
THR CG2 HG22 sing N N 385 
THR CG2 HG23 sing N N 386 
THR OXT HXT  sing N N 387 
TRP N   CA   sing N N 388 
TRP N   H    sing N N 389 
TRP N   H2   sing N N 390 
TRP CA  C    sing N N 391 
TRP CA  CB   sing N N 392 
TRP CA  HA   sing N N 393 
TRP C   O    doub N N 394 
TRP C   OXT  sing N N 395 
TRP CB  CG   sing N N 396 
TRP CB  HB2  sing N N 397 
TRP CB  HB3  sing N N 398 
TRP CG  CD1  doub Y N 399 
TRP CG  CD2  sing Y N 400 
TRP CD1 NE1  sing Y N 401 
TRP CD1 HD1  sing N N 402 
TRP CD2 CE2  doub Y N 403 
TRP CD2 CE3  sing Y N 404 
TRP NE1 CE2  sing Y N 405 
TRP NE1 HE1  sing N N 406 
TRP CE2 CZ2  sing Y N 407 
TRP CE3 CZ3  doub Y N 408 
TRP CE3 HE3  sing N N 409 
TRP CZ2 CH2  doub Y N 410 
TRP CZ2 HZ2  sing N N 411 
TRP CZ3 CH2  sing Y N 412 
TRP CZ3 HZ3  sing N N 413 
TRP CH2 HH2  sing N N 414 
TRP OXT HXT  sing N N 415 
TYR N   CA   sing N N 416 
TYR N   H    sing N N 417 
TYR N   H2   sing N N 418 
TYR CA  C    sing N N 419 
TYR CA  CB   sing N N 420 
TYR CA  HA   sing N N 421 
TYR C   O    doub N N 422 
TYR C   OXT  sing N N 423 
TYR CB  CG   sing N N 424 
TYR CB  HB2  sing N N 425 
TYR CB  HB3  sing N N 426 
TYR CG  CD1  doub Y N 427 
TYR CG  CD2  sing Y N 428 
TYR CD1 CE1  sing Y N 429 
TYR CD1 HD1  sing N N 430 
TYR CD2 CE2  doub Y N 431 
TYR CD2 HD2  sing N N 432 
TYR CE1 CZ   doub Y N 433 
TYR CE1 HE1  sing N N 434 
TYR CE2 CZ   sing Y N 435 
TYR CE2 HE2  sing N N 436 
TYR CZ  OH   sing N N 437 
TYR OH  HH   sing N N 438 
TYR OXT HXT  sing N N 439 
VAL N   CA   sing N N 440 
VAL N   H    sing N N 441 
VAL N   H2   sing N N 442 
VAL CA  C    sing N N 443 
VAL CA  CB   sing N N 444 
VAL CA  HA   sing N N 445 
VAL C   O    doub N N 446 
VAL C   OXT  sing N N 447 
VAL CB  CG1  sing N N 448 
VAL CB  CG2  sing N N 449 
VAL CB  HB   sing N N 450 
VAL CG1 HG11 sing N N 451 
VAL CG1 HG12 sing N N 452 
VAL CG1 HG13 sing N N 453 
VAL CG2 HG21 sing N N 454 
VAL CG2 HG22 sing N N 455 
VAL CG2 HG23 sing N N 456 
VAL OXT HXT  sing N N 457 
# 
loop_
_pdbx_entity_nonpoly.entity_id 
_pdbx_entity_nonpoly.name 
_pdbx_entity_nonpoly.comp_id 
2 'PROTOPORPHYRIN IX CONTAINING FE' HEM 
3 water                             HOH 
# 
_pdbx_initial_refinement_model.id               1 
_pdbx_initial_refinement_model.entity_id_list   ? 
_pdbx_initial_refinement_model.type             'experimental model' 
_pdbx_initial_refinement_model.source_name      PDB 
_pdbx_initial_refinement_model.accession_code   1CRC 
_pdbx_initial_refinement_model.details          'PDB ENTRY 1CRC' 
# 
